data_2DK6
#
_entry.id   2DK6
#
_entity_poly.entity_id   1
_entity_poly.type   'polypeptide(L)'
_entity_poly.pdbx_seq_one_letter_code
;GSSGSSGNEVDDMDTSDTQWGWFYLAECGKWHMFQPDTNSQCSVSSEDIEKSFKTNPCGSISFTTSKFSYKIDFAEMKQM
NLTTGKQRLIKRAPFSSGPSSG
;
_entity_poly.pdbx_strand_id   A
#
# COMPACT_ATOMS: atom_id res chain seq x y z
N GLY A 1 -0.27 -28.02 6.13
CA GLY A 1 -1.54 -27.86 5.45
C GLY A 1 -1.46 -26.85 4.32
N SER A 2 -1.49 -27.34 3.09
CA SER A 2 -1.41 -26.48 1.91
C SER A 2 -2.62 -26.68 1.00
N SER A 3 -3.04 -25.62 0.33
CA SER A 3 -4.17 -25.68 -0.57
C SER A 3 -3.95 -24.81 -1.81
N GLY A 4 -4.63 -25.15 -2.89
CA GLY A 4 -4.49 -24.38 -4.13
C GLY A 4 -4.92 -25.18 -5.34
N SER A 5 -5.47 -24.48 -6.34
CA SER A 5 -5.93 -25.12 -7.56
C SER A 5 -5.39 -24.40 -8.79
N SER A 6 -5.39 -25.09 -9.93
CA SER A 6 -4.89 -24.52 -11.17
C SER A 6 -5.50 -25.22 -12.37
N GLY A 7 -5.77 -24.45 -13.42
CA GLY A 7 -6.36 -25.02 -14.63
C GLY A 7 -6.93 -23.96 -15.54
N ASN A 8 -7.77 -23.09 -15.00
CA ASN A 8 -8.39 -22.03 -15.78
C ASN A 8 -7.40 -20.89 -16.03
N GLU A 9 -7.79 -19.94 -16.87
CA GLU A 9 -6.94 -18.80 -17.19
C GLU A 9 -7.78 -17.61 -17.64
N VAL A 10 -7.44 -16.42 -17.14
CA VAL A 10 -8.16 -15.21 -17.49
C VAL A 10 -7.24 -14.21 -18.16
N ASP A 11 -7.33 -14.12 -19.49
CA ASP A 11 -6.50 -13.20 -20.25
C ASP A 11 -7.34 -12.05 -20.82
N ASP A 12 -8.64 -12.29 -20.96
CA ASP A 12 -9.55 -11.28 -21.48
C ASP A 12 -9.99 -10.32 -20.38
N MET A 13 -9.64 -10.65 -19.14
CA MET A 13 -9.99 -9.81 -18.00
C MET A 13 -11.35 -9.14 -18.22
N ASP A 14 -12.28 -9.87 -18.81
CA ASP A 14 -13.61 -9.35 -19.07
C ASP A 14 -14.50 -9.45 -17.84
N THR A 15 -15.09 -8.34 -17.43
CA THR A 15 -15.95 -8.30 -16.26
C THR A 15 -15.25 -8.89 -15.04
N SER A 16 -14.07 -8.35 -14.72
CA SER A 16 -13.29 -8.82 -13.58
C SER A 16 -12.80 -7.64 -12.74
N ASP A 17 -13.64 -7.22 -11.79
CA ASP A 17 -13.29 -6.10 -10.92
C ASP A 17 -12.01 -6.41 -10.14
N THR A 18 -10.87 -6.10 -10.75
CA THR A 18 -9.58 -6.35 -10.11
C THR A 18 -9.05 -5.08 -9.45
N GLN A 19 -9.24 -4.98 -8.13
CA GLN A 19 -8.78 -3.82 -7.37
C GLN A 19 -7.33 -4.02 -6.92
N TRP A 20 -6.49 -3.04 -7.22
CA TRP A 20 -5.09 -3.08 -6.83
C TRP A 20 -4.86 -2.46 -5.46
N GLY A 21 -4.17 -3.18 -4.59
CA GLY A 21 -3.90 -2.68 -3.26
C GLY A 21 -2.46 -2.27 -3.07
N TRP A 22 -2.23 -1.31 -2.18
CA TRP A 22 -0.88 -0.83 -1.90
C TRP A 22 -0.40 -1.30 -0.54
N PHE A 23 0.89 -1.66 -0.45
CA PHE A 23 1.46 -2.13 0.79
C PHE A 23 2.84 -1.50 1.03
N TYR A 24 3.30 -1.55 2.28
CA TYR A 24 4.59 -0.98 2.63
C TYR A 24 5.29 -1.83 3.69
N LEU A 25 6.56 -2.15 3.44
CA LEU A 25 7.34 -2.96 4.37
C LEU A 25 7.53 -2.23 5.70
N ALA A 26 7.53 -2.99 6.79
CA ALA A 26 7.70 -2.42 8.11
C ALA A 26 9.10 -2.69 8.65
N GLU A 27 9.35 -2.29 9.90
CA GLU A 27 10.65 -2.49 10.52
C GLU A 27 10.81 -3.93 10.99
N CYS A 28 9.71 -4.54 11.42
CA CYS A 28 9.73 -5.92 11.90
C CYS A 28 9.96 -6.89 10.74
N GLY A 29 9.49 -6.52 9.56
CA GLY A 29 9.65 -7.36 8.39
C GLY A 29 8.33 -7.89 7.87
N LYS A 30 7.28 -7.09 7.98
CA LYS A 30 5.96 -7.47 7.52
C LYS A 30 5.30 -6.34 6.74
N TRP A 31 5.02 -6.59 5.47
CA TRP A 31 4.38 -5.60 4.62
C TRP A 31 2.96 -5.31 5.08
N HIS A 32 2.71 -4.08 5.52
CA HIS A 32 1.39 -3.68 5.99
C HIS A 32 0.66 -2.86 4.93
N MET A 33 -0.63 -3.15 4.76
CA MET A 33 -1.45 -2.45 3.77
C MET A 33 -1.77 -1.03 4.24
N PHE A 34 -2.01 -0.14 3.30
CA PHE A 34 -2.32 1.25 3.62
C PHE A 34 -3.77 1.38 4.09
N GLN A 35 -3.94 1.64 5.38
CA GLN A 35 -5.27 1.80 5.96
C GLN A 35 -5.56 3.25 6.30
N PRO A 36 -6.83 3.67 6.11
CA PRO A 36 -7.26 5.04 6.39
C PRO A 36 -7.27 5.35 7.88
N ASP A 37 -6.93 6.60 8.22
CA ASP A 37 -6.90 7.02 9.61
C ASP A 37 -7.13 8.53 9.72
N THR A 38 -7.96 8.93 10.67
CA THR A 38 -8.26 10.34 10.88
C THR A 38 -7.58 10.87 12.14
N ASN A 39 -7.81 10.18 13.26
CA ASN A 39 -7.22 10.58 14.53
C ASN A 39 -6.13 9.59 14.97
N SER A 40 -6.50 8.31 15.05
CA SER A 40 -5.55 7.27 15.45
C SER A 40 -4.60 6.94 14.32
N GLN A 41 -3.35 7.39 14.45
CA GLN A 41 -2.34 7.15 13.44
C GLN A 41 -2.80 7.65 12.07
N CYS A 42 -3.46 8.80 12.05
CA CYS A 42 -3.96 9.38 10.82
C CYS A 42 -3.01 9.09 9.66
N SER A 43 -3.58 8.70 8.52
CA SER A 43 -2.78 8.39 7.34
C SER A 43 -3.65 8.40 6.08
N VAL A 44 -3.02 8.15 4.94
CA VAL A 44 -3.73 8.12 3.66
C VAL A 44 -4.25 6.73 3.34
N SER A 45 -5.41 6.67 2.69
CA SER A 45 -6.02 5.39 2.33
C SER A 45 -5.36 4.82 1.07
N SER A 46 -5.38 3.50 0.96
CA SER A 46 -4.79 2.82 -0.20
C SER A 46 -5.28 3.44 -1.50
N GLU A 47 -6.40 4.17 -1.42
CA GLU A 47 -6.97 4.82 -2.59
C GLU A 47 -6.20 6.09 -2.94
N ASP A 48 -5.97 6.93 -1.93
CA ASP A 48 -5.24 8.18 -2.12
C ASP A 48 -3.90 7.94 -2.80
N ILE A 49 -3.03 7.18 -2.12
CA ILE A 49 -1.71 6.88 -2.65
C ILE A 49 -1.80 6.41 -4.10
N GLU A 50 -2.58 5.35 -4.33
CA GLU A 50 -2.74 4.81 -5.67
C GLU A 50 -3.15 5.90 -6.66
N LYS A 51 -4.26 6.57 -6.35
CA LYS A 51 -4.76 7.64 -7.21
C LYS A 51 -3.61 8.48 -7.77
N SER A 52 -2.61 8.72 -6.94
CA SER A 52 -1.45 9.51 -7.35
C SER A 52 -0.59 8.73 -8.34
N PHE A 53 -0.01 7.63 -7.87
CA PHE A 53 0.84 6.80 -8.72
C PHE A 53 0.27 6.71 -10.13
N LYS A 54 -1.04 6.74 -10.24
CA LYS A 54 -1.72 6.67 -11.55
C LYS A 54 -1.25 7.80 -12.45
N THR A 55 -1.57 9.03 -12.08
CA THR A 55 -1.19 10.19 -12.86
C THR A 55 0.33 10.36 -12.90
N ASN A 56 0.98 10.08 -11.78
CA ASN A 56 2.43 10.19 -11.70
C ASN A 56 3.05 8.88 -11.22
N PRO A 57 3.24 7.93 -12.14
CA PRO A 57 3.82 6.62 -11.84
C PRO A 57 5.31 6.72 -11.49
N CYS A 58 5.92 7.85 -11.82
CA CYS A 58 7.33 8.07 -11.55
C CYS A 58 7.55 9.38 -10.80
N GLY A 59 6.68 9.65 -9.83
CA GLY A 59 6.78 10.86 -9.05
C GLY A 59 6.76 10.61 -7.56
N SER A 60 6.12 11.50 -6.81
CA SER A 60 6.03 11.36 -5.36
C SER A 60 4.87 12.18 -4.80
N ILE A 61 4.20 11.62 -3.80
CA ILE A 61 3.07 12.30 -3.18
C ILE A 61 3.42 12.82 -1.79
N SER A 62 3.59 14.13 -1.68
CA SER A 62 3.94 14.76 -0.41
C SER A 62 2.68 15.04 0.42
N PHE A 63 2.68 14.56 1.66
CA PHE A 63 1.54 14.75 2.55
C PHE A 63 2.00 14.79 4.01
N THR A 64 1.19 15.41 4.86
CA THR A 64 1.50 15.52 6.27
C THR A 64 0.37 15.00 7.14
N THR A 65 0.69 14.06 8.02
CA THR A 65 -0.31 13.47 8.91
C THR A 65 0.33 12.98 10.21
N SER A 66 -0.51 12.64 11.17
CA SER A 66 -0.03 12.16 12.46
C SER A 66 1.08 13.07 13.01
N LYS A 67 0.78 14.37 13.07
CA LYS A 67 1.73 15.34 13.57
C LYS A 67 3.14 15.06 13.05
N PHE A 68 3.21 14.61 11.80
CA PHE A 68 4.49 14.30 11.17
C PHE A 68 4.38 14.31 9.65
N SER A 69 5.47 14.65 8.98
CA SER A 69 5.49 14.70 7.52
C SER A 69 5.97 13.39 6.93
N TYR A 70 5.37 12.99 5.80
CA TYR A 70 5.72 11.74 5.15
C TYR A 70 5.75 11.92 3.63
N LYS A 71 6.66 11.21 2.97
CA LYS A 71 6.79 11.28 1.52
C LYS A 71 6.87 9.89 0.91
N ILE A 72 6.20 9.70 -0.22
CA ILE A 72 6.20 8.41 -0.91
C ILE A 72 6.66 8.56 -2.35
N ASP A 73 7.88 8.09 -2.63
CA ASP A 73 8.44 8.17 -3.97
C ASP A 73 8.18 6.89 -4.75
N PHE A 74 7.16 6.92 -5.60
CA PHE A 74 6.80 5.75 -6.40
C PHE A 74 7.96 5.34 -7.31
N ALA A 75 8.55 6.31 -7.97
CA ALA A 75 9.68 6.05 -8.86
C ALA A 75 10.76 5.23 -8.17
N GLU A 76 11.02 5.56 -6.91
CA GLU A 76 12.03 4.86 -6.12
C GLU A 76 11.48 3.54 -5.58
N MET A 77 10.17 3.37 -5.67
CA MET A 77 9.51 2.16 -5.18
C MET A 77 9.71 2.00 -3.69
N LYS A 78 9.64 3.12 -2.96
CA LYS A 78 9.81 3.11 -1.51
C LYS A 78 9.26 4.39 -0.89
N GLN A 79 9.05 4.36 0.42
CA GLN A 79 8.53 5.52 1.13
C GLN A 79 9.65 6.28 1.81
N MET A 80 9.67 7.60 1.60
CA MET A 80 10.70 8.45 2.20
C MET A 80 10.16 9.20 3.41
N ASN A 81 10.71 8.91 4.58
CA ASN A 81 10.28 9.55 5.82
C ASN A 81 11.09 10.81 6.09
N LEU A 82 10.47 11.78 6.76
CA LEU A 82 11.14 13.03 7.07
C LEU A 82 11.13 13.28 8.59
N THR A 83 10.14 12.71 9.26
CA THR A 83 10.02 12.87 10.71
C THR A 83 11.14 12.14 11.44
N THR A 84 11.30 10.86 11.13
CA THR A 84 12.33 10.04 11.75
C THR A 84 13.43 9.68 10.76
N GLY A 85 13.09 9.76 9.47
CA GLY A 85 14.06 9.44 8.43
C GLY A 85 14.24 7.94 8.26
N LYS A 86 13.18 7.18 8.50
CA LYS A 86 13.22 5.73 8.37
C LYS A 86 12.88 5.31 6.94
N GLN A 87 13.72 4.44 6.38
CA GLN A 87 13.50 3.96 5.02
C GLN A 87 12.64 2.69 5.02
N ARG A 88 11.68 2.64 4.11
CA ARG A 88 10.79 1.49 4.00
C ARG A 88 10.37 1.26 2.55
N LEU A 89 10.66 0.07 2.04
CA LEU A 89 10.31 -0.28 0.67
C LEU A 89 8.82 -0.58 0.54
N ILE A 90 8.23 -0.21 -0.59
CA ILE A 90 6.81 -0.44 -0.84
C ILE A 90 6.61 -1.47 -1.93
N LYS A 91 5.35 -1.72 -2.29
CA LYS A 91 5.02 -2.68 -3.32
C LYS A 91 3.54 -2.62 -3.67
N ARG A 92 3.22 -2.82 -4.95
CA ARG A 92 1.84 -2.78 -5.41
C ARG A 92 1.37 -4.18 -5.82
N ALA A 93 0.25 -4.61 -5.25
CA ALA A 93 -0.31 -5.92 -5.57
C ALA A 93 -1.79 -5.98 -5.26
N PRO A 94 -2.52 -6.83 -5.99
CA PRO A 94 -3.97 -7.00 -5.83
C PRO A 94 -4.32 -7.67 -4.51
N PHE A 95 -5.51 -7.37 -3.99
CA PHE A 95 -5.97 -7.96 -2.74
C PHE A 95 -6.16 -9.46 -2.86
N SER A 96 -6.93 -9.87 -3.87
CA SER A 96 -7.19 -11.28 -4.11
C SER A 96 -6.82 -11.68 -5.53
N SER A 97 -6.45 -12.94 -5.72
CA SER A 97 -6.08 -13.44 -7.04
C SER A 97 -6.88 -14.68 -7.39
N GLY A 98 -7.23 -14.81 -8.67
CA GLY A 98 -8.00 -15.95 -9.12
C GLY A 98 -9.49 -15.70 -9.10
N PRO A 99 -10.21 -16.30 -10.06
CA PRO A 99 -11.66 -16.15 -10.18
C PRO A 99 -12.41 -16.85 -9.06
N SER A 100 -11.73 -17.76 -8.36
CA SER A 100 -12.32 -18.51 -7.27
C SER A 100 -13.13 -17.57 -6.36
N SER A 101 -14.43 -17.46 -6.63
CA SER A 101 -15.30 -16.60 -5.85
C SER A 101 -15.22 -16.96 -4.37
N GLY A 102 -14.72 -16.03 -3.56
CA GLY A 102 -14.60 -16.26 -2.14
C GLY A 102 -13.98 -15.08 -1.40
N GLY A 1 -7.93 -32.73 -6.70
CA GLY A 1 -7.62 -31.84 -7.80
C GLY A 1 -7.18 -32.58 -9.05
N SER A 2 -7.34 -31.93 -10.20
CA SER A 2 -6.95 -32.54 -11.48
C SER A 2 -5.93 -31.67 -12.20
N SER A 3 -6.33 -30.43 -12.49
CA SER A 3 -5.45 -29.50 -13.19
C SER A 3 -4.13 -29.34 -12.45
N GLY A 4 -3.03 -29.55 -13.17
CA GLY A 4 -1.71 -29.43 -12.56
C GLY A 4 -1.45 -28.05 -12.01
N SER A 5 -0.57 -27.96 -11.03
CA SER A 5 -0.23 -26.68 -10.40
C SER A 5 0.98 -26.05 -11.08
N SER A 6 0.72 -25.23 -12.10
CA SER A 6 1.79 -24.56 -12.82
C SER A 6 1.55 -23.05 -12.90
N GLY A 7 2.19 -22.31 -12.01
CA GLY A 7 2.02 -20.87 -11.99
C GLY A 7 0.56 -20.45 -11.92
N ASN A 8 0.31 -19.17 -12.12
CA ASN A 8 -1.05 -18.64 -12.10
C ASN A 8 -1.81 -19.00 -13.36
N GLU A 9 -3.13 -19.05 -13.26
CA GLU A 9 -3.97 -19.39 -14.40
C GLU A 9 -4.97 -18.27 -14.68
N VAL A 10 -4.52 -17.04 -14.57
CA VAL A 10 -5.38 -15.88 -14.82
C VAL A 10 -4.67 -14.85 -15.70
N ASP A 11 -5.32 -14.50 -16.81
CA ASP A 11 -4.75 -13.53 -17.74
C ASP A 11 -5.18 -12.11 -17.37
N ASP A 12 -4.22 -11.19 -17.37
CA ASP A 12 -4.50 -9.79 -17.03
C ASP A 12 -4.14 -8.87 -18.20
N MET A 13 -5.01 -8.82 -19.20
CA MET A 13 -4.78 -7.98 -20.36
C MET A 13 -5.61 -6.69 -20.28
N ASP A 14 -6.88 -6.84 -19.89
CA ASP A 14 -7.77 -5.69 -19.77
C ASP A 14 -9.10 -6.11 -19.17
N THR A 15 -9.97 -5.13 -18.94
CA THR A 15 -11.28 -5.39 -18.36
C THR A 15 -11.22 -6.49 -17.32
N SER A 16 -10.18 -6.45 -16.49
CA SER A 16 -10.00 -7.45 -15.43
C SER A 16 -10.35 -6.85 -14.07
N ASP A 17 -11.64 -6.78 -13.78
CA ASP A 17 -12.11 -6.25 -12.50
C ASP A 17 -11.27 -6.78 -11.35
N THR A 18 -10.36 -5.94 -10.84
CA THR A 18 -9.50 -6.32 -9.74
C THR A 18 -9.15 -5.13 -8.87
N GLN A 19 -9.11 -5.34 -7.56
CA GLN A 19 -8.78 -4.26 -6.63
C GLN A 19 -7.28 -4.19 -6.38
N TRP A 20 -6.74 -2.98 -6.41
CA TRP A 20 -5.32 -2.77 -6.19
C TRP A 20 -5.06 -2.04 -4.87
N GLY A 21 -4.29 -2.68 -3.99
CA GLY A 21 -3.98 -2.08 -2.71
C GLY A 21 -2.51 -1.75 -2.56
N TRP A 22 -2.22 -0.79 -1.67
CA TRP A 22 -0.83 -0.38 -1.44
C TRP A 22 -0.35 -0.86 -0.08
N PHE A 23 0.86 -1.41 -0.04
CA PHE A 23 1.44 -1.91 1.19
C PHE A 23 2.86 -1.39 1.38
N TYR A 24 3.18 -0.97 2.60
CA TYR A 24 4.50 -0.45 2.91
C TYR A 24 5.16 -1.25 4.02
N LEU A 25 6.46 -1.51 3.87
CA LEU A 25 7.21 -2.27 4.85
C LEU A 25 7.31 -1.52 6.17
N ALA A 26 7.25 -2.25 7.28
CA ALA A 26 7.32 -1.65 8.60
C ALA A 26 8.66 -1.97 9.26
N GLU A 27 8.94 -1.29 10.37
CA GLU A 27 10.19 -1.49 11.10
C GLU A 27 10.26 -2.90 11.67
N CYS A 28 9.12 -3.40 12.14
CA CYS A 28 9.05 -4.74 12.72
C CYS A 28 9.52 -5.78 11.71
N GLY A 29 9.33 -5.48 10.42
CA GLY A 29 9.73 -6.42 9.39
C GLY A 29 8.59 -6.75 8.44
N LYS A 30 7.39 -6.86 8.98
CA LYS A 30 6.20 -7.18 8.19
C LYS A 30 5.66 -5.94 7.50
N TRP A 31 4.95 -6.15 6.40
CA TRP A 31 4.36 -5.04 5.65
C TRP A 31 2.94 -4.74 6.13
N HIS A 32 2.59 -3.46 6.15
CA HIS A 32 1.27 -3.04 6.58
C HIS A 32 0.47 -2.42 5.43
N MET A 33 -0.83 -2.59 5.46
CA MET A 33 -1.71 -2.06 4.41
C MET A 33 -1.86 -0.54 4.56
N PHE A 34 -1.64 0.17 3.47
CA PHE A 34 -1.76 1.62 3.47
C PHE A 34 -3.01 2.07 4.21
N GLN A 35 -2.84 2.89 5.25
CA GLN A 35 -3.96 3.38 6.04
C GLN A 35 -3.71 4.81 6.50
N PRO A 36 -4.80 5.58 6.66
CA PRO A 36 -4.72 6.98 7.10
C PRO A 36 -4.30 7.10 8.56
N ASP A 37 -3.11 7.66 8.78
CA ASP A 37 -2.59 7.85 10.13
C ASP A 37 -3.71 8.16 11.10
N THR A 38 -4.46 9.24 10.83
CA THR A 38 -5.56 9.65 11.67
C THR A 38 -6.89 9.63 10.92
N ASN A 39 -7.81 8.79 11.37
CA ASN A 39 -9.11 8.68 10.73
C ASN A 39 -9.76 10.05 10.57
N SER A 40 -9.74 10.83 11.64
CA SER A 40 -10.33 12.17 11.62
C SER A 40 -9.67 13.04 10.53
N GLN A 41 -10.45 13.36 9.50
CA GLN A 41 -9.94 14.17 8.40
C GLN A 41 -8.54 13.75 8.01
N CYS A 42 -8.37 12.46 7.72
CA CYS A 42 -7.07 11.92 7.32
C CYS A 42 -6.49 12.70 6.15
N SER A 43 -5.33 12.27 5.67
CA SER A 43 -4.67 12.93 4.56
C SER A 43 -4.78 12.11 3.28
N VAL A 44 -4.11 10.95 3.27
CA VAL A 44 -4.13 10.06 2.12
C VAL A 44 -4.42 8.63 2.54
N SER A 45 -4.98 7.85 1.63
CA SER A 45 -5.31 6.46 1.90
C SER A 45 -4.93 5.56 0.72
N SER A 46 -4.95 4.25 0.94
CA SER A 46 -4.61 3.29 -0.10
C SER A 46 -5.20 3.71 -1.44
N GLU A 47 -6.28 4.50 -1.38
CA GLU A 47 -6.94 4.97 -2.60
C GLU A 47 -6.22 6.20 -3.17
N ASP A 48 -6.03 7.20 -2.33
CA ASP A 48 -5.36 8.43 -2.74
C ASP A 48 -4.08 8.12 -3.49
N ILE A 49 -3.23 7.28 -2.90
CA ILE A 49 -1.97 6.90 -3.51
C ILE A 49 -2.19 6.27 -4.88
N GLU A 50 -2.74 5.06 -4.87
CA GLU A 50 -3.01 4.34 -6.12
C GLU A 50 -3.43 5.31 -7.23
N LYS A 51 -4.37 6.20 -6.91
CA LYS A 51 -4.86 7.18 -7.87
C LYS A 51 -3.74 8.12 -8.30
N SER A 52 -2.93 8.55 -7.34
CA SER A 52 -1.83 9.46 -7.62
C SER A 52 -0.78 8.78 -8.49
N PHE A 53 -0.35 7.58 -8.07
CA PHE A 53 0.65 6.83 -8.81
C PHE A 53 0.27 6.69 -10.28
N LYS A 54 -1.03 6.44 -10.52
CA LYS A 54 -1.53 6.28 -11.87
C LYS A 54 -1.22 7.51 -12.73
N THR A 55 -1.52 8.69 -12.19
CA THR A 55 -1.27 9.94 -12.90
C THR A 55 0.21 10.10 -13.23
N ASN A 56 1.05 9.97 -12.20
CA ASN A 56 2.50 10.10 -12.38
C ASN A 56 3.23 8.93 -11.71
N PRO A 57 3.46 7.86 -12.49
CA PRO A 57 4.14 6.66 -12.01
C PRO A 57 5.63 6.92 -11.76
N CYS A 58 6.07 8.14 -12.01
CA CYS A 58 7.46 8.51 -11.81
C CYS A 58 7.57 9.82 -11.02
N GLY A 59 6.59 10.07 -10.17
CA GLY A 59 6.59 11.29 -9.37
C GLY A 59 6.72 11.01 -7.89
N SER A 60 6.13 11.89 -7.07
CA SER A 60 6.18 11.73 -5.63
C SER A 60 4.99 12.42 -4.96
N ILE A 61 4.45 11.80 -3.94
CA ILE A 61 3.31 12.35 -3.22
C ILE A 61 3.68 12.71 -1.78
N SER A 62 3.71 14.00 -1.48
CA SER A 62 4.05 14.47 -0.15
C SER A 62 2.81 14.65 0.70
N PHE A 63 2.82 14.05 1.89
CA PHE A 63 1.68 14.15 2.80
C PHE A 63 2.14 14.04 4.25
N THR A 64 1.64 14.94 5.10
CA THR A 64 1.99 14.95 6.51
C THR A 64 0.76 14.73 7.38
N THR A 65 0.82 13.70 8.23
CA THR A 65 -0.28 13.39 9.13
C THR A 65 -0.11 14.07 10.48
N SER A 66 -1.22 14.23 11.21
CA SER A 66 -1.18 14.86 12.52
C SER A 66 -0.16 14.19 13.42
N LYS A 67 0.28 13.00 13.03
CA LYS A 67 1.27 12.25 13.81
C LYS A 67 2.69 12.60 13.36
N PHE A 68 2.96 12.44 12.07
CA PHE A 68 4.28 12.73 11.53
C PHE A 68 4.20 12.96 10.02
N SER A 69 5.34 13.31 9.42
CA SER A 69 5.39 13.57 7.99
C SER A 69 5.84 12.32 7.23
N TYR A 70 5.42 12.21 5.99
CA TYR A 70 5.77 11.06 5.15
C TYR A 70 5.73 11.43 3.68
N LYS A 71 6.70 10.91 2.92
CA LYS A 71 6.78 11.18 1.49
C LYS A 71 6.93 9.88 0.70
N ILE A 72 6.02 9.67 -0.25
CA ILE A 72 6.06 8.46 -1.07
C ILE A 72 6.47 8.80 -2.51
N ASP A 73 7.71 8.47 -2.85
CA ASP A 73 8.22 8.74 -4.20
C ASP A 73 7.94 7.56 -5.12
N PHE A 74 6.88 7.68 -5.92
CA PHE A 74 6.50 6.64 -6.85
C PHE A 74 7.68 6.24 -7.74
N ALA A 75 8.38 7.25 -8.26
CA ALA A 75 9.53 7.01 -9.12
C ALA A 75 10.59 6.18 -8.40
N GLU A 76 10.88 6.54 -7.16
CA GLU A 76 11.87 5.83 -6.37
C GLU A 76 11.30 4.55 -5.78
N MET A 77 9.99 4.37 -5.94
CA MET A 77 9.31 3.19 -5.43
C MET A 77 9.68 2.95 -3.97
N LYS A 78 9.53 3.98 -3.14
CA LYS A 78 9.85 3.89 -1.73
C LYS A 78 9.19 5.03 -0.95
N GLN A 79 9.10 4.86 0.37
CA GLN A 79 8.50 5.87 1.23
C GLN A 79 9.56 6.61 2.03
N MET A 80 9.87 7.84 1.61
CA MET A 80 10.86 8.65 2.29
C MET A 80 10.28 9.30 3.54
N ASN A 81 10.90 9.03 4.68
CA ASN A 81 10.44 9.58 5.96
C ASN A 81 11.04 10.96 6.19
N LEU A 82 10.25 11.85 6.80
CA LEU A 82 10.71 13.21 7.08
C LEU A 82 10.84 13.43 8.59
N THR A 83 9.86 12.94 9.35
CA THR A 83 9.87 13.08 10.79
C THR A 83 11.15 12.52 11.39
N THR A 84 11.55 11.34 10.93
CA THR A 84 12.76 10.69 11.42
C THR A 84 13.85 10.68 10.36
N GLY A 85 13.44 10.85 9.10
CA GLY A 85 14.40 10.85 8.01
C GLY A 85 14.80 9.45 7.60
N LYS A 86 14.03 8.46 8.02
CA LYS A 86 14.32 7.07 7.69
C LYS A 86 13.83 6.73 6.29
N GLN A 87 14.20 5.54 5.81
CA GLN A 87 13.80 5.09 4.48
C GLN A 87 13.23 3.68 4.54
N ARG A 88 12.20 3.43 3.75
CA ARG A 88 11.56 2.11 3.70
C ARG A 88 11.11 1.77 2.28
N LEU A 89 10.84 0.50 2.05
CA LEU A 89 10.40 0.05 0.74
C LEU A 89 8.89 -0.14 0.70
N ILE A 90 8.30 0.00 -0.48
CA ILE A 90 6.86 -0.14 -0.65
C ILE A 90 6.54 -1.14 -1.76
N LYS A 91 5.25 -1.42 -1.94
CA LYS A 91 4.81 -2.36 -2.97
C LYS A 91 3.32 -2.17 -3.27
N ARG A 92 2.94 -2.37 -4.53
CA ARG A 92 1.56 -2.23 -4.93
C ARG A 92 1.00 -3.55 -5.44
N ALA A 93 0.07 -4.13 -4.66
CA ALA A 93 -0.54 -5.40 -5.03
C ALA A 93 -2.02 -5.43 -4.62
N PRO A 94 -2.80 -6.26 -5.32
CA PRO A 94 -4.24 -6.40 -5.04
C PRO A 94 -4.51 -7.11 -3.72
N PHE A 95 -5.59 -6.71 -3.06
CA PHE A 95 -5.96 -7.30 -1.78
C PHE A 95 -6.06 -8.82 -1.88
N SER A 96 -6.79 -9.28 -2.90
CA SER A 96 -6.97 -10.71 -3.11
C SER A 96 -5.66 -11.37 -3.54
N SER A 97 -5.35 -12.50 -2.94
CA SER A 97 -4.13 -13.23 -3.25
C SER A 97 -4.41 -14.40 -4.20
N GLY A 98 -5.24 -14.15 -5.20
CA GLY A 98 -5.58 -15.19 -6.16
C GLY A 98 -6.67 -14.75 -7.12
N PRO A 99 -7.36 -15.74 -7.71
CA PRO A 99 -8.45 -15.47 -8.66
C PRO A 99 -9.69 -14.89 -7.98
N SER A 100 -10.72 -14.62 -8.77
CA SER A 100 -11.96 -14.04 -8.25
C SER A 100 -13.00 -15.13 -8.03
N SER A 101 -13.57 -15.16 -6.83
CA SER A 101 -14.59 -16.15 -6.49
C SER A 101 -15.40 -15.68 -5.28
N GLY A 102 -16.72 -15.59 -5.48
CA GLY A 102 -17.59 -15.16 -4.40
C GLY A 102 -19.05 -15.44 -4.69
N GLY A 1 -5.52 -15.19 16.19
CA GLY A 1 -6.33 -15.09 15.00
C GLY A 1 -5.67 -15.69 13.78
N SER A 2 -5.71 -17.02 13.69
CA SER A 2 -5.10 -17.73 12.57
C SER A 2 -5.82 -17.41 11.27
N SER A 3 -5.42 -16.32 10.63
CA SER A 3 -6.04 -15.91 9.37
C SER A 3 -6.35 -17.12 8.50
N GLY A 4 -5.40 -18.05 8.42
CA GLY A 4 -5.60 -19.24 7.62
C GLY A 4 -5.06 -19.08 6.21
N SER A 5 -5.41 -20.02 5.34
CA SER A 5 -4.96 -19.98 3.95
C SER A 5 -3.43 -20.01 3.88
N SER A 6 -2.82 -20.84 4.71
CA SER A 6 -1.36 -20.95 4.75
C SER A 6 -0.83 -21.56 3.45
N GLY A 7 0.33 -21.08 3.01
CA GLY A 7 0.92 -21.58 1.79
C GLY A 7 -0.04 -21.57 0.63
N ASN A 8 -0.47 -20.37 0.23
CA ASN A 8 -1.42 -20.23 -0.88
C ASN A 8 -1.24 -18.89 -1.58
N GLU A 9 -1.10 -18.92 -2.90
CA GLU A 9 -0.92 -17.69 -3.68
C GLU A 9 -1.39 -17.90 -5.11
N VAL A 10 -1.92 -16.84 -5.71
CA VAL A 10 -2.41 -16.90 -7.08
C VAL A 10 -1.51 -16.10 -8.02
N ASP A 11 -0.40 -16.71 -8.44
CA ASP A 11 0.54 -16.05 -9.34
C ASP A 11 0.39 -16.57 -10.76
N ASP A 12 -0.53 -15.96 -11.51
CA ASP A 12 -0.79 -16.36 -12.88
C ASP A 12 -0.51 -15.20 -13.84
N MET A 13 -0.19 -15.54 -15.09
CA MET A 13 0.11 -14.53 -16.09
C MET A 13 -1.17 -13.79 -16.51
N ASP A 14 -2.25 -14.54 -16.68
CA ASP A 14 -3.54 -13.95 -17.06
C ASP A 14 -4.12 -13.11 -15.93
N THR A 15 -3.84 -11.81 -15.97
CA THR A 15 -4.33 -10.90 -14.94
C THR A 15 -5.31 -9.89 -15.53
N SER A 16 -6.52 -9.86 -14.99
CA SER A 16 -7.55 -8.94 -15.46
C SER A 16 -8.13 -8.12 -14.31
N ASP A 17 -9.06 -7.24 -14.62
CA ASP A 17 -9.69 -6.39 -13.61
C ASP A 17 -9.85 -7.16 -12.30
N THR A 18 -9.13 -6.71 -11.27
CA THR A 18 -9.20 -7.35 -9.97
C THR A 18 -8.90 -6.35 -8.85
N GLN A 19 -8.97 -6.81 -7.61
CA GLN A 19 -8.71 -5.96 -6.46
C GLN A 19 -7.22 -5.70 -6.31
N TRP A 20 -6.84 -4.43 -6.38
CA TRP A 20 -5.44 -4.03 -6.25
C TRP A 20 -5.23 -3.13 -5.05
N GLY A 21 -4.30 -3.52 -4.18
CA GLY A 21 -4.02 -2.73 -2.99
C GLY A 21 -2.55 -2.42 -2.84
N TRP A 22 -2.25 -1.35 -2.11
CA TRP A 22 -0.86 -0.94 -1.89
C TRP A 22 -0.34 -1.47 -0.56
N PHE A 23 0.94 -1.82 -0.52
CA PHE A 23 1.55 -2.34 0.70
C PHE A 23 2.89 -1.65 0.97
N TYR A 24 3.33 -1.69 2.22
CA TYR A 24 4.58 -1.07 2.61
C TYR A 24 5.27 -1.87 3.71
N LEU A 25 6.51 -2.29 3.45
CA LEU A 25 7.28 -3.06 4.42
C LEU A 25 7.29 -2.37 5.78
N ALA A 26 7.55 -3.16 6.83
CA ALA A 26 7.60 -2.62 8.18
C ALA A 26 8.82 -3.15 8.94
N GLU A 27 9.23 -2.42 9.97
CA GLU A 27 10.38 -2.81 10.78
C GLU A 27 10.21 -4.24 11.30
N CYS A 28 8.99 -4.58 11.71
CA CYS A 28 8.69 -5.90 12.23
C CYS A 28 9.08 -6.99 11.23
N GLY A 29 8.97 -6.66 9.94
CA GLY A 29 9.29 -7.62 8.91
C GLY A 29 8.16 -7.85 7.94
N LYS A 30 6.94 -7.94 8.47
CA LYS A 30 5.76 -8.16 7.65
C LYS A 30 5.27 -6.86 7.03
N TRP A 31 4.85 -6.91 5.77
CA TRP A 31 4.36 -5.74 5.07
C TRP A 31 2.98 -5.34 5.58
N HIS A 32 2.67 -4.05 5.49
CA HIS A 32 1.38 -3.54 5.94
C HIS A 32 0.62 -2.89 4.79
N MET A 33 -0.60 -3.36 4.56
CA MET A 33 -1.43 -2.83 3.48
C MET A 33 -1.99 -1.45 3.86
N PHE A 34 -1.69 -0.46 3.02
CA PHE A 34 -2.16 0.90 3.26
C PHE A 34 -3.60 0.91 3.74
N GLN A 35 -3.83 1.45 4.93
CA GLN A 35 -5.16 1.51 5.50
C GLN A 35 -5.39 2.84 6.20
N PRO A 36 -6.64 3.33 6.17
CA PRO A 36 -7.02 4.59 6.82
C PRO A 36 -6.98 4.51 8.33
N ASP A 37 -6.31 5.48 8.95
CA ASP A 37 -6.20 5.51 10.41
C ASP A 37 -7.20 6.50 11.00
N THR A 38 -7.51 6.32 12.29
CA THR A 38 -8.44 7.20 12.97
C THR A 38 -8.16 8.66 12.67
N ASN A 39 -9.19 9.51 12.82
CA ASN A 39 -9.05 10.93 12.57
C ASN A 39 -7.83 11.50 13.29
N SER A 40 -7.74 11.21 14.59
CA SER A 40 -6.63 11.69 15.40
C SER A 40 -5.31 11.61 14.63
N GLN A 41 -5.04 10.43 14.07
CA GLN A 41 -3.81 10.22 13.32
C GLN A 41 -4.13 9.73 11.90
N CYS A 42 -5.17 10.30 11.30
CA CYS A 42 -5.57 9.92 9.96
C CYS A 42 -4.36 9.67 9.07
N SER A 43 -4.53 8.85 8.04
CA SER A 43 -3.45 8.52 7.12
C SER A 43 -3.97 8.35 5.70
N VAL A 44 -3.06 8.06 4.78
CA VAL A 44 -3.43 7.88 3.37
C VAL A 44 -3.70 6.41 3.07
N SER A 45 -4.90 6.13 2.55
CA SER A 45 -5.28 4.76 2.22
C SER A 45 -4.77 4.37 0.83
N SER A 46 -4.72 3.08 0.56
CA SER A 46 -4.25 2.58 -0.73
C SER A 46 -4.86 3.38 -1.88
N GLU A 47 -6.09 3.84 -1.68
CA GLU A 47 -6.79 4.60 -2.70
C GLU A 47 -6.08 5.93 -2.97
N ASP A 48 -5.78 6.67 -1.90
CA ASP A 48 -5.10 7.95 -2.01
C ASP A 48 -3.82 7.81 -2.82
N ILE A 49 -3.01 6.81 -2.47
CA ILE A 49 -1.74 6.57 -3.17
C ILE A 49 -1.99 6.13 -4.60
N GLU A 50 -2.59 4.96 -4.76
CA GLU A 50 -2.88 4.41 -6.09
C GLU A 50 -3.37 5.51 -7.02
N LYS A 51 -4.19 6.41 -6.49
CA LYS A 51 -4.73 7.52 -7.28
C LYS A 51 -3.60 8.43 -7.77
N SER A 52 -2.66 8.73 -6.88
CA SER A 52 -1.54 9.59 -7.22
C SER A 52 -0.57 8.89 -8.17
N PHE A 53 -0.21 7.66 -7.81
CA PHE A 53 0.71 6.88 -8.63
C PHE A 53 0.37 6.99 -10.11
N LYS A 54 -0.93 7.04 -10.41
CA LYS A 54 -1.38 7.16 -11.79
C LYS A 54 -0.87 8.45 -12.42
N THR A 55 -1.27 9.58 -11.87
CA THR A 55 -0.84 10.88 -12.38
C THR A 55 0.67 10.91 -12.61
N ASN A 56 1.43 10.71 -11.55
CA ASN A 56 2.88 10.71 -11.63
C ASN A 56 3.47 9.42 -11.07
N PRO A 57 3.57 8.40 -11.93
CA PRO A 57 4.11 7.09 -11.55
C PRO A 57 5.61 7.14 -11.28
N CYS A 58 6.25 8.22 -11.73
CA CYS A 58 7.68 8.39 -11.54
C CYS A 58 7.99 9.62 -10.69
N GLY A 59 7.12 9.88 -9.72
CA GLY A 59 7.29 11.04 -8.86
C GLY A 59 7.20 10.68 -7.39
N SER A 60 6.41 11.46 -6.64
CA SER A 60 6.24 11.22 -5.21
C SER A 60 5.02 11.96 -4.69
N ILE A 61 4.60 11.60 -3.48
CA ILE A 61 3.43 12.23 -2.85
C ILE A 61 3.77 12.74 -1.46
N SER A 62 3.63 14.05 -1.27
CA SER A 62 3.93 14.67 0.02
C SER A 62 2.63 14.97 0.78
N PHE A 63 2.65 14.74 2.09
CA PHE A 63 1.48 14.99 2.93
C PHE A 63 1.87 14.99 4.40
N THR A 64 0.88 15.26 5.26
CA THR A 64 1.11 15.28 6.70
C THR A 64 -0.07 14.69 7.45
N THR A 65 0.22 14.10 8.62
CA THR A 65 -0.84 13.49 9.44
C THR A 65 -0.74 13.97 10.89
N SER A 66 0.33 13.56 11.56
CA SER A 66 0.53 13.95 12.96
C SER A 66 1.79 14.79 13.11
N LYS A 67 1.63 16.11 13.12
CA LYS A 67 2.75 17.02 13.26
C LYS A 67 4.00 16.44 12.61
N PHE A 68 3.82 15.73 11.51
CA PHE A 68 4.93 15.12 10.80
C PHE A 68 4.69 15.11 9.29
N SER A 69 5.71 14.80 8.53
CA SER A 69 5.61 14.76 7.07
C SER A 69 6.11 13.43 6.52
N TYR A 70 5.60 13.05 5.36
CA TYR A 70 5.99 11.79 4.72
C TYR A 70 6.00 11.93 3.20
N LYS A 71 7.11 11.55 2.59
CA LYS A 71 7.26 11.63 1.15
C LYS A 71 7.38 10.24 0.53
N ILE A 72 6.27 9.74 -0.01
CA ILE A 72 6.26 8.42 -0.64
C ILE A 72 6.63 8.49 -2.11
N ASP A 73 7.84 8.05 -2.44
CA ASP A 73 8.32 8.07 -3.82
C ASP A 73 7.86 6.81 -4.57
N PHE A 74 7.35 7.00 -5.78
CA PHE A 74 6.88 5.89 -6.59
C PHE A 74 7.99 5.36 -7.48
N ALA A 75 8.70 6.28 -8.14
CA ALA A 75 9.79 5.92 -9.03
C ALA A 75 10.86 5.10 -8.29
N GLU A 76 11.13 5.49 -7.05
CA GLU A 76 12.12 4.79 -6.24
C GLU A 76 11.51 3.57 -5.56
N MET A 77 10.20 3.44 -5.66
CA MET A 77 9.49 2.32 -5.06
C MET A 77 9.81 2.21 -3.57
N LYS A 78 9.75 3.32 -2.87
CA LYS A 78 10.04 3.36 -1.44
C LYS A 78 9.45 4.60 -0.79
N GLN A 79 9.26 4.54 0.52
CA GLN A 79 8.70 5.66 1.26
C GLN A 79 9.79 6.47 1.94
N MET A 80 9.92 7.73 1.55
CA MET A 80 10.93 8.61 2.11
C MET A 80 10.40 9.35 3.34
N ASN A 81 10.94 9.01 4.51
CA ASN A 81 10.51 9.63 5.75
C ASN A 81 11.23 10.96 5.97
N LEU A 82 10.51 11.93 6.53
CA LEU A 82 11.08 13.25 6.79
C LEU A 82 11.14 13.53 8.29
N THR A 83 10.08 13.16 8.99
CA THR A 83 10.00 13.37 10.44
C THR A 83 11.12 12.64 11.15
N THR A 84 11.36 11.39 10.76
CA THR A 84 12.41 10.58 11.37
C THR A 84 13.59 10.41 10.42
N GLY A 85 13.32 10.51 9.12
CA GLY A 85 14.37 10.37 8.13
C GLY A 85 14.64 8.93 7.78
N LYS A 86 13.82 8.02 8.29
CA LYS A 86 13.96 6.59 8.02
C LYS A 86 13.49 6.26 6.61
N GLN A 87 13.75 5.03 6.18
CA GLN A 87 13.35 4.57 4.86
C GLN A 87 12.53 3.29 4.94
N ARG A 88 11.64 3.09 3.97
CA ARG A 88 10.80 1.91 3.93
C ARG A 88 10.58 1.45 2.49
N LEU A 89 9.98 0.27 2.35
CA LEU A 89 9.70 -0.29 1.02
C LEU A 89 8.20 -0.24 0.72
N ILE A 90 7.88 -0.30 -0.57
CA ILE A 90 6.48 -0.27 -1.00
C ILE A 90 6.25 -1.18 -2.20
N LYS A 91 5.07 -1.79 -2.26
CA LYS A 91 4.74 -2.68 -3.36
C LYS A 91 3.23 -2.65 -3.65
N ARG A 92 2.88 -2.97 -4.89
CA ARG A 92 1.48 -2.97 -5.29
C ARG A 92 1.01 -4.38 -5.67
N ALA A 93 0.30 -5.02 -4.75
CA ALA A 93 -0.20 -6.37 -4.98
C ALA A 93 -1.70 -6.45 -4.71
N PRO A 94 -2.37 -7.42 -5.35
CA PRO A 94 -3.81 -7.63 -5.19
C PRO A 94 -4.17 -8.17 -3.81
N PHE A 95 -5.38 -7.86 -3.36
CA PHE A 95 -5.84 -8.32 -2.05
C PHE A 95 -7.09 -9.20 -2.19
N SER A 96 -6.98 -10.44 -1.74
CA SER A 96 -8.09 -11.39 -1.81
C SER A 96 -7.75 -12.69 -1.10
N SER A 97 -8.78 -13.31 -0.52
CA SER A 97 -8.58 -14.57 0.20
C SER A 97 -7.67 -15.51 -0.57
N GLY A 98 -8.02 -15.76 -1.84
CA GLY A 98 -7.22 -16.64 -2.66
C GLY A 98 -8.04 -17.35 -3.72
N PRO A 99 -7.54 -18.49 -4.22
CA PRO A 99 -8.22 -19.28 -5.24
C PRO A 99 -9.48 -19.95 -4.71
N SER A 100 -10.49 -20.07 -5.57
CA SER A 100 -11.75 -20.69 -5.19
C SER A 100 -11.54 -22.14 -4.78
N SER A 101 -11.90 -22.47 -3.54
CA SER A 101 -11.74 -23.83 -3.02
C SER A 101 -10.49 -24.47 -3.59
N GLY A 102 -9.39 -23.71 -3.64
CA GLY A 102 -8.14 -24.23 -4.16
C GLY A 102 -8.15 -24.36 -5.67
N GLY A 1 -21.32 -18.50 7.01
CA GLY A 1 -20.37 -19.57 7.24
C GLY A 1 -19.15 -19.47 6.34
N SER A 2 -18.40 -18.39 6.46
CA SER A 2 -17.21 -18.18 5.65
C SER A 2 -15.98 -18.02 6.53
N SER A 3 -15.18 -19.09 6.63
CA SER A 3 -13.97 -19.07 7.43
C SER A 3 -12.97 -20.11 6.93
N GLY A 4 -11.69 -19.78 7.03
CA GLY A 4 -10.65 -20.69 6.58
C GLY A 4 -9.80 -20.11 5.49
N SER A 5 -8.55 -20.57 5.40
CA SER A 5 -7.62 -20.07 4.40
C SER A 5 -6.65 -21.18 3.96
N SER A 6 -6.16 -21.07 2.73
CA SER A 6 -5.23 -22.06 2.20
C SER A 6 -4.63 -21.59 0.88
N GLY A 7 -3.38 -21.99 0.62
CA GLY A 7 -2.71 -21.59 -0.61
C GLY A 7 -3.22 -22.36 -1.81
N ASN A 8 -2.63 -22.07 -2.97
CA ASN A 8 -3.02 -22.73 -4.21
C ASN A 8 -1.83 -22.88 -5.15
N GLU A 9 -1.92 -23.81 -6.09
CA GLU A 9 -0.87 -24.04 -7.06
C GLU A 9 -1.22 -23.46 -8.42
N VAL A 10 -2.16 -22.51 -8.42
CA VAL A 10 -2.59 -21.87 -9.66
C VAL A 10 -2.48 -20.35 -9.56
N ASP A 11 -1.88 -19.74 -10.58
CA ASP A 11 -1.71 -18.30 -10.61
C ASP A 11 -2.43 -17.69 -11.81
N ASP A 12 -3.59 -17.10 -11.56
CA ASP A 12 -4.37 -16.48 -12.61
C ASP A 12 -4.70 -15.02 -12.28
N MET A 13 -4.39 -14.13 -13.21
CA MET A 13 -4.64 -12.71 -13.00
C MET A 13 -5.74 -12.21 -13.94
N ASP A 14 -6.69 -11.44 -13.39
CA ASP A 14 -7.79 -10.91 -14.17
C ASP A 14 -7.59 -9.42 -14.44
N THR A 15 -8.19 -8.95 -15.53
CA THR A 15 -8.07 -7.54 -15.92
C THR A 15 -9.28 -6.75 -15.45
N SER A 16 -10.47 -7.25 -15.75
CA SER A 16 -11.71 -6.59 -15.36
C SER A 16 -12.11 -6.98 -13.94
N ASP A 17 -12.75 -6.06 -13.24
CA ASP A 17 -13.19 -6.31 -11.87
C ASP A 17 -12.02 -6.71 -10.98
N THR A 18 -10.93 -5.95 -11.06
CA THR A 18 -9.74 -6.23 -10.27
C THR A 18 -9.27 -5.00 -9.52
N GLN A 19 -9.25 -5.08 -8.20
CA GLN A 19 -8.82 -3.96 -7.37
C GLN A 19 -7.33 -4.05 -7.05
N TRP A 20 -6.65 -2.91 -7.09
CA TRP A 20 -5.22 -2.86 -6.81
C TRP A 20 -4.95 -2.19 -5.47
N GLY A 21 -4.32 -2.91 -4.56
CA GLY A 21 -4.02 -2.37 -3.25
C GLY A 21 -2.55 -2.02 -3.10
N TRP A 22 -2.23 -1.21 -2.10
CA TRP A 22 -0.85 -0.80 -1.85
C TRP A 22 -0.34 -1.38 -0.53
N PHE A 23 0.97 -1.55 -0.45
CA PHE A 23 1.59 -2.10 0.76
C PHE A 23 2.95 -1.47 1.01
N TYR A 24 3.39 -1.49 2.27
CA TYR A 24 4.68 -0.92 2.63
C TYR A 24 5.42 -1.83 3.62
N LEU A 25 6.74 -1.91 3.46
CA LEU A 25 7.56 -2.75 4.33
C LEU A 25 7.67 -2.13 5.72
N ALA A 26 7.54 -2.97 6.73
CA ALA A 26 7.63 -2.52 8.13
C ALA A 26 8.94 -2.96 8.76
N GLU A 27 9.35 -2.27 9.83
CA GLU A 27 10.58 -2.59 10.53
C GLU A 27 10.58 -4.04 11.00
N CYS A 28 9.41 -4.53 11.40
CA CYS A 28 9.27 -5.90 11.87
C CYS A 28 9.69 -6.89 10.79
N GLY A 29 9.50 -6.51 9.53
CA GLY A 29 9.85 -7.38 8.43
C GLY A 29 8.69 -7.66 7.50
N LYS A 30 7.52 -7.87 8.09
CA LYS A 30 6.31 -8.16 7.32
C LYS A 30 5.72 -6.87 6.74
N TRP A 31 5.17 -6.96 5.54
CA TRP A 31 4.56 -5.81 4.88
C TRP A 31 3.12 -5.61 5.35
N HIS A 32 2.75 -4.36 5.58
CA HIS A 32 1.40 -4.03 6.03
C HIS A 32 0.69 -3.13 5.02
N MET A 33 -0.45 -3.58 4.53
CA MET A 33 -1.23 -2.82 3.56
C MET A 33 -1.47 -1.40 4.06
N PHE A 34 -1.68 -0.47 3.13
CA PHE A 34 -1.92 0.92 3.47
C PHE A 34 -3.29 1.09 4.12
N GLN A 35 -3.34 1.86 5.20
CA GLN A 35 -4.58 2.10 5.92
C GLN A 35 -4.61 3.51 6.51
N PRO A 36 -5.81 4.12 6.56
CA PRO A 36 -6.00 5.46 7.11
C PRO A 36 -5.80 5.51 8.62
N ASP A 37 -4.93 6.41 9.07
CA ASP A 37 -4.66 6.56 10.49
C ASP A 37 -5.75 7.38 11.18
N THR A 38 -5.68 7.46 12.50
CA THR A 38 -6.66 8.21 13.28
C THR A 38 -6.96 9.56 12.63
N ASN A 39 -8.09 10.15 13.01
CA ASN A 39 -8.49 11.45 12.47
C ASN A 39 -7.36 12.47 12.59
N SER A 40 -6.74 12.51 13.77
CA SER A 40 -5.65 13.44 14.02
C SER A 40 -4.52 13.23 13.02
N GLN A 41 -3.82 12.11 13.15
CA GLN A 41 -2.71 11.80 12.26
C GLN A 41 -3.21 11.14 10.98
N CYS A 42 -4.47 11.39 10.64
CA CYS A 42 -5.07 10.82 9.44
C CYS A 42 -4.06 10.77 8.31
N SER A 43 -3.76 9.55 7.84
CA SER A 43 -2.81 9.36 6.76
C SER A 43 -3.53 9.07 5.44
N VAL A 44 -2.76 8.80 4.40
CA VAL A 44 -3.32 8.50 3.09
C VAL A 44 -3.66 7.02 2.96
N SER A 45 -4.85 6.74 2.43
CA SER A 45 -5.30 5.37 2.25
C SER A 45 -4.89 4.83 0.88
N SER A 46 -4.85 3.51 0.77
CA SER A 46 -4.47 2.87 -0.49
C SER A 46 -5.04 3.63 -1.69
N GLU A 47 -6.30 4.01 -1.58
CA GLU A 47 -6.98 4.74 -2.64
C GLU A 47 -6.20 6.00 -3.02
N ASP A 48 -5.97 6.87 -2.05
CA ASP A 48 -5.22 8.10 -2.27
C ASP A 48 -3.90 7.81 -2.97
N ILE A 49 -3.12 6.90 -2.42
CA ILE A 49 -1.83 6.53 -2.98
C ILE A 49 -1.98 6.10 -4.44
N GLU A 50 -2.72 5.01 -4.66
CA GLU A 50 -2.93 4.49 -6.00
C GLU A 50 -3.36 5.61 -6.96
N LYS A 51 -4.44 6.29 -6.59
CA LYS A 51 -4.96 7.39 -7.41
C LYS A 51 -3.82 8.27 -7.93
N SER A 52 -2.86 8.55 -7.06
CA SER A 52 -1.72 9.38 -7.43
C SER A 52 -0.77 8.63 -8.36
N PHE A 53 -0.26 7.51 -7.88
CA PHE A 53 0.66 6.69 -8.67
C PHE A 53 0.19 6.58 -10.11
N LYS A 54 -1.12 6.68 -10.30
CA LYS A 54 -1.71 6.59 -11.64
C LYS A 54 -1.25 7.75 -12.52
N THR A 55 -1.60 8.97 -12.11
CA THR A 55 -1.23 10.16 -12.86
C THR A 55 0.28 10.33 -12.91
N ASN A 56 0.93 10.13 -11.77
CA ASN A 56 2.38 10.25 -11.68
C ASN A 56 3.01 8.93 -11.25
N PRO A 57 3.20 8.02 -12.21
CA PRO A 57 3.80 6.71 -11.95
C PRO A 57 5.28 6.79 -11.63
N CYS A 58 5.89 7.94 -11.96
CA CYS A 58 7.31 8.16 -11.70
C CYS A 58 7.52 9.43 -10.89
N GLY A 59 6.61 9.70 -9.96
CA GLY A 59 6.72 10.89 -9.14
C GLY A 59 6.78 10.56 -7.66
N SER A 60 6.09 11.38 -6.85
CA SER A 60 6.08 11.17 -5.40
C SER A 60 4.91 11.93 -4.77
N ILE A 61 4.28 11.32 -3.78
CA ILE A 61 3.16 11.93 -3.09
C ILE A 61 3.59 12.48 -1.73
N SER A 62 3.77 13.80 -1.65
CA SER A 62 4.17 14.44 -0.41
C SER A 62 2.96 14.78 0.45
N PHE A 63 2.96 14.29 1.68
CA PHE A 63 1.86 14.53 2.60
C PHE A 63 2.36 14.61 4.04
N THR A 64 1.84 15.57 4.79
CA THR A 64 2.24 15.75 6.19
C THR A 64 1.05 15.55 7.12
N THR A 65 1.17 14.55 8.00
CA THR A 65 0.11 14.25 8.96
C THR A 65 0.23 15.11 10.21
N SER A 66 -0.61 14.84 11.20
CA SER A 66 -0.59 15.58 12.45
C SER A 66 0.83 15.76 12.96
N LYS A 67 1.29 17.00 13.04
CA LYS A 67 2.64 17.30 13.52
C LYS A 67 3.63 16.25 13.01
N PHE A 68 3.33 15.66 11.86
CA PHE A 68 4.21 14.64 11.28
C PHE A 68 4.37 14.87 9.78
N SER A 69 5.38 14.22 9.20
CA SER A 69 5.65 14.36 7.77
C SER A 69 5.94 13.00 7.14
N TYR A 70 5.51 12.82 5.89
CA TYR A 70 5.72 11.57 5.18
C TYR A 70 5.75 11.80 3.67
N LYS A 71 6.72 11.21 2.99
CA LYS A 71 6.86 11.34 1.55
C LYS A 71 6.98 9.98 0.89
N ILE A 72 5.93 9.58 0.18
CA ILE A 72 5.92 8.29 -0.51
C ILE A 72 6.25 8.46 -1.98
N ASP A 73 7.51 8.21 -2.33
CA ASP A 73 7.97 8.33 -3.71
C ASP A 73 7.68 7.04 -4.49
N PHE A 74 7.02 7.19 -5.64
CA PHE A 74 6.69 6.04 -6.48
C PHE A 74 7.85 5.67 -7.38
N ALA A 75 8.45 6.67 -8.02
CA ALA A 75 9.58 6.45 -8.92
C ALA A 75 10.65 5.60 -8.24
N GLU A 76 10.96 5.93 -6.99
CA GLU A 76 11.97 5.19 -6.24
C GLU A 76 11.37 3.93 -5.62
N MET A 77 10.07 3.74 -5.81
CA MET A 77 9.39 2.57 -5.27
C MET A 77 9.76 2.35 -3.80
N LYS A 78 9.70 3.42 -3.02
CA LYS A 78 10.04 3.35 -1.60
C LYS A 78 9.32 4.44 -0.82
N GLN A 79 9.23 4.26 0.49
CA GLN A 79 8.57 5.24 1.36
C GLN A 79 9.59 6.12 2.05
N MET A 80 9.55 7.42 1.76
CA MET A 80 10.48 8.37 2.35
C MET A 80 9.87 8.99 3.62
N ASN A 81 10.38 8.58 4.78
CA ASN A 81 9.89 9.09 6.05
C ASN A 81 10.64 10.35 6.45
N LEU A 82 9.90 11.38 6.85
CA LEU A 82 10.49 12.64 7.26
C LEU A 82 10.35 12.85 8.77
N THR A 83 9.20 12.47 9.31
CA THR A 83 8.95 12.60 10.73
C THR A 83 10.14 12.13 11.56
N THR A 84 10.70 10.99 11.17
CA THR A 84 11.85 10.42 11.88
C THR A 84 13.10 10.44 11.00
N GLY A 85 12.89 10.44 9.68
CA GLY A 85 14.00 10.46 8.75
C GLY A 85 14.52 9.07 8.43
N LYS A 86 13.62 8.09 8.47
CA LYS A 86 13.99 6.71 8.19
C LYS A 86 13.71 6.36 6.72
N GLN A 87 14.12 5.16 6.31
CA GLN A 87 13.92 4.71 4.95
C GLN A 87 13.15 3.39 4.92
N ARG A 88 12.06 3.36 4.16
CA ARG A 88 11.24 2.16 4.04
C ARG A 88 11.01 1.79 2.58
N LEU A 89 10.31 0.68 2.36
CA LEU A 89 10.03 0.21 1.00
C LEU A 89 8.52 0.14 0.76
N ILE A 90 8.14 0.01 -0.50
CA ILE A 90 6.73 -0.08 -0.87
C ILE A 90 6.52 -1.02 -2.04
N LYS A 91 5.26 -1.25 -2.39
CA LYS A 91 4.93 -2.14 -3.50
C LYS A 91 3.43 -2.07 -3.82
N ARG A 92 3.08 -2.38 -5.06
CA ARG A 92 1.69 -2.36 -5.49
C ARG A 92 1.23 -3.76 -5.91
N ALA A 93 0.11 -4.20 -5.35
CA ALA A 93 -0.44 -5.51 -5.68
C ALA A 93 -1.91 -5.60 -5.29
N PRO A 94 -2.64 -6.52 -5.94
CA PRO A 94 -4.07 -6.73 -5.68
C PRO A 94 -4.32 -7.36 -4.31
N PHE A 95 -5.55 -7.25 -3.83
CA PHE A 95 -5.92 -7.81 -2.53
C PHE A 95 -5.86 -9.33 -2.57
N SER A 96 -6.79 -9.94 -3.28
CA SER A 96 -6.86 -11.40 -3.38
C SER A 96 -6.37 -11.86 -4.76
N SER A 97 -5.43 -12.79 -4.77
CA SER A 97 -4.89 -13.32 -6.02
C SER A 97 -5.05 -14.83 -6.09
N GLY A 98 -6.07 -15.28 -6.82
CA GLY A 98 -6.32 -16.70 -6.96
C GLY A 98 -7.75 -17.01 -7.35
N PRO A 99 -8.07 -18.29 -7.49
CA PRO A 99 -9.42 -18.75 -7.86
C PRO A 99 -10.44 -18.51 -6.76
N SER A 100 -11.66 -18.99 -6.97
CA SER A 100 -12.72 -18.82 -5.99
C SER A 100 -13.08 -20.15 -5.35
N SER A 101 -13.79 -20.10 -4.22
CA SER A 101 -14.19 -21.30 -3.50
C SER A 101 -15.56 -21.78 -3.96
N GLY A 102 -16.53 -20.88 -3.96
CA GLY A 102 -17.87 -21.22 -4.39
C GLY A 102 -18.51 -20.15 -5.25
N GLY A 1 -19.15 -23.68 6.18
CA GLY A 1 -18.60 -22.51 5.51
C GLY A 1 -18.79 -22.55 4.02
N SER A 2 -18.65 -21.39 3.36
CA SER A 2 -18.81 -21.30 1.92
C SER A 2 -17.47 -21.51 1.21
N SER A 3 -17.49 -22.36 0.19
CA SER A 3 -16.28 -22.65 -0.57
C SER A 3 -16.56 -22.59 -2.07
N GLY A 4 -15.51 -22.79 -2.87
CA GLY A 4 -15.67 -22.74 -4.31
C GLY A 4 -15.06 -23.97 -4.99
N SER A 5 -13.73 -24.01 -5.06
CA SER A 5 -13.04 -25.13 -5.68
C SER A 5 -11.66 -25.32 -5.07
N SER A 6 -10.97 -26.37 -5.49
CA SER A 6 -9.64 -26.68 -4.98
C SER A 6 -8.84 -25.39 -4.73
N GLY A 7 -8.45 -25.19 -3.48
CA GLY A 7 -7.69 -24.00 -3.14
C GLY A 7 -8.44 -22.72 -3.47
N ASN A 8 -7.70 -21.71 -3.93
CA ASN A 8 -8.30 -20.42 -4.27
C ASN A 8 -8.03 -20.08 -5.72
N GLU A 9 -6.76 -20.14 -6.12
CA GLU A 9 -6.38 -19.83 -7.50
C GLU A 9 -6.83 -18.42 -7.89
N VAL A 10 -6.62 -17.47 -6.99
CA VAL A 10 -6.99 -16.08 -7.24
C VAL A 10 -6.29 -15.53 -8.47
N ASP A 11 -5.05 -15.95 -8.68
CA ASP A 11 -4.27 -15.50 -9.82
C ASP A 11 -4.22 -16.57 -10.91
N ASP A 12 -5.37 -17.18 -11.17
CA ASP A 12 -5.46 -18.23 -12.19
C ASP A 12 -6.62 -17.97 -13.14
N MET A 13 -6.85 -16.69 -13.44
CA MET A 13 -7.93 -16.30 -14.34
C MET A 13 -7.73 -14.88 -14.86
N ASP A 14 -8.26 -14.61 -16.05
CA ASP A 14 -8.13 -13.29 -16.65
C ASP A 14 -9.46 -12.54 -16.62
N THR A 15 -9.45 -11.35 -16.02
CA THR A 15 -10.65 -10.54 -15.92
C THR A 15 -10.31 -9.06 -15.81
N SER A 16 -11.25 -8.21 -16.20
CA SER A 16 -11.04 -6.77 -16.14
C SER A 16 -11.23 -6.24 -14.71
N ASP A 17 -12.35 -6.60 -14.10
CA ASP A 17 -12.64 -6.17 -12.74
C ASP A 17 -11.54 -6.62 -11.78
N THR A 18 -10.72 -5.66 -11.36
CA THR A 18 -9.62 -5.96 -10.44
C THR A 18 -9.21 -4.71 -9.67
N GLN A 19 -9.07 -4.86 -8.35
CA GLN A 19 -8.67 -3.74 -7.50
C GLN A 19 -7.21 -3.86 -7.09
N TRP A 20 -6.47 -2.77 -7.27
CA TRP A 20 -5.05 -2.75 -6.93
C TRP A 20 -4.84 -2.11 -5.56
N GLY A 21 -4.17 -2.84 -4.66
CA GLY A 21 -3.91 -2.33 -3.33
C GLY A 21 -2.45 -1.94 -3.13
N TRP A 22 -2.20 -1.08 -2.16
CA TRP A 22 -0.84 -0.63 -1.86
C TRP A 22 -0.36 -1.19 -0.53
N PHE A 23 0.96 -1.19 -0.34
CA PHE A 23 1.55 -1.71 0.90
C PHE A 23 2.92 -1.10 1.13
N TYR A 24 3.37 -1.13 2.39
CA TYR A 24 4.67 -0.57 2.74
C TYR A 24 5.33 -1.40 3.84
N LEU A 25 6.54 -1.86 3.58
CA LEU A 25 7.29 -2.66 4.55
C LEU A 25 7.26 -2.02 5.93
N ALA A 26 7.12 -2.84 6.96
CA ALA A 26 7.09 -2.35 8.33
C ALA A 26 8.36 -2.73 9.08
N GLU A 27 8.47 -2.27 10.32
CA GLU A 27 9.63 -2.56 11.15
C GLU A 27 9.58 -3.98 11.69
N CYS A 28 8.39 -4.57 11.65
CA CYS A 28 8.19 -5.94 12.14
C CYS A 28 8.69 -6.95 11.11
N GLY A 29 9.21 -6.45 9.99
CA GLY A 29 9.71 -7.33 8.95
C GLY A 29 8.70 -7.54 7.84
N LYS A 30 7.45 -7.78 8.21
CA LYS A 30 6.39 -8.01 7.24
C LYS A 30 5.84 -6.68 6.71
N TRP A 31 4.98 -6.76 5.71
CA TRP A 31 4.39 -5.57 5.12
C TRP A 31 3.00 -5.30 5.69
N HIS A 32 2.63 -4.03 5.75
CA HIS A 32 1.32 -3.64 6.29
C HIS A 32 0.56 -2.78 5.29
N MET A 33 -0.67 -3.17 5.00
CA MET A 33 -1.50 -2.44 4.05
C MET A 33 -1.65 -0.98 4.48
N PHE A 34 -1.63 -0.08 3.51
CA PHE A 34 -1.75 1.35 3.77
C PHE A 34 -3.07 1.65 4.49
N GLN A 35 -3.00 2.50 5.50
CA GLN A 35 -4.19 2.87 6.27
C GLN A 35 -4.04 4.28 6.85
N PRO A 36 -5.19 4.92 7.13
CA PRO A 36 -5.21 6.28 7.69
C PRO A 36 -4.73 6.32 9.13
N ASP A 37 -3.71 7.13 9.39
CA ASP A 37 -3.16 7.26 10.72
C ASP A 37 -4.26 7.45 11.76
N THR A 38 -4.90 8.62 11.72
CA THR A 38 -5.98 8.92 12.66
C THR A 38 -6.94 9.96 12.07
N ASN A 39 -7.99 10.28 12.82
CA ASN A 39 -8.97 11.25 12.37
C ASN A 39 -8.30 12.57 11.98
N SER A 40 -7.52 13.11 12.90
CA SER A 40 -6.83 14.37 12.65
C SER A 40 -5.81 14.23 11.53
N GLN A 41 -5.88 15.13 10.57
CA GLN A 41 -4.96 15.10 9.42
C GLN A 41 -4.67 13.67 9.00
N CYS A 42 -5.70 12.82 9.01
CA CYS A 42 -5.55 11.42 8.63
C CYS A 42 -4.62 11.28 7.43
N SER A 43 -3.77 10.27 7.47
CA SER A 43 -2.82 10.02 6.38
C SER A 43 -3.55 9.58 5.11
N VAL A 44 -2.78 9.32 4.06
CA VAL A 44 -3.35 8.89 2.79
C VAL A 44 -3.60 7.39 2.78
N SER A 45 -4.83 7.01 2.45
CA SER A 45 -5.20 5.59 2.40
C SER A 45 -4.78 4.96 1.09
N SER A 46 -4.63 3.64 1.09
CA SER A 46 -4.21 2.92 -0.10
C SER A 46 -4.81 3.55 -1.35
N GLU A 47 -6.05 4.01 -1.25
CA GLU A 47 -6.73 4.64 -2.37
C GLU A 47 -5.97 5.89 -2.85
N ASP A 48 -5.77 6.83 -1.93
CA ASP A 48 -5.06 8.06 -2.25
C ASP A 48 -3.78 7.76 -3.03
N ILE A 49 -2.84 7.09 -2.37
CA ILE A 49 -1.58 6.75 -3.00
C ILE A 49 -1.78 6.25 -4.43
N GLU A 50 -2.61 5.22 -4.57
CA GLU A 50 -2.90 4.65 -5.88
C GLU A 50 -3.39 5.72 -6.84
N LYS A 51 -4.29 6.57 -6.36
CA LYS A 51 -4.85 7.64 -7.18
C LYS A 51 -3.74 8.55 -7.72
N SER A 52 -2.66 8.66 -6.96
CA SER A 52 -1.53 9.50 -7.35
C SER A 52 -0.70 8.82 -8.44
N PHE A 53 -0.10 7.68 -8.08
CA PHE A 53 0.72 6.93 -9.03
C PHE A 53 0.02 6.81 -10.37
N LYS A 54 -1.31 6.87 -10.36
CA LYS A 54 -2.10 6.77 -11.59
C LYS A 54 -1.62 7.77 -12.63
N THR A 55 -1.51 9.03 -12.23
CA THR A 55 -1.05 10.08 -13.13
C THR A 55 0.46 10.16 -13.16
N ASN A 56 1.09 10.00 -12.01
CA ASN A 56 2.54 10.05 -11.90
C ASN A 56 3.10 8.75 -11.32
N PRO A 57 3.25 7.73 -12.17
CA PRO A 57 3.76 6.43 -11.77
C PRO A 57 5.25 6.47 -11.43
N CYS A 58 5.93 7.49 -11.92
CA CYS A 58 7.36 7.66 -11.67
C CYS A 58 7.64 8.97 -10.94
N GLY A 59 6.71 9.36 -10.07
CA GLY A 59 6.87 10.60 -9.34
C GLY A 59 6.96 10.37 -7.84
N SER A 60 6.22 11.15 -7.07
CA SER A 60 6.23 11.04 -5.62
C SER A 60 5.03 11.76 -5.01
N ILE A 61 4.53 11.23 -3.89
CA ILE A 61 3.39 11.83 -3.21
C ILE A 61 3.79 12.35 -1.84
N SER A 62 3.70 13.66 -1.65
CA SER A 62 4.05 14.29 -0.39
C SER A 62 2.80 14.60 0.43
N PHE A 63 2.67 13.95 1.58
CA PHE A 63 1.53 14.15 2.45
C PHE A 63 1.96 14.35 3.89
N THR A 64 1.08 14.93 4.70
CA THR A 64 1.38 15.18 6.10
C THR A 64 0.27 14.64 7.01
N THR A 65 0.62 14.36 8.26
CA THR A 65 -0.34 13.85 9.22
C THR A 65 -0.11 14.44 10.61
N SER A 66 -0.87 13.97 11.58
CA SER A 66 -0.75 14.45 12.96
C SER A 66 0.70 14.82 13.27
N LYS A 67 0.99 16.12 13.20
CA LYS A 67 2.33 16.61 13.48
C LYS A 67 3.39 15.65 12.95
N PHE A 68 3.23 15.23 11.70
CA PHE A 68 4.18 14.30 11.09
C PHE A 68 4.26 14.54 9.58
N SER A 69 5.32 14.01 8.97
CA SER A 69 5.52 14.17 7.54
C SER A 69 5.95 12.85 6.89
N TYR A 70 5.52 12.64 5.65
CA TYR A 70 5.85 11.42 4.93
C TYR A 70 5.87 11.66 3.42
N LYS A 71 6.87 11.10 2.75
CA LYS A 71 7.01 11.26 1.30
C LYS A 71 7.20 9.90 0.63
N ILE A 72 6.16 9.43 -0.05
CA ILE A 72 6.22 8.15 -0.74
C ILE A 72 6.62 8.33 -2.20
N ASP A 73 7.90 8.14 -2.49
CA ASP A 73 8.42 8.29 -3.84
C ASP A 73 8.14 7.03 -4.66
N PHE A 74 7.28 7.16 -5.67
CA PHE A 74 6.94 6.03 -6.52
C PHE A 74 8.11 5.64 -7.42
N ALA A 75 8.69 6.64 -8.08
CA ALA A 75 9.82 6.42 -8.96
C ALA A 75 10.91 5.60 -8.27
N GLU A 76 11.09 5.84 -6.98
CA GLU A 76 12.10 5.15 -6.20
C GLU A 76 11.50 3.94 -5.48
N MET A 77 10.18 3.78 -5.63
CA MET A 77 9.48 2.66 -5.00
C MET A 77 9.90 2.51 -3.54
N LYS A 78 9.80 3.60 -2.78
CA LYS A 78 10.16 3.59 -1.37
C LYS A 78 9.48 4.74 -0.63
N GLN A 79 9.18 4.51 0.65
CA GLN A 79 8.52 5.52 1.47
C GLN A 79 9.56 6.33 2.26
N MET A 80 9.82 7.55 1.81
CA MET A 80 10.78 8.42 2.47
C MET A 80 10.17 9.05 3.72
N ASN A 81 10.69 8.67 4.88
CA ASN A 81 10.19 9.21 6.15
C ASN A 81 10.88 10.52 6.50
N LEU A 82 10.11 11.47 7.03
CA LEU A 82 10.65 12.77 7.41
C LEU A 82 10.58 12.98 8.91
N THR A 83 9.41 12.70 9.48
CA THR A 83 9.21 12.85 10.93
C THR A 83 10.44 12.38 11.70
N THR A 84 11.00 11.26 11.29
CA THR A 84 12.17 10.70 11.95
C THR A 84 13.37 10.67 10.99
N GLY A 85 13.08 10.63 9.70
CA GLY A 85 14.15 10.61 8.71
C GLY A 85 14.55 9.19 8.34
N LYS A 86 13.66 8.24 8.61
CA LYS A 86 13.92 6.83 8.29
C LYS A 86 13.49 6.50 6.86
N GLN A 87 13.87 5.32 6.40
CA GLN A 87 13.52 4.88 5.06
C GLN A 87 12.74 3.57 5.09
N ARG A 88 11.93 3.34 4.06
CA ARG A 88 11.13 2.12 3.97
C ARG A 88 10.79 1.79 2.51
N LEU A 89 10.42 0.54 2.28
CA LEU A 89 10.07 0.10 0.94
C LEU A 89 8.56 0.04 0.76
N ILE A 90 8.11 0.13 -0.49
CA ILE A 90 6.68 0.08 -0.79
C ILE A 90 6.40 -0.89 -1.93
N LYS A 91 5.15 -1.36 -2.02
CA LYS A 91 4.75 -2.29 -3.06
C LYS A 91 3.29 -2.09 -3.43
N ARG A 92 2.95 -2.43 -4.66
CA ARG A 92 1.57 -2.30 -5.14
C ARG A 92 1.02 -3.65 -5.59
N ALA A 93 0.13 -4.22 -4.79
CA ALA A 93 -0.48 -5.50 -5.11
C ALA A 93 -2.00 -5.46 -4.92
N PRO A 94 -2.71 -6.31 -5.67
CA PRO A 94 -4.18 -6.38 -5.59
C PRO A 94 -4.65 -6.99 -4.28
N PHE A 95 -5.79 -6.51 -3.80
CA PHE A 95 -6.36 -7.01 -2.55
C PHE A 95 -6.72 -8.49 -2.67
N SER A 96 -6.23 -9.29 -1.71
CA SER A 96 -6.50 -10.72 -1.72
C SER A 96 -7.85 -11.03 -1.07
N SER A 97 -8.91 -10.94 -1.87
CA SER A 97 -10.26 -11.20 -1.38
C SER A 97 -10.82 -12.46 -2.02
N GLY A 98 -11.97 -12.91 -1.51
CA GLY A 98 -12.61 -14.11 -2.03
C GLY A 98 -13.00 -13.96 -3.48
N PRO A 99 -13.30 -15.09 -4.14
CA PRO A 99 -13.70 -15.11 -5.54
C PRO A 99 -15.09 -14.49 -5.76
N SER A 100 -15.80 -14.26 -4.67
CA SER A 100 -17.15 -13.69 -4.74
C SER A 100 -17.42 -12.80 -3.53
N SER A 101 -18.52 -12.06 -3.58
CA SER A 101 -18.90 -11.16 -2.49
C SER A 101 -20.10 -11.70 -1.74
N GLY A 102 -21.13 -12.10 -2.48
CA GLY A 102 -22.33 -12.63 -1.87
C GLY A 102 -23.41 -11.58 -1.72
N GLY A 1 -8.57 -17.54 5.79
CA GLY A 1 -7.71 -18.19 6.76
C GLY A 1 -7.29 -19.58 6.32
N SER A 2 -6.15 -19.66 5.63
CA SER A 2 -5.64 -20.93 5.15
C SER A 2 -4.15 -20.84 4.85
N SER A 3 -3.34 -21.54 5.64
CA SER A 3 -1.89 -21.54 5.45
C SER A 3 -1.42 -22.84 4.80
N GLY A 4 -2.17 -23.28 3.80
CA GLY A 4 -1.81 -24.51 3.10
C GLY A 4 -2.60 -24.69 1.81
N SER A 5 -2.29 -23.87 0.81
CA SER A 5 -2.98 -23.94 -0.47
C SER A 5 -2.01 -23.73 -1.62
N SER A 6 -1.88 -24.74 -2.48
CA SER A 6 -0.98 -24.67 -3.62
C SER A 6 -1.68 -25.09 -4.90
N GLY A 7 -1.40 -24.39 -6.00
CA GLY A 7 -2.02 -24.71 -7.27
C GLY A 7 -1.15 -24.34 -8.45
N ASN A 8 -1.76 -23.74 -9.46
CA ASN A 8 -1.03 -23.32 -10.65
C ASN A 8 -0.96 -21.80 -10.75
N GLU A 9 0.08 -21.30 -11.41
CA GLU A 9 0.27 -19.86 -11.58
C GLU A 9 -0.89 -19.25 -12.36
N VAL A 10 -1.24 -18.02 -12.01
CA VAL A 10 -2.33 -17.32 -12.69
C VAL A 10 -2.07 -17.18 -14.17
N ASP A 11 -3.10 -17.38 -14.98
CA ASP A 11 -2.98 -17.29 -16.43
C ASP A 11 -3.65 -16.01 -16.94
N ASP A 12 -3.42 -15.71 -18.22
CA ASP A 12 -3.99 -14.51 -18.84
C ASP A 12 -5.40 -14.79 -19.34
N MET A 13 -6.39 -14.57 -18.47
CA MET A 13 -7.78 -14.80 -18.83
C MET A 13 -8.62 -13.57 -18.50
N ASP A 14 -9.93 -13.67 -18.73
CA ASP A 14 -10.85 -12.58 -18.46
C ASP A 14 -10.77 -12.14 -17.00
N THR A 15 -10.32 -10.91 -16.77
CA THR A 15 -10.20 -10.39 -15.41
C THR A 15 -11.37 -9.48 -15.07
N SER A 16 -12.04 -9.78 -13.97
CA SER A 16 -13.19 -8.98 -13.54
C SER A 16 -12.76 -7.91 -12.55
N ASP A 17 -13.69 -7.04 -12.17
CA ASP A 17 -13.41 -5.97 -11.23
C ASP A 17 -12.51 -6.46 -10.11
N THR A 18 -11.22 -6.12 -10.20
CA THR A 18 -10.24 -6.53 -9.19
C THR A 18 -9.73 -5.32 -8.41
N GLN A 19 -9.85 -5.38 -7.08
CA GLN A 19 -9.40 -4.30 -6.23
C GLN A 19 -7.88 -4.31 -6.09
N TRP A 20 -7.27 -3.14 -6.26
CA TRP A 20 -5.82 -3.01 -6.15
C TRP A 20 -5.42 -2.29 -4.88
N GLY A 21 -4.65 -2.98 -4.03
CA GLY A 21 -4.22 -2.39 -2.79
C GLY A 21 -2.74 -2.06 -2.78
N TRP A 22 -2.29 -1.36 -1.75
CA TRP A 22 -0.89 -0.98 -1.63
C TRP A 22 -0.29 -1.49 -0.32
N PHE A 23 1.02 -1.73 -0.33
CA PHE A 23 1.71 -2.22 0.86
C PHE A 23 3.08 -1.58 0.99
N TYR A 24 3.59 -1.51 2.22
CA TYR A 24 4.89 -0.92 2.48
C TYR A 24 5.68 -1.76 3.48
N LEU A 25 6.88 -2.16 3.08
CA LEU A 25 7.74 -2.97 3.94
C LEU A 25 7.87 -2.35 5.33
N ALA A 26 8.15 -3.19 6.32
CA ALA A 26 8.30 -2.73 7.70
C ALA A 26 9.70 -3.01 8.22
N GLU A 27 10.20 -2.12 9.08
CA GLU A 27 11.52 -2.28 9.66
C GLU A 27 11.71 -3.67 10.23
N CYS A 28 10.63 -4.22 10.78
CA CYS A 28 10.67 -5.56 11.38
C CYS A 28 10.89 -6.62 10.31
N GLY A 29 10.49 -6.32 9.08
CA GLY A 29 10.66 -7.25 7.99
C GLY A 29 9.35 -7.55 7.27
N LYS A 30 8.28 -7.69 8.04
CA LYS A 30 6.96 -7.97 7.47
C LYS A 30 6.33 -6.71 6.91
N TRP A 31 5.78 -6.81 5.71
CA TRP A 31 5.14 -5.67 5.05
C TRP A 31 3.78 -5.38 5.69
N HIS A 32 3.40 -4.10 5.69
CA HIS A 32 2.12 -3.69 6.26
C HIS A 32 1.33 -2.85 5.27
N MET A 33 0.08 -3.25 5.03
CA MET A 33 -0.79 -2.53 4.10
C MET A 33 -1.04 -1.11 4.58
N PHE A 34 -1.10 -0.18 3.63
CA PHE A 34 -1.33 1.23 3.95
C PHE A 34 -2.61 1.39 4.77
N GLN A 35 -2.78 2.57 5.36
CA GLN A 35 -3.95 2.85 6.17
C GLN A 35 -4.00 4.32 6.57
N PRO A 36 -5.21 4.89 6.66
CA PRO A 36 -5.42 6.29 7.04
C PRO A 36 -5.10 6.55 8.50
N ASP A 37 -4.50 7.70 8.77
CA ASP A 37 -4.13 8.07 10.14
C ASP A 37 -5.31 8.73 10.85
N THR A 38 -5.08 9.18 12.08
CA THR A 38 -6.11 9.82 12.87
C THR A 38 -7.03 10.67 12.00
N ASN A 39 -8.26 10.87 12.45
CA ASN A 39 -9.23 11.67 11.71
C ASN A 39 -8.64 13.02 11.31
N SER A 40 -7.96 13.66 12.26
CA SER A 40 -7.34 14.96 12.01
C SER A 40 -6.41 14.90 10.80
N GLN A 41 -6.83 15.54 9.71
CA GLN A 41 -6.02 15.56 8.49
C GLN A 41 -5.29 14.24 8.29
N CYS A 42 -6.04 13.14 8.38
CA CYS A 42 -5.46 11.81 8.21
C CYS A 42 -4.51 11.77 7.02
N SER A 43 -3.74 10.70 6.91
CA SER A 43 -2.79 10.55 5.81
C SER A 43 -3.48 9.95 4.58
N VAL A 44 -2.69 9.69 3.54
CA VAL A 44 -3.21 9.13 2.31
C VAL A 44 -3.38 7.62 2.42
N SER A 45 -4.59 7.14 2.14
CA SER A 45 -4.88 5.71 2.22
C SER A 45 -4.41 4.99 0.96
N SER A 46 -4.37 3.68 1.02
CA SER A 46 -3.94 2.86 -0.12
C SER A 46 -4.55 3.39 -1.41
N GLU A 47 -5.79 3.88 -1.33
CA GLU A 47 -6.48 4.40 -2.49
C GLU A 47 -5.83 5.70 -2.98
N ASP A 48 -5.84 6.71 -2.12
CA ASP A 48 -5.25 8.00 -2.46
C ASP A 48 -3.89 7.82 -3.13
N ILE A 49 -3.10 6.89 -2.60
CA ILE A 49 -1.77 6.63 -3.15
C ILE A 49 -1.87 6.04 -4.55
N GLU A 50 -2.47 4.85 -4.65
CA GLU A 50 -2.62 4.18 -5.93
C GLU A 50 -2.99 5.18 -7.02
N LYS A 51 -3.90 6.09 -6.70
CA LYS A 51 -4.34 7.10 -7.65
C LYS A 51 -3.20 8.02 -8.06
N SER A 52 -2.51 8.57 -7.07
CA SER A 52 -1.38 9.46 -7.31
C SER A 52 -0.34 8.79 -8.21
N PHE A 53 -0.13 7.50 -8.00
CA PHE A 53 0.83 6.74 -8.77
C PHE A 53 0.41 6.67 -10.24
N LYS A 54 -0.88 6.50 -10.47
CA LYS A 54 -1.41 6.43 -11.83
C LYS A 54 -0.95 7.62 -12.66
N THR A 55 -1.38 8.81 -12.26
CA THR A 55 -1.01 10.03 -12.97
C THR A 55 0.50 10.27 -12.92
N ASN A 56 1.07 10.14 -11.73
CA ASN A 56 2.51 10.33 -11.55
C ASN A 56 3.17 9.05 -11.06
N PRO A 57 3.51 8.16 -12.00
CA PRO A 57 4.16 6.88 -11.70
C PRO A 57 5.59 7.06 -11.20
N CYS A 58 6.10 8.29 -11.30
CA CYS A 58 7.46 8.59 -10.87
C CYS A 58 7.45 9.69 -9.81
N GLY A 59 6.40 10.49 -9.80
CA GLY A 59 6.29 11.58 -8.84
C GLY A 59 6.06 11.09 -7.43
N SER A 60 6.07 12.01 -6.48
CA SER A 60 5.88 11.66 -5.08
C SER A 60 4.73 12.47 -4.47
N ILE A 61 4.09 11.92 -3.45
CA ILE A 61 2.98 12.58 -2.78
C ILE A 61 3.40 13.10 -1.41
N SER A 62 3.56 14.42 -1.31
CA SER A 62 3.96 15.05 -0.05
C SER A 62 2.73 15.42 0.78
N PHE A 63 2.61 14.81 1.94
CA PHE A 63 1.49 15.08 2.84
C PHE A 63 1.96 15.29 4.27
N THR A 64 1.04 15.70 5.13
CA THR A 64 1.37 15.93 6.54
C THR A 64 0.20 15.57 7.45
N THR A 65 0.51 14.91 8.56
CA THR A 65 -0.51 14.51 9.52
C THR A 65 0.12 13.88 10.76
N SER A 66 -0.36 14.30 11.93
CA SER A 66 0.15 13.79 13.19
C SER A 66 1.53 14.38 13.50
N LYS A 67 1.61 15.70 13.50
CA LYS A 67 2.86 16.40 13.79
C LYS A 67 4.04 15.61 13.23
N PHE A 68 3.84 14.97 12.09
CA PHE A 68 4.89 14.19 11.46
C PHE A 68 4.70 14.15 9.94
N SER A 69 5.69 14.67 9.21
CA SER A 69 5.63 14.69 7.75
C SER A 69 6.02 13.34 7.17
N TYR A 70 5.57 13.08 5.94
CA TYR A 70 5.87 11.83 5.27
C TYR A 70 5.84 12.00 3.75
N LYS A 71 6.82 11.42 3.08
CA LYS A 71 6.91 11.50 1.62
C LYS A 71 7.03 10.12 1.00
N ILE A 72 6.13 9.82 0.05
CA ILE A 72 6.14 8.53 -0.62
C ILE A 72 6.53 8.67 -2.08
N ASP A 73 7.71 8.17 -2.43
CA ASP A 73 8.20 8.24 -3.80
C ASP A 73 7.78 7.01 -4.60
N PHE A 74 7.28 7.23 -5.81
CA PHE A 74 6.84 6.14 -6.67
C PHE A 74 7.98 5.62 -7.53
N ALA A 75 8.72 6.55 -8.15
CA ALA A 75 9.85 6.19 -9.00
C ALA A 75 10.79 5.23 -8.29
N GLU A 76 11.29 5.65 -7.13
CA GLU A 76 12.21 4.83 -6.34
C GLU A 76 11.47 3.65 -5.71
N MET A 77 10.16 3.62 -5.89
CA MET A 77 9.34 2.54 -5.34
C MET A 77 9.64 2.34 -3.85
N LYS A 78 9.63 3.44 -3.10
CA LYS A 78 9.90 3.38 -1.67
C LYS A 78 9.30 4.59 -0.96
N GLN A 79 9.14 4.48 0.36
CA GLN A 79 8.56 5.56 1.15
C GLN A 79 9.66 6.35 1.85
N MET A 80 9.71 7.66 1.58
CA MET A 80 10.71 8.53 2.19
C MET A 80 10.16 9.20 3.44
N ASN A 81 10.77 8.89 4.59
CA ASN A 81 10.33 9.46 5.85
C ASN A 81 11.03 10.80 6.11
N LEU A 82 10.31 11.72 6.74
CA LEU A 82 10.86 13.03 7.05
C LEU A 82 10.96 13.24 8.56
N THR A 83 9.96 12.74 9.29
CA THR A 83 9.94 12.86 10.74
C THR A 83 11.15 12.19 11.38
N THR A 84 11.39 10.94 10.98
CA THR A 84 12.51 10.18 11.51
C THR A 84 13.60 9.99 10.46
N GLY A 85 13.21 10.04 9.19
CA GLY A 85 14.16 9.88 8.11
C GLY A 85 14.43 8.42 7.78
N LYS A 86 13.50 7.55 8.16
CA LYS A 86 13.65 6.12 7.90
C LYS A 86 13.36 5.79 6.44
N GLN A 87 13.58 4.54 6.07
CA GLN A 87 13.35 4.09 4.69
C GLN A 87 12.63 2.75 4.68
N ARG A 88 11.69 2.60 3.75
CA ARG A 88 10.94 1.35 3.62
C ARG A 88 10.43 1.18 2.19
N LEU A 89 10.59 -0.03 1.66
CA LEU A 89 10.15 -0.33 0.31
C LEU A 89 8.63 -0.38 0.22
N ILE A 90 8.09 -0.36 -0.99
CA ILE A 90 6.65 -0.40 -1.20
C ILE A 90 6.30 -1.34 -2.35
N LYS A 91 5.01 -1.68 -2.45
CA LYS A 91 4.54 -2.56 -3.50
C LYS A 91 3.04 -2.40 -3.71
N ARG A 92 2.59 -2.59 -4.95
CA ARG A 92 1.18 -2.47 -5.28
C ARG A 92 0.57 -3.83 -5.62
N ALA A 93 -0.35 -4.29 -4.79
CA ALA A 93 -1.01 -5.58 -5.00
C ALA A 93 -2.46 -5.53 -4.53
N PRO A 94 -3.30 -6.40 -5.13
CA PRO A 94 -4.71 -6.49 -4.78
C PRO A 94 -4.95 -7.07 -3.39
N PHE A 95 -5.98 -6.57 -2.71
CA PHE A 95 -6.29 -7.04 -1.37
C PHE A 95 -6.20 -8.56 -1.29
N SER A 96 -6.79 -9.24 -2.26
CA SER A 96 -6.78 -10.70 -2.30
C SER A 96 -5.38 -11.21 -2.61
N SER A 97 -4.92 -12.18 -1.82
CA SER A 97 -3.60 -12.77 -2.00
C SER A 97 -3.47 -13.41 -3.38
N GLY A 98 -4.51 -14.14 -3.78
CA GLY A 98 -4.51 -14.80 -5.07
C GLY A 98 -5.78 -14.55 -5.85
N PRO A 99 -6.11 -15.48 -6.76
CA PRO A 99 -7.31 -15.38 -7.61
C PRO A 99 -8.59 -15.57 -6.80
N SER A 100 -8.45 -16.05 -5.58
CA SER A 100 -9.60 -16.28 -4.70
C SER A 100 -9.24 -16.01 -3.25
N SER A 101 -10.26 -15.97 -2.40
CA SER A 101 -10.07 -15.71 -0.97
C SER A 101 -9.98 -17.01 -0.19
N GLY A 102 -10.99 -17.87 -0.36
CA GLY A 102 -11.02 -19.14 0.34
C GLY A 102 -10.07 -20.15 -0.27
N GLY A 1 -22.09 -18.43 18.51
CA GLY A 1 -21.94 -19.72 17.86
C GLY A 1 -21.72 -19.60 16.36
N SER A 2 -20.48 -19.76 15.93
CA SER A 2 -20.13 -19.64 14.51
C SER A 2 -21.16 -20.38 13.65
N SER A 3 -21.35 -21.66 13.92
CA SER A 3 -22.30 -22.47 13.17
C SER A 3 -22.15 -22.22 11.67
N GLY A 4 -20.91 -22.14 11.21
CA GLY A 4 -20.65 -21.89 9.80
C GLY A 4 -20.49 -23.19 9.02
N SER A 5 -21.45 -23.47 8.14
CA SER A 5 -21.41 -24.68 7.33
C SER A 5 -20.87 -24.39 5.94
N SER A 6 -19.57 -24.63 5.75
CA SER A 6 -18.93 -24.39 4.46
C SER A 6 -18.59 -25.70 3.78
N GLY A 7 -18.21 -25.62 2.50
CA GLY A 7 -17.87 -26.81 1.75
C GLY A 7 -17.74 -26.53 0.26
N ASN A 8 -16.97 -25.50 -0.08
CA ASN A 8 -16.76 -25.14 -1.48
C ASN A 8 -15.28 -24.86 -1.76
N GLU A 9 -14.67 -25.73 -2.56
CA GLU A 9 -13.27 -25.58 -2.90
C GLU A 9 -13.04 -24.32 -3.75
N VAL A 10 -12.01 -23.56 -3.39
CA VAL A 10 -11.69 -22.34 -4.12
C VAL A 10 -10.32 -22.43 -4.78
N ASP A 11 -10.30 -22.28 -6.10
CA ASP A 11 -9.06 -22.35 -6.86
C ASP A 11 -9.24 -21.78 -8.27
N ASP A 12 -8.27 -21.00 -8.72
CA ASP A 12 -8.33 -20.40 -10.05
C ASP A 12 -6.95 -19.93 -10.50
N MET A 13 -6.86 -19.45 -11.73
CA MET A 13 -5.60 -18.96 -12.27
C MET A 13 -5.68 -17.47 -12.58
N ASP A 14 -6.81 -17.05 -13.17
CA ASP A 14 -7.01 -15.65 -13.51
C ASP A 14 -8.47 -15.26 -13.36
N THR A 15 -8.71 -14.10 -12.74
CA THR A 15 -10.07 -13.62 -12.51
C THR A 15 -10.21 -12.17 -12.97
N SER A 16 -11.39 -11.83 -13.49
CA SER A 16 -11.65 -10.48 -13.96
C SER A 16 -11.61 -9.48 -12.81
N ASP A 17 -12.39 -9.75 -11.76
CA ASP A 17 -12.43 -8.87 -10.60
C ASP A 17 -11.14 -8.98 -9.79
N THR A 18 -10.29 -7.98 -9.89
CA THR A 18 -9.03 -7.95 -9.17
C THR A 18 -8.71 -6.56 -8.65
N GLN A 19 -8.81 -6.38 -7.34
CA GLN A 19 -8.53 -5.09 -6.72
C GLN A 19 -7.05 -4.95 -6.41
N TRP A 20 -6.47 -3.82 -6.82
CA TRP A 20 -5.05 -3.55 -6.60
C TRP A 20 -4.85 -2.78 -5.30
N GLY A 21 -4.07 -3.36 -4.38
CA GLY A 21 -3.81 -2.71 -3.11
C GLY A 21 -2.39 -2.20 -3.01
N TRP A 22 -2.13 -1.38 -1.99
CA TRP A 22 -0.80 -0.83 -1.78
C TRP A 22 -0.25 -1.23 -0.42
N PHE A 23 0.98 -1.76 -0.40
CA PHE A 23 1.61 -2.19 0.83
C PHE A 23 2.96 -1.48 1.02
N TYR A 24 3.32 -1.23 2.27
CA TYR A 24 4.56 -0.56 2.60
C TYR A 24 5.36 -1.35 3.63
N LEU A 25 6.64 -1.57 3.35
CA LEU A 25 7.50 -2.31 4.26
C LEU A 25 7.83 -1.48 5.50
N ALA A 26 7.53 -2.02 6.67
CA ALA A 26 7.80 -1.33 7.93
C ALA A 26 9.26 -1.43 8.31
N GLU A 27 9.73 -0.49 9.12
CA GLU A 27 11.12 -0.47 9.56
C GLU A 27 11.50 -1.81 10.17
N CYS A 28 10.57 -2.43 10.87
CA CYS A 28 10.81 -3.72 11.51
C CYS A 28 11.07 -4.81 10.47
N GLY A 29 10.39 -4.69 9.32
CA GLY A 29 10.55 -5.67 8.26
C GLY A 29 9.26 -6.39 7.95
N LYS A 30 8.14 -5.68 8.07
CA LYS A 30 6.83 -6.25 7.80
C LYS A 30 6.01 -5.33 6.90
N TRP A 31 5.57 -5.86 5.76
CA TRP A 31 4.77 -5.08 4.82
C TRP A 31 3.33 -4.96 5.29
N HIS A 32 2.93 -3.76 5.69
CA HIS A 32 1.58 -3.53 6.17
C HIS A 32 0.78 -2.71 5.15
N MET A 33 -0.40 -3.21 4.80
CA MET A 33 -1.26 -2.52 3.84
C MET A 33 -1.57 -1.10 4.31
N PHE A 34 -1.87 -0.22 3.36
CA PHE A 34 -2.19 1.17 3.67
C PHE A 34 -3.60 1.28 4.25
N GLN A 35 -3.69 1.80 5.47
CA GLN A 35 -4.98 1.97 6.13
C GLN A 35 -5.12 3.38 6.71
N PRO A 36 -6.36 3.89 6.71
CA PRO A 36 -6.65 5.23 7.24
C PRO A 36 -6.51 5.30 8.75
N ASP A 37 -5.56 6.12 9.21
CA ASP A 37 -5.32 6.28 10.64
C ASP A 37 -6.40 7.16 11.26
N THR A 38 -6.55 7.05 12.59
CA THR A 38 -7.54 7.84 13.31
C THR A 38 -7.50 9.30 12.89
N ASN A 39 -8.55 10.04 13.25
CA ASN A 39 -8.63 11.46 12.91
C ASN A 39 -7.35 12.19 13.34
N SER A 40 -6.95 11.99 14.59
CA SER A 40 -5.76 12.64 15.11
C SER A 40 -4.64 12.65 14.08
N GLN A 41 -4.21 11.46 13.66
CA GLN A 41 -3.15 11.34 12.68
C GLN A 41 -3.70 10.81 11.35
N CYS A 42 -4.89 11.26 10.99
CA CYS A 42 -5.53 10.84 9.75
C CYS A 42 -4.50 10.71 8.63
N SER A 43 -4.34 9.49 8.13
CA SER A 43 -3.38 9.22 7.06
C SER A 43 -4.10 8.98 5.74
N VAL A 44 -3.32 8.75 4.69
CA VAL A 44 -3.89 8.51 3.36
C VAL A 44 -4.19 7.03 3.16
N SER A 45 -5.36 6.75 2.57
CA SER A 45 -5.78 5.37 2.33
C SER A 45 -5.19 4.86 1.02
N SER A 46 -5.14 3.54 0.88
CA SER A 46 -4.60 2.91 -0.32
C SER A 46 -5.11 3.62 -1.58
N GLU A 47 -6.30 4.20 -1.49
CA GLU A 47 -6.89 4.91 -2.61
C GLU A 47 -6.04 6.13 -3.01
N ASP A 48 -6.04 7.13 -2.15
CA ASP A 48 -5.27 8.36 -2.41
C ASP A 48 -3.94 8.02 -3.08
N ILE A 49 -3.15 7.19 -2.42
CA ILE A 49 -1.85 6.79 -2.96
C ILE A 49 -1.97 6.30 -4.39
N GLU A 50 -2.72 5.21 -4.57
CA GLU A 50 -2.93 4.64 -5.89
C GLU A 50 -3.26 5.72 -6.92
N LYS A 51 -4.13 6.64 -6.52
CA LYS A 51 -4.53 7.74 -7.41
C LYS A 51 -3.32 8.57 -7.83
N SER A 52 -2.49 8.92 -6.86
CA SER A 52 -1.29 9.72 -7.13
C SER A 52 -0.30 8.95 -7.99
N PHE A 53 -0.27 7.63 -7.81
CA PHE A 53 0.63 6.78 -8.56
C PHE A 53 0.13 6.58 -9.99
N LYS A 54 -1.20 6.54 -10.15
CA LYS A 54 -1.80 6.36 -11.46
C LYS A 54 -1.43 7.51 -12.40
N THR A 55 -1.71 8.74 -11.95
CA THR A 55 -1.39 9.91 -12.76
C THR A 55 0.07 9.94 -13.16
N ASN A 56 0.93 9.45 -12.27
CA ASN A 56 2.37 9.42 -12.53
C ASN A 56 3.02 8.28 -11.77
N PRO A 57 3.38 7.21 -12.51
CA PRO A 57 4.03 6.02 -11.92
C PRO A 57 5.46 6.31 -11.47
N CYS A 58 6.02 7.39 -11.99
CA CYS A 58 7.39 7.78 -11.64
C CYS A 58 7.41 9.11 -10.91
N GLY A 59 6.44 9.29 -10.01
CA GLY A 59 6.37 10.53 -9.24
C GLY A 59 6.48 10.29 -7.75
N SER A 60 5.89 11.19 -6.97
CA SER A 60 5.92 11.09 -5.52
C SER A 60 4.73 11.80 -4.89
N ILE A 61 4.21 11.23 -3.81
CA ILE A 61 3.08 11.81 -3.10
C ILE A 61 3.50 12.40 -1.76
N SER A 62 3.66 13.72 -1.72
CA SER A 62 4.07 14.40 -0.50
C SER A 62 2.86 14.71 0.37
N PHE A 63 2.84 14.16 1.57
CA PHE A 63 1.74 14.38 2.51
C PHE A 63 2.24 14.40 3.94
N THR A 64 1.78 15.39 4.71
CA THR A 64 2.18 15.53 6.10
C THR A 64 0.99 15.34 7.04
N THR A 65 1.15 14.46 8.02
CA THR A 65 0.09 14.20 8.99
C THR A 65 0.30 15.00 10.27
N SER A 66 -0.55 14.76 11.26
CA SER A 66 -0.47 15.45 12.54
C SER A 66 0.99 15.56 13.01
N LYS A 67 1.46 16.78 13.17
CA LYS A 67 2.84 17.02 13.61
C LYS A 67 3.77 15.94 13.06
N PHE A 68 3.47 15.45 11.87
CA PHE A 68 4.28 14.42 11.24
C PHE A 68 4.37 14.65 9.73
N SER A 69 5.38 14.03 9.10
CA SER A 69 5.57 14.16 7.66
C SER A 69 5.85 12.81 7.02
N TYR A 70 5.41 12.65 5.78
CA TYR A 70 5.61 11.40 5.06
C TYR A 70 5.61 11.63 3.55
N LYS A 71 6.61 11.09 2.87
CA LYS A 71 6.72 11.23 1.42
C LYS A 71 6.91 9.88 0.75
N ILE A 72 5.87 9.39 0.11
CA ILE A 72 5.93 8.10 -0.58
C ILE A 72 6.30 8.28 -2.04
N ASP A 73 7.58 8.10 -2.35
CA ASP A 73 8.08 8.23 -3.71
C ASP A 73 7.75 6.98 -4.53
N PHE A 74 6.93 7.15 -5.56
CA PHE A 74 6.55 6.05 -6.42
C PHE A 74 7.69 5.65 -7.35
N ALA A 75 8.27 6.64 -8.02
CA ALA A 75 9.37 6.40 -8.94
C ALA A 75 10.43 5.51 -8.31
N GLU A 76 10.90 5.89 -7.12
CA GLU A 76 11.90 5.12 -6.42
C GLU A 76 11.29 3.86 -5.79
N MET A 77 9.98 3.75 -5.88
CA MET A 77 9.27 2.60 -5.32
C MET A 77 9.65 2.39 -3.86
N LYS A 78 9.53 3.43 -3.05
CA LYS A 78 9.85 3.37 -1.63
C LYS A 78 9.21 4.50 -0.87
N GLN A 79 9.00 4.30 0.43
CA GLN A 79 8.39 5.33 1.27
C GLN A 79 9.46 6.11 2.03
N MET A 80 9.54 7.41 1.75
CA MET A 80 10.52 8.26 2.40
C MET A 80 9.92 8.89 3.66
N ASN A 81 10.43 8.49 4.82
CA ASN A 81 9.95 9.02 6.10
C ASN A 81 10.62 10.35 6.42
N LEU A 82 9.84 11.28 6.96
CA LEU A 82 10.36 12.60 7.31
C LEU A 82 10.28 12.82 8.83
N THR A 83 9.17 12.40 9.43
CA THR A 83 8.98 12.55 10.87
C THR A 83 10.25 12.19 11.63
N THR A 84 10.89 11.10 11.21
CA THR A 84 12.11 10.64 11.86
C THR A 84 13.29 10.64 10.89
N GLY A 85 12.97 10.52 9.60
CA GLY A 85 14.02 10.52 8.58
C GLY A 85 14.42 9.11 8.18
N LYS A 86 13.60 8.13 8.56
CA LYS A 86 13.87 6.74 8.22
C LYS A 86 13.56 6.45 6.76
N GLN A 87 13.95 5.27 6.29
CA GLN A 87 13.71 4.88 4.92
C GLN A 87 12.92 3.57 4.85
N ARG A 88 11.85 3.55 4.07
CA ARG A 88 11.03 2.36 3.93
C ARG A 88 10.73 2.08 2.46
N LEU A 89 10.38 0.83 2.16
CA LEU A 89 10.07 0.43 0.80
C LEU A 89 8.56 0.25 0.61
N ILE A 90 8.12 0.27 -0.64
CA ILE A 90 6.71 0.09 -0.96
C ILE A 90 6.51 -0.90 -2.09
N LYS A 91 5.25 -1.24 -2.36
CA LYS A 91 4.92 -2.19 -3.42
C LYS A 91 3.43 -2.17 -3.72
N ARG A 92 3.08 -2.53 -4.95
CA ARG A 92 1.68 -2.55 -5.37
C ARG A 92 1.22 -3.99 -5.64
N ALA A 93 0.36 -4.49 -4.77
CA ALA A 93 -0.17 -5.84 -4.91
C ALA A 93 -1.65 -5.90 -4.53
N PRO A 94 -2.39 -6.82 -5.18
CA PRO A 94 -3.82 -6.99 -4.93
C PRO A 94 -4.10 -7.60 -3.56
N PHE A 95 -5.30 -7.35 -3.04
CA PHE A 95 -5.69 -7.87 -1.74
C PHE A 95 -5.25 -9.32 -1.58
N SER A 96 -5.23 -9.79 -0.33
CA SER A 96 -4.82 -11.16 -0.05
C SER A 96 -5.97 -12.14 -0.28
N SER A 97 -6.21 -12.46 -1.55
CA SER A 97 -7.28 -13.38 -1.91
C SER A 97 -7.45 -14.46 -0.85
N GLY A 98 -8.70 -14.85 -0.61
CA GLY A 98 -8.97 -15.88 0.37
C GLY A 98 -10.32 -15.68 1.06
N PRO A 99 -10.61 -16.55 2.04
CA PRO A 99 -11.87 -16.48 2.79
C PRO A 99 -11.94 -15.26 3.70
N SER A 100 -10.83 -14.53 3.79
CA SER A 100 -10.77 -13.33 4.63
C SER A 100 -11.51 -12.17 3.98
N SER A 101 -12.84 -12.23 4.01
CA SER A 101 -13.66 -11.19 3.41
C SER A 101 -13.07 -10.69 2.10
N GLY A 102 -12.73 -11.64 1.23
CA GLY A 102 -12.15 -11.29 -0.06
C GLY A 102 -10.89 -10.47 0.08
N GLY A 1 -17.07 -15.90 13.42
CA GLY A 1 -16.51 -16.27 12.14
C GLY A 1 -15.34 -17.23 12.26
N SER A 2 -14.55 -17.33 11.21
CA SER A 2 -13.39 -18.23 11.20
C SER A 2 -12.11 -17.44 11.44
N SER A 3 -11.76 -17.24 12.71
CA SER A 3 -10.55 -16.51 13.08
C SER A 3 -9.34 -17.04 12.31
N GLY A 4 -8.37 -16.17 12.08
CA GLY A 4 -7.17 -16.56 11.36
C GLY A 4 -7.18 -16.08 9.92
N SER A 5 -7.40 -17.01 8.99
CA SER A 5 -7.42 -16.68 7.58
C SER A 5 -8.55 -17.44 6.86
N SER A 6 -8.71 -17.16 5.57
CA SER A 6 -9.73 -17.81 4.77
C SER A 6 -9.13 -18.47 3.53
N GLY A 7 -9.14 -19.80 3.52
CA GLY A 7 -8.59 -20.52 2.38
C GLY A 7 -9.56 -20.61 1.23
N ASN A 8 -10.45 -21.61 1.27
CA ASN A 8 -11.43 -21.80 0.21
C ASN A 8 -11.93 -20.45 -0.32
N GLU A 9 -12.31 -20.44 -1.59
CA GLU A 9 -12.81 -19.21 -2.22
C GLU A 9 -13.91 -18.58 -1.37
N VAL A 10 -14.07 -17.27 -1.50
CA VAL A 10 -15.10 -16.55 -0.76
C VAL A 10 -16.50 -16.92 -1.25
N ASP A 11 -16.60 -17.30 -2.51
CA ASP A 11 -17.87 -17.69 -3.09
C ASP A 11 -17.67 -18.42 -4.41
N ASP A 12 -18.77 -18.86 -5.02
CA ASP A 12 -18.72 -19.58 -6.29
C ASP A 12 -19.41 -18.77 -7.38
N MET A 13 -19.16 -17.48 -7.41
CA MET A 13 -19.76 -16.60 -8.42
C MET A 13 -18.69 -15.93 -9.26
N ASP A 14 -18.84 -16.01 -10.58
CA ASP A 14 -17.88 -15.41 -11.50
C ASP A 14 -17.88 -13.89 -11.35
N THR A 15 -16.71 -13.33 -11.07
CA THR A 15 -16.56 -11.89 -10.91
C THR A 15 -15.32 -11.37 -11.63
N SER A 16 -15.39 -10.12 -12.10
CA SER A 16 -14.29 -9.52 -12.81
C SER A 16 -13.89 -8.19 -12.17
N ASP A 17 -13.84 -8.17 -10.85
CA ASP A 17 -13.48 -6.96 -10.12
C ASP A 17 -12.13 -7.13 -9.42
N THR A 18 -11.07 -6.70 -10.08
CA THR A 18 -9.73 -6.81 -9.52
C THR A 18 -9.30 -5.50 -8.86
N GLN A 19 -9.38 -5.46 -7.53
CA GLN A 19 -9.00 -4.27 -6.79
C GLN A 19 -7.49 -4.26 -6.50
N TRP A 20 -6.83 -3.18 -6.90
CA TRP A 20 -5.39 -3.05 -6.68
C TRP A 20 -5.10 -2.30 -5.39
N GLY A 21 -4.47 -2.98 -4.44
CA GLY A 21 -4.15 -2.36 -3.17
C GLY A 21 -2.67 -2.03 -3.04
N TRP A 22 -2.35 -1.14 -2.12
CA TRP A 22 -0.96 -0.74 -1.91
C TRP A 22 -0.44 -1.27 -0.57
N PHE A 23 0.86 -1.59 -0.54
CA PHE A 23 1.48 -2.11 0.67
C PHE A 23 2.78 -1.38 0.97
N TYR A 24 3.11 -1.26 2.26
CA TYR A 24 4.32 -0.58 2.69
C TYR A 24 5.12 -1.44 3.67
N LEU A 25 6.39 -1.64 3.37
CA LEU A 25 7.25 -2.44 4.23
C LEU A 25 7.39 -1.81 5.62
N ALA A 26 7.68 -2.63 6.61
CA ALA A 26 7.84 -2.15 7.97
C ALA A 26 9.27 -2.35 8.47
N GLU A 27 9.63 -1.66 9.55
CA GLU A 27 10.96 -1.76 10.11
C GLU A 27 11.34 -3.21 10.36
N CYS A 28 10.42 -3.97 10.96
CA CYS A 28 10.66 -5.38 11.26
C CYS A 28 10.95 -6.15 9.97
N GLY A 29 10.35 -5.73 8.87
CA GLY A 29 10.54 -6.40 7.60
C GLY A 29 9.28 -7.09 7.11
N LYS A 30 8.15 -6.42 7.26
CA LYS A 30 6.87 -6.97 6.82
C LYS A 30 6.07 -5.94 6.03
N TRP A 31 5.46 -6.38 4.94
CA TRP A 31 4.65 -5.50 4.10
C TRP A 31 3.25 -5.32 4.67
N HIS A 32 2.94 -4.11 5.10
CA HIS A 32 1.63 -3.81 5.66
C HIS A 32 0.76 -3.06 4.65
N MET A 33 -0.33 -3.69 4.24
CA MET A 33 -1.25 -3.09 3.28
C MET A 33 -1.67 -1.70 3.73
N PHE A 34 -1.26 -0.68 2.98
CA PHE A 34 -1.59 0.70 3.30
C PHE A 34 -2.98 0.80 3.92
N GLN A 35 -3.07 1.43 5.08
CA GLN A 35 -4.35 1.60 5.76
C GLN A 35 -4.37 2.91 6.54
N PRO A 36 -5.59 3.44 6.75
CA PRO A 36 -5.80 4.70 7.47
C PRO A 36 -5.49 4.56 8.97
N ASP A 37 -4.40 5.17 9.40
CA ASP A 37 -4.00 5.12 10.81
C ASP A 37 -5.08 5.73 11.70
N THR A 38 -5.01 5.42 12.99
CA THR A 38 -5.98 5.93 13.95
C THR A 38 -6.36 7.38 13.63
N ASN A 39 -7.55 7.78 14.07
CA ASN A 39 -8.03 9.13 13.83
C ASN A 39 -6.99 10.16 14.24
N SER A 40 -6.38 9.94 15.39
CA SER A 40 -5.36 10.85 15.91
C SER A 40 -4.29 11.13 14.85
N GLN A 41 -3.66 10.06 14.36
CA GLN A 41 -2.62 10.19 13.35
C GLN A 41 -3.08 9.61 12.02
N CYS A 42 -4.33 9.89 11.67
CA CYS A 42 -4.90 9.39 10.42
C CYS A 42 -3.94 9.64 9.25
N SER A 43 -3.55 8.58 8.57
CA SER A 43 -2.63 8.68 7.44
C SER A 43 -3.36 8.40 6.13
N VAL A 44 -2.64 8.53 5.03
CA VAL A 44 -3.20 8.28 3.70
C VAL A 44 -3.38 6.78 3.45
N SER A 45 -4.58 6.38 3.06
CA SER A 45 -4.88 4.98 2.80
C SER A 45 -4.48 4.61 1.36
N SER A 46 -4.40 3.31 1.09
CA SER A 46 -4.04 2.82 -0.23
C SER A 46 -4.68 3.67 -1.32
N GLU A 47 -5.96 4.00 -1.13
CA GLU A 47 -6.68 4.81 -2.10
C GLU A 47 -5.82 5.97 -2.59
N ASP A 48 -5.39 6.82 -1.67
CA ASP A 48 -4.56 7.97 -2.00
C ASP A 48 -3.29 7.53 -2.73
N ILE A 49 -2.47 6.73 -2.05
CA ILE A 49 -1.23 6.24 -2.62
C ILE A 49 -1.43 5.80 -4.07
N GLU A 50 -2.56 5.14 -4.32
CA GLU A 50 -2.87 4.65 -5.66
C GLU A 50 -3.19 5.81 -6.60
N LYS A 51 -4.32 6.48 -6.34
CA LYS A 51 -4.74 7.61 -7.16
C LYS A 51 -3.55 8.48 -7.53
N SER A 52 -2.62 8.64 -6.59
CA SER A 52 -1.43 9.46 -6.80
C SER A 52 -0.50 8.80 -7.82
N PHE A 53 -0.14 7.55 -7.55
CA PHE A 53 0.75 6.82 -8.44
C PHE A 53 0.26 6.87 -9.88
N LYS A 54 -1.05 6.68 -10.06
CA LYS A 54 -1.65 6.71 -11.39
C LYS A 54 -1.23 7.96 -12.15
N THR A 55 -1.52 9.12 -11.58
CA THR A 55 -1.17 10.39 -12.20
C THR A 55 0.27 10.38 -12.71
N ASN A 56 1.19 9.88 -11.88
CA ASN A 56 2.60 9.82 -12.26
C ASN A 56 3.26 8.60 -11.63
N PRO A 57 3.52 7.57 -12.44
CA PRO A 57 4.16 6.34 -11.98
C PRO A 57 5.62 6.54 -11.63
N CYS A 58 6.17 7.67 -12.04
CA CYS A 58 7.58 7.99 -11.77
C CYS A 58 7.69 9.29 -10.98
N GLY A 59 6.80 9.48 -10.01
CA GLY A 59 6.83 10.68 -9.21
C GLY A 59 6.79 10.38 -7.72
N SER A 60 6.50 11.41 -6.92
CA SER A 60 6.43 11.25 -5.47
C SER A 60 5.17 11.91 -4.91
N ILE A 61 4.66 11.35 -3.82
CA ILE A 61 3.46 11.89 -3.19
C ILE A 61 3.79 12.53 -1.84
N SER A 62 3.74 13.85 -1.79
CA SER A 62 4.03 14.59 -0.57
C SER A 62 2.75 14.96 0.16
N PHE A 63 2.54 14.37 1.33
CA PHE A 63 1.36 14.63 2.14
C PHE A 63 1.73 14.88 3.60
N THR A 64 0.91 15.67 4.28
CA THR A 64 1.15 15.99 5.68
C THR A 64 -0.03 15.61 6.55
N THR A 65 0.22 14.82 7.59
CA THR A 65 -0.84 14.39 8.50
C THR A 65 -1.06 15.40 9.62
N SER A 66 -1.94 15.06 10.55
CA SER A 66 -2.25 15.94 11.67
C SER A 66 -1.01 16.73 12.09
N LYS A 67 -0.06 16.04 12.72
CA LYS A 67 1.17 16.67 13.17
C LYS A 67 2.39 15.86 12.75
N PHE A 68 2.42 15.46 11.48
CA PHE A 68 3.52 14.68 10.95
C PHE A 68 3.59 14.78 9.44
N SER A 69 4.74 14.44 8.87
CA SER A 69 4.93 14.50 7.42
C SER A 69 5.47 13.17 6.89
N TYR A 70 5.17 12.90 5.63
CA TYR A 70 5.63 11.66 4.99
C TYR A 70 5.74 11.83 3.48
N LYS A 71 6.82 11.31 2.91
CA LYS A 71 7.05 11.40 1.47
C LYS A 71 7.22 10.02 0.85
N ILE A 72 6.22 9.57 0.12
CA ILE A 72 6.25 8.27 -0.53
C ILE A 72 6.55 8.39 -2.02
N ASP A 73 7.79 8.10 -2.39
CA ASP A 73 8.20 8.19 -3.79
C ASP A 73 7.91 6.87 -4.52
N PHE A 74 7.30 6.98 -5.68
CA PHE A 74 6.96 5.81 -6.48
C PHE A 74 8.14 5.37 -7.34
N ALA A 75 8.76 6.34 -8.01
CA ALA A 75 9.91 6.06 -8.86
C ALA A 75 10.98 5.29 -8.10
N GLU A 76 11.27 5.74 -6.88
CA GLU A 76 12.28 5.09 -6.05
C GLU A 76 11.73 3.81 -5.43
N MET A 77 10.44 3.59 -5.57
CA MET A 77 9.79 2.40 -5.03
C MET A 77 10.10 2.24 -3.54
N LYS A 78 9.98 3.33 -2.80
CA LYS A 78 10.25 3.31 -1.37
C LYS A 78 9.62 4.53 -0.68
N GLN A 79 9.24 4.36 0.58
CA GLN A 79 8.64 5.44 1.35
C GLN A 79 9.68 6.18 2.17
N MET A 80 9.82 7.48 1.91
CA MET A 80 10.78 8.31 2.63
C MET A 80 10.14 8.95 3.85
N ASN A 81 10.57 8.53 5.03
CA ASN A 81 10.04 9.07 6.28
C ASN A 81 10.73 10.39 6.65
N LEU A 82 9.98 11.30 7.25
CA LEU A 82 10.52 12.58 7.65
C LEU A 82 10.40 12.79 9.16
N THR A 83 9.24 12.43 9.71
CA THR A 83 9.00 12.57 11.13
C THR A 83 10.08 11.86 11.95
N THR A 84 10.47 10.67 11.49
CA THR A 84 11.50 9.89 12.17
C THR A 84 12.75 9.76 11.31
N GLY A 85 12.58 9.88 10.00
CA GLY A 85 13.70 9.78 9.10
C GLY A 85 13.99 8.35 8.69
N LYS A 86 13.04 7.46 8.95
CA LYS A 86 13.19 6.05 8.61
C LYS A 86 13.05 5.84 7.10
N GLN A 87 13.29 4.61 6.65
CA GLN A 87 13.20 4.28 5.24
C GLN A 87 12.60 2.89 5.05
N ARG A 88 11.70 2.76 4.08
CA ARG A 88 11.06 1.49 3.81
C ARG A 88 10.71 1.36 2.32
N LEU A 89 10.37 0.16 1.89
CA LEU A 89 10.02 -0.09 0.49
C LEU A 89 8.50 -0.12 0.32
N ILE A 90 8.05 -0.04 -0.93
CA ILE A 90 6.62 -0.07 -1.23
C ILE A 90 6.35 -0.90 -2.46
N LYS A 91 5.22 -1.61 -2.46
CA LYS A 91 4.83 -2.44 -3.58
C LYS A 91 3.34 -2.27 -3.90
N ARG A 92 2.99 -2.51 -5.16
CA ARG A 92 1.60 -2.38 -5.60
C ARG A 92 1.07 -3.70 -6.14
N ALA A 93 0.12 -4.29 -5.42
CA ALA A 93 -0.47 -5.56 -5.82
C ALA A 93 -1.93 -5.65 -5.38
N PRO A 94 -2.67 -6.60 -5.98
CA PRO A 94 -4.09 -6.81 -5.68
C PRO A 94 -4.29 -7.38 -4.28
N PHE A 95 -5.50 -7.25 -3.76
CA PHE A 95 -5.84 -7.76 -2.44
C PHE A 95 -5.33 -9.19 -2.27
N SER A 96 -5.78 -10.07 -3.16
CA SER A 96 -5.38 -11.47 -3.11
C SER A 96 -5.89 -12.14 -1.83
N SER A 97 -7.13 -11.82 -1.46
CA SER A 97 -7.74 -12.39 -0.26
C SER A 97 -9.26 -12.34 -0.35
N GLY A 98 -9.92 -13.06 0.54
CA GLY A 98 -11.37 -13.09 0.56
C GLY A 98 -11.96 -12.03 1.47
N PRO A 99 -13.01 -11.34 0.98
CA PRO A 99 -13.69 -10.29 1.74
C PRO A 99 -14.49 -10.86 2.92
N SER A 100 -14.57 -12.18 2.99
CA SER A 100 -15.30 -12.84 4.07
C SER A 100 -14.91 -12.27 5.42
N SER A 101 -15.78 -11.43 5.98
CA SER A 101 -15.51 -10.81 7.28
C SER A 101 -16.78 -10.76 8.12
N GLY A 102 -16.64 -10.31 9.36
CA GLY A 102 -17.78 -10.22 10.26
C GLY A 102 -17.54 -10.96 11.56
N GLY A 1 20.21 -30.93 2.93
CA GLY A 1 18.90 -31.30 2.43
C GLY A 1 18.20 -30.13 1.76
N SER A 2 17.20 -30.43 0.93
CA SER A 2 16.45 -29.40 0.22
C SER A 2 14.95 -29.58 0.44
N SER A 3 14.45 -29.02 1.53
CA SER A 3 13.03 -29.11 1.85
C SER A 3 12.26 -27.92 1.28
N GLY A 4 11.53 -28.17 0.21
CA GLY A 4 10.76 -27.11 -0.42
C GLY A 4 11.61 -26.18 -1.24
N SER A 5 11.24 -26.00 -2.51
CA SER A 5 11.98 -25.13 -3.41
C SER A 5 11.13 -23.94 -3.85
N SER A 6 10.01 -24.24 -4.50
CA SER A 6 9.10 -23.20 -4.97
C SER A 6 7.69 -23.74 -5.17
N GLY A 7 6.73 -22.84 -5.30
CA GLY A 7 5.35 -23.25 -5.49
C GLY A 7 4.39 -22.09 -5.50
N ASN A 8 3.92 -21.72 -6.69
CA ASN A 8 2.99 -20.60 -6.82
C ASN A 8 1.55 -21.09 -6.85
N GLU A 9 1.27 -22.05 -7.74
CA GLU A 9 -0.07 -22.61 -7.86
C GLU A 9 -1.10 -21.51 -8.08
N VAL A 10 -0.75 -20.53 -8.91
CA VAL A 10 -1.64 -19.42 -9.21
C VAL A 10 -1.96 -19.34 -10.70
N ASP A 11 -3.24 -19.32 -11.03
CA ASP A 11 -3.68 -19.25 -12.41
C ASP A 11 -4.46 -17.96 -12.67
N ASP A 12 -3.88 -17.07 -13.47
CA ASP A 12 -4.52 -15.80 -13.80
C ASP A 12 -5.98 -16.02 -14.21
N MET A 13 -6.82 -15.05 -13.88
CA MET A 13 -8.24 -15.13 -14.22
C MET A 13 -8.67 -13.92 -15.05
N ASP A 14 -9.68 -14.13 -15.90
CA ASP A 14 -10.19 -13.06 -16.74
C ASP A 14 -11.40 -12.39 -16.11
N THR A 15 -11.15 -11.40 -15.26
CA THR A 15 -12.23 -10.68 -14.59
C THR A 15 -11.75 -9.31 -14.12
N SER A 16 -12.66 -8.34 -14.13
CA SER A 16 -12.35 -6.98 -13.71
C SER A 16 -12.68 -6.78 -12.24
N ASP A 17 -12.35 -7.76 -11.42
CA ASP A 17 -12.61 -7.70 -9.99
C ASP A 17 -11.31 -7.57 -9.21
N THR A 18 -10.20 -7.90 -9.86
CA THR A 18 -8.89 -7.83 -9.21
C THR A 18 -8.62 -6.43 -8.66
N GLN A 19 -8.76 -6.28 -7.35
CA GLN A 19 -8.54 -5.00 -6.70
C GLN A 19 -7.09 -4.85 -6.28
N TRP A 20 -6.43 -3.81 -6.77
CA TRP A 20 -5.03 -3.56 -6.45
C TRP A 20 -4.91 -2.70 -5.19
N GLY A 21 -4.18 -3.21 -4.20
CA GLY A 21 -4.00 -2.48 -2.96
C GLY A 21 -2.58 -1.98 -2.77
N TRP A 22 -2.42 -0.95 -1.96
CA TRP A 22 -1.10 -0.38 -1.70
C TRP A 22 -0.59 -0.78 -0.32
N PHE A 23 0.68 -1.15 -0.24
CA PHE A 23 1.28 -1.56 1.02
C PHE A 23 2.59 -0.82 1.26
N TYR A 24 3.10 -0.92 2.47
CA TYR A 24 4.35 -0.25 2.84
C TYR A 24 5.07 -1.00 3.96
N LEU A 25 6.32 -1.35 3.72
CA LEU A 25 7.12 -2.07 4.72
C LEU A 25 7.15 -1.32 6.04
N ALA A 26 7.42 -2.04 7.12
CA ALA A 26 7.48 -1.44 8.45
C ALA A 26 8.89 -1.55 9.03
N GLU A 27 9.17 -0.74 10.06
CA GLU A 27 10.47 -0.75 10.71
C GLU A 27 10.88 -2.17 11.07
N CYS A 28 10.01 -2.87 11.78
CA CYS A 28 10.28 -4.24 12.19
C CYS A 28 10.48 -5.15 10.99
N GLY A 29 9.79 -4.83 9.90
CA GLY A 29 9.91 -5.63 8.69
C GLY A 29 8.60 -6.31 8.31
N LYS A 30 7.51 -5.57 8.40
CA LYS A 30 6.20 -6.11 8.08
C LYS A 30 5.40 -5.12 7.23
N TRP A 31 5.07 -5.52 6.01
CA TRP A 31 4.31 -4.66 5.10
C TRP A 31 2.87 -4.50 5.59
N HIS A 32 2.46 -3.26 5.82
CA HIS A 32 1.12 -2.97 6.29
C HIS A 32 0.33 -2.20 5.23
N MET A 33 -0.76 -2.81 4.76
CA MET A 33 -1.60 -2.18 3.74
C MET A 33 -2.12 -0.83 4.22
N PHE A 34 -1.78 0.23 3.49
CA PHE A 34 -2.21 1.58 3.85
C PHE A 34 -3.66 1.57 4.34
N GLN A 35 -3.95 2.46 5.28
CA GLN A 35 -5.30 2.55 5.84
C GLN A 35 -5.72 4.01 6.00
N PRO A 36 -7.02 4.29 5.80
CA PRO A 36 -7.57 5.64 5.92
C PRO A 36 -7.59 6.12 7.37
N ASP A 37 -7.39 7.42 7.55
CA ASP A 37 -7.39 8.01 8.89
C ASP A 37 -7.61 9.51 8.82
N THR A 38 -8.59 10.01 9.57
CA THR A 38 -8.89 11.43 9.60
C THR A 38 -8.29 12.11 10.82
N ASN A 39 -8.59 11.59 12.00
CA ASN A 39 -8.07 12.14 13.24
C ASN A 39 -7.06 11.21 13.88
N SER A 40 -7.47 9.97 14.13
CA SER A 40 -6.60 8.98 14.73
C SER A 40 -5.53 8.51 13.74
N GLN A 41 -4.33 9.06 13.88
CA GLN A 41 -3.22 8.70 13.00
C GLN A 41 -3.56 9.01 11.55
N CYS A 42 -4.15 10.18 11.32
CA CYS A 42 -4.53 10.61 9.99
C CYS A 42 -3.52 10.10 8.96
N SER A 43 -4.03 9.71 7.79
CA SER A 43 -3.17 9.20 6.72
C SER A 43 -3.94 9.15 5.40
N VAL A 44 -3.28 8.60 4.37
CA VAL A 44 -3.90 8.49 3.05
C VAL A 44 -4.39 7.07 2.80
N SER A 45 -5.54 6.96 2.15
CA SER A 45 -6.13 5.66 1.85
C SER A 45 -5.53 5.08 0.57
N SER A 46 -5.45 3.76 0.50
CA SER A 46 -4.90 3.08 -0.67
C SER A 46 -5.37 3.74 -1.96
N GLU A 47 -6.61 4.24 -1.94
CA GLU A 47 -7.19 4.89 -3.11
C GLU A 47 -6.35 6.10 -3.53
N ASP A 48 -5.98 6.91 -2.54
CA ASP A 48 -5.19 8.11 -2.80
C ASP A 48 -3.83 7.74 -3.39
N ILE A 49 -3.03 7.01 -2.62
CA ILE A 49 -1.71 6.59 -3.06
C ILE A 49 -1.76 6.04 -4.49
N GLU A 50 -2.80 5.27 -4.78
CA GLU A 50 -2.97 4.68 -6.11
C GLU A 50 -3.38 5.75 -7.12
N LYS A 51 -4.59 6.27 -6.97
CA LYS A 51 -5.11 7.30 -7.87
C LYS A 51 -4.00 8.25 -8.30
N SER A 52 -3.01 8.44 -7.42
CA SER A 52 -1.90 9.33 -7.72
C SER A 52 -0.90 8.66 -8.66
N PHE A 53 -0.24 7.63 -8.17
CA PHE A 53 0.75 6.90 -8.97
C PHE A 53 0.23 6.68 -10.39
N LYS A 54 -1.09 6.67 -10.54
CA LYS A 54 -1.71 6.48 -11.85
C LYS A 54 -1.12 7.43 -12.88
N THR A 55 -1.37 8.72 -12.69
CA THR A 55 -0.87 9.74 -13.61
C THR A 55 0.65 9.90 -13.47
N ASN A 56 1.13 9.94 -12.23
CA ASN A 56 2.55 10.09 -11.96
C ASN A 56 3.12 8.82 -11.33
N PRO A 57 3.36 7.80 -12.16
CA PRO A 57 3.90 6.52 -11.70
C PRO A 57 5.36 6.64 -11.28
N CYS A 58 5.99 7.75 -11.62
CA CYS A 58 7.39 7.98 -11.27
C CYS A 58 7.55 9.31 -10.53
N GLY A 59 6.58 9.63 -9.69
CA GLY A 59 6.63 10.86 -8.92
C GLY A 59 6.66 10.63 -7.43
N SER A 60 5.84 11.37 -6.70
CA SER A 60 5.78 11.24 -5.25
C SER A 60 4.58 11.99 -4.68
N ILE A 61 4.24 11.69 -3.44
CA ILE A 61 3.10 12.33 -2.78
C ILE A 61 3.44 12.70 -1.34
N SER A 62 3.64 13.99 -1.10
CA SER A 62 3.98 14.47 0.24
C SER A 62 2.71 14.67 1.07
N PHE A 63 2.79 14.29 2.34
CA PHE A 63 1.65 14.43 3.25
C PHE A 63 2.08 14.24 4.70
N THR A 64 1.14 14.42 5.62
CA THR A 64 1.42 14.27 7.04
C THR A 64 0.40 13.36 7.71
N THR A 65 0.75 12.87 8.90
CA THR A 65 -0.14 11.97 9.64
C THR A 65 -0.23 12.38 11.11
N SER A 66 0.85 12.14 11.86
CA SER A 66 0.87 12.49 13.28
C SER A 66 2.07 13.37 13.59
N LYS A 67 1.87 14.68 13.47
CA LYS A 67 2.94 15.64 13.73
C LYS A 67 4.22 15.25 13.03
N PHE A 68 4.08 14.58 11.88
CA PHE A 68 5.24 14.15 11.11
C PHE A 68 4.97 14.28 9.62
N SER A 69 6.02 14.13 8.82
CA SER A 69 5.91 14.23 7.36
C SER A 69 6.49 12.99 6.69
N TYR A 70 5.99 12.70 5.49
CA TYR A 70 6.46 11.54 4.74
C TYR A 70 6.28 11.77 3.23
N LYS A 71 7.35 11.50 2.48
CA LYS A 71 7.31 11.67 1.03
C LYS A 71 7.42 10.33 0.32
N ILE A 72 6.30 9.79 -0.11
CA ILE A 72 6.27 8.50 -0.80
C ILE A 72 6.64 8.67 -2.28
N ASP A 73 7.88 8.32 -2.61
CA ASP A 73 8.35 8.43 -3.98
C ASP A 73 8.05 7.16 -4.77
N PHE A 74 7.27 7.29 -5.84
CA PHE A 74 6.90 6.15 -6.67
C PHE A 74 8.04 5.78 -7.62
N ALA A 75 8.64 6.80 -8.22
CA ALA A 75 9.75 6.58 -9.16
C ALA A 75 10.80 5.67 -8.56
N GLU A 76 10.94 5.72 -7.24
CA GLU A 76 11.91 4.88 -6.54
C GLU A 76 11.24 3.70 -5.85
N MET A 77 9.90 3.69 -5.88
CA MET A 77 9.14 2.62 -5.26
C MET A 77 9.52 2.45 -3.79
N LYS A 78 9.53 3.56 -3.05
CA LYS A 78 9.88 3.53 -1.64
C LYS A 78 9.37 4.78 -0.93
N GLN A 79 9.19 4.69 0.38
CA GLN A 79 8.71 5.81 1.17
C GLN A 79 9.87 6.57 1.79
N MET A 80 9.72 7.89 1.92
CA MET A 80 10.75 8.73 2.50
C MET A 80 10.35 9.22 3.89
N ASN A 81 11.18 8.90 4.88
CA ASN A 81 10.91 9.29 6.26
C ASN A 81 11.66 10.58 6.61
N LEU A 82 10.92 11.68 6.68
CA LEU A 82 11.51 12.97 7.02
C LEU A 82 11.43 13.24 8.52
N THR A 83 10.65 12.43 9.22
CA THR A 83 10.49 12.58 10.66
C THR A 83 11.66 11.94 11.41
N THR A 84 12.12 10.80 10.91
CA THR A 84 13.24 10.09 11.53
C THR A 84 14.44 10.04 10.61
N GLY A 85 14.18 10.12 9.30
CA GLY A 85 15.27 10.07 8.34
C GLY A 85 15.65 8.66 7.94
N LYS A 86 14.66 7.78 7.89
CA LYS A 86 14.90 6.38 7.53
C LYS A 86 14.37 6.08 6.13
N GLN A 87 14.60 4.86 5.66
CA GLN A 87 14.14 4.45 4.34
C GLN A 87 13.18 3.27 4.44
N ARG A 88 12.03 3.40 3.80
CA ARG A 88 11.02 2.35 3.82
C ARG A 88 10.66 1.90 2.40
N LEU A 89 10.40 0.62 2.24
CA LEU A 89 10.04 0.06 0.94
C LEU A 89 8.53 -0.03 0.78
N ILE A 90 8.07 0.01 -0.47
CA ILE A 90 6.64 -0.07 -0.76
C ILE A 90 6.36 -1.09 -1.86
N LYS A 91 5.22 -1.76 -1.76
CA LYS A 91 4.83 -2.76 -2.76
C LYS A 91 3.37 -2.58 -3.17
N ARG A 92 3.08 -2.86 -4.43
CA ARG A 92 1.72 -2.73 -4.95
C ARG A 92 1.21 -4.07 -5.47
N ALA A 93 0.29 -4.67 -4.72
CA ALA A 93 -0.29 -5.95 -5.11
C ALA A 93 -1.78 -6.01 -4.79
N PRO A 94 -2.48 -7.00 -5.35
CA PRO A 94 -3.91 -7.19 -5.14
C PRO A 94 -4.23 -7.65 -3.72
N PHE A 95 -5.42 -7.28 -3.24
CA PHE A 95 -5.84 -7.67 -1.89
C PHE A 95 -5.45 -9.10 -1.58
N SER A 96 -5.65 -9.99 -2.55
CA SER A 96 -5.33 -11.40 -2.38
C SER A 96 -4.09 -11.77 -3.19
N SER A 97 -2.93 -11.67 -2.56
CA SER A 97 -1.67 -12.01 -3.22
C SER A 97 -1.75 -13.36 -3.91
N GLY A 98 -1.95 -14.41 -3.11
CA GLY A 98 -2.04 -15.75 -3.65
C GLY A 98 -3.13 -16.57 -2.99
N PRO A 99 -3.01 -17.91 -3.08
CA PRO A 99 -3.97 -18.83 -2.48
C PRO A 99 -3.93 -18.83 -0.96
N SER A 100 -4.98 -18.32 -0.34
CA SER A 100 -5.06 -18.25 1.11
C SER A 100 -5.98 -19.34 1.66
N SER A 101 -6.07 -19.43 2.98
CA SER A 101 -6.91 -20.42 3.64
C SER A 101 -8.21 -19.79 4.14
N GLY A 102 -8.08 -18.64 4.80
CA GLY A 102 -9.25 -17.96 5.33
C GLY A 102 -9.10 -17.60 6.79
N GLY A 1 7.75 -24.58 7.45
CA GLY A 1 8.79 -24.52 6.45
C GLY A 1 8.28 -24.09 5.10
N SER A 2 8.85 -23.01 4.55
CA SER A 2 8.44 -22.49 3.26
C SER A 2 9.36 -23.00 2.15
N SER A 3 9.71 -24.27 2.23
CA SER A 3 10.59 -24.87 1.23
C SER A 3 9.81 -25.34 0.01
N GLY A 4 8.73 -26.08 0.25
CA GLY A 4 7.90 -26.57 -0.84
C GLY A 4 7.32 -25.45 -1.67
N SER A 5 7.97 -25.13 -2.77
CA SER A 5 7.51 -24.06 -3.66
C SER A 5 6.16 -24.41 -4.27
N SER A 6 5.14 -23.62 -3.94
CA SER A 6 3.79 -23.84 -4.45
C SER A 6 2.95 -22.58 -4.35
N GLY A 7 2.63 -21.98 -5.48
CA GLY A 7 1.83 -20.77 -5.49
C GLY A 7 0.38 -21.03 -5.13
N ASN A 8 -0.46 -20.01 -5.25
CA ASN A 8 -1.87 -20.14 -4.93
C ASN A 8 -2.70 -20.32 -6.19
N GLU A 9 -3.56 -21.34 -6.18
CA GLU A 9 -4.42 -21.62 -7.33
C GLU A 9 -5.88 -21.35 -7.00
N VAL A 10 -6.33 -20.13 -7.29
CA VAL A 10 -7.70 -19.74 -7.02
C VAL A 10 -8.56 -19.86 -8.28
N ASP A 11 -7.98 -19.53 -9.42
CA ASP A 11 -8.69 -19.61 -10.69
C ASP A 11 -7.73 -19.96 -11.83
N ASP A 12 -8.10 -20.95 -12.63
CA ASP A 12 -7.28 -21.38 -13.75
C ASP A 12 -7.57 -20.55 -14.99
N MET A 13 -7.86 -19.26 -14.78
CA MET A 13 -8.16 -18.36 -15.88
C MET A 13 -7.91 -16.91 -15.47
N ASP A 14 -7.58 -16.07 -16.45
CA ASP A 14 -7.32 -14.66 -16.18
C ASP A 14 -8.34 -14.09 -15.20
N THR A 15 -7.97 -12.99 -14.56
CA THR A 15 -8.85 -12.34 -13.59
C THR A 15 -9.21 -10.93 -14.02
N SER A 16 -10.48 -10.73 -14.38
CA SER A 16 -10.96 -9.42 -14.82
C SER A 16 -11.08 -8.46 -13.65
N ASP A 17 -11.91 -8.82 -12.67
CA ASP A 17 -12.11 -8.01 -11.49
C ASP A 17 -10.99 -8.20 -10.48
N THR A 18 -10.02 -7.29 -10.49
CA THR A 18 -8.88 -7.37 -9.58
C THR A 18 -8.58 -6.00 -8.97
N GLN A 19 -8.74 -5.89 -7.66
CA GLN A 19 -8.48 -4.65 -6.96
C GLN A 19 -7.02 -4.57 -6.52
N TRP A 20 -6.32 -3.55 -7.02
CA TRP A 20 -4.91 -3.36 -6.67
C TRP A 20 -4.76 -2.55 -5.40
N GLY A 21 -4.14 -3.15 -4.39
CA GLY A 21 -3.95 -2.46 -3.13
C GLY A 21 -2.53 -1.93 -2.96
N TRP A 22 -2.31 -1.18 -1.88
CA TRP A 22 -0.98 -0.62 -1.61
C TRP A 22 -0.49 -1.06 -0.24
N PHE A 23 0.82 -1.26 -0.14
CA PHE A 23 1.43 -1.68 1.12
C PHE A 23 2.78 -1.00 1.33
N TYR A 24 3.28 -1.05 2.56
CA TYR A 24 4.56 -0.43 2.89
C TYR A 24 5.29 -1.22 3.97
N LEU A 25 6.57 -1.52 3.71
CA LEU A 25 7.37 -2.28 4.65
C LEU A 25 7.59 -1.49 5.94
N ALA A 26 6.96 -1.94 7.02
CA ALA A 26 7.09 -1.28 8.31
C ALA A 26 8.46 -1.53 8.92
N GLU A 27 8.78 -0.77 9.95
CA GLU A 27 10.08 -0.90 10.62
C GLU A 27 10.21 -2.27 11.28
N CYS A 28 9.10 -2.78 11.80
CA CYS A 28 9.10 -4.08 12.46
C CYS A 28 9.48 -5.18 11.48
N GLY A 29 9.16 -4.99 10.21
CA GLY A 29 9.47 -5.97 9.19
C GLY A 29 8.27 -6.35 8.36
N LYS A 30 7.12 -6.46 9.00
CA LYS A 30 5.88 -6.82 8.32
C LYS A 30 5.31 -5.63 7.57
N TRP A 31 4.82 -5.86 6.35
CA TRP A 31 4.24 -4.81 5.54
C TRP A 31 2.82 -4.48 6.00
N HIS A 32 2.57 -3.20 6.25
CA HIS A 32 1.26 -2.74 6.69
C HIS A 32 0.51 -2.05 5.57
N MET A 33 -0.57 -2.68 5.11
CA MET A 33 -1.37 -2.11 4.03
C MET A 33 -1.89 -0.72 4.39
N PHE A 34 -1.91 0.17 3.41
CA PHE A 34 -2.38 1.53 3.63
C PHE A 34 -3.82 1.55 4.12
N GLN A 35 -4.09 2.36 5.13
CA GLN A 35 -5.43 2.47 5.69
C GLN A 35 -5.67 3.86 6.29
N PRO A 36 -6.91 4.34 6.17
CA PRO A 36 -7.30 5.66 6.69
C PRO A 36 -7.31 5.71 8.22
N ASP A 37 -6.37 6.43 8.78
CA ASP A 37 -6.26 6.57 10.24
C ASP A 37 -7.24 7.61 10.76
N THR A 38 -7.52 7.56 12.05
CA THR A 38 -8.44 8.51 12.68
C THR A 38 -8.10 9.94 12.29
N ASN A 39 -9.02 10.86 12.57
CA ASN A 39 -8.81 12.26 12.25
C ASN A 39 -7.51 12.78 12.87
N SER A 40 -7.30 12.44 14.14
CA SER A 40 -6.10 12.87 14.85
C SER A 40 -4.85 12.62 14.01
N GLN A 41 -4.66 11.37 13.62
CA GLN A 41 -3.50 11.00 12.81
C GLN A 41 -3.93 10.51 11.43
N CYS A 42 -4.90 11.19 10.85
CA CYS A 42 -5.41 10.82 9.52
C CYS A 42 -4.26 10.49 8.57
N SER A 43 -4.31 9.30 7.99
CA SER A 43 -3.26 8.86 7.08
C SER A 43 -3.82 8.71 5.66
N VAL A 44 -2.95 8.37 4.72
CA VAL A 44 -3.34 8.20 3.33
C VAL A 44 -3.75 6.76 3.05
N SER A 45 -4.90 6.59 2.40
CA SER A 45 -5.41 5.26 2.07
C SER A 45 -4.94 4.84 0.68
N SER A 46 -4.86 3.52 0.47
CA SER A 46 -4.43 2.98 -0.81
C SER A 46 -4.90 3.87 -1.96
N GLU A 47 -6.12 4.35 -1.87
CA GLU A 47 -6.69 5.21 -2.90
C GLU A 47 -5.83 6.45 -3.12
N ASP A 48 -5.64 7.22 -2.05
CA ASP A 48 -4.83 8.44 -2.12
C ASP A 48 -3.54 8.19 -2.89
N ILE A 49 -2.80 7.15 -2.49
CA ILE A 49 -1.55 6.81 -3.14
C ILE A 49 -1.79 6.32 -4.57
N GLU A 50 -2.47 5.20 -4.71
CA GLU A 50 -2.76 4.62 -6.02
C GLU A 50 -3.19 5.72 -6.99
N LYS A 51 -3.85 6.75 -6.48
CA LYS A 51 -4.31 7.86 -7.31
C LYS A 51 -3.12 8.57 -7.96
N SER A 52 -2.23 9.11 -7.13
CA SER A 52 -1.06 9.81 -7.62
C SER A 52 -0.20 8.91 -8.50
N PHE A 53 -0.05 7.66 -8.09
CA PHE A 53 0.73 6.69 -8.84
C PHE A 53 0.15 6.48 -10.23
N LYS A 54 -1.14 6.17 -10.28
CA LYS A 54 -1.83 5.94 -11.55
C LYS A 54 -1.52 7.06 -12.54
N THR A 55 -1.88 8.28 -12.17
CA THR A 55 -1.65 9.43 -13.03
C THR A 55 -0.17 9.55 -13.41
N ASN A 56 0.70 9.35 -12.43
CA ASN A 56 2.14 9.43 -12.65
C ASN A 56 2.87 8.29 -11.94
N PRO A 57 3.31 7.29 -12.72
CA PRO A 57 4.02 6.13 -12.19
C PRO A 57 5.42 6.50 -11.69
N CYS A 58 5.94 7.62 -12.16
CA CYS A 58 7.27 8.08 -11.76
C CYS A 58 7.17 9.39 -10.99
N GLY A 59 6.18 9.50 -10.11
CA GLY A 59 6.01 10.70 -9.33
C GLY A 59 6.05 10.43 -7.83
N SER A 60 5.64 11.42 -7.05
CA SER A 60 5.64 11.28 -5.59
C SER A 60 4.37 11.87 -4.99
N ILE A 61 4.17 11.62 -3.70
CA ILE A 61 2.99 12.13 -3.01
C ILE A 61 3.33 12.59 -1.60
N SER A 62 3.14 13.88 -1.34
CA SER A 62 3.44 14.44 -0.03
C SER A 62 2.17 14.58 0.81
N PHE A 63 2.29 14.36 2.11
CA PHE A 63 1.16 14.47 3.02
C PHE A 63 1.62 14.54 4.47
N THR A 64 0.68 14.76 5.38
CA THR A 64 0.99 14.85 6.80
C THR A 64 -0.10 14.20 7.65
N THR A 65 0.27 13.74 8.84
CA THR A 65 -0.67 13.10 9.74
C THR A 65 -1.06 14.04 10.88
N SER A 66 -0.15 14.21 11.83
CA SER A 66 -0.40 15.08 12.98
C SER A 66 0.71 16.11 13.13
N LYS A 67 1.87 15.66 13.57
CA LYS A 67 3.03 16.54 13.76
C LYS A 67 4.25 15.99 13.04
N PHE A 68 4.04 15.25 11.97
CA PHE A 68 5.13 14.67 11.20
C PHE A 68 4.84 14.74 9.70
N SER A 69 5.82 14.36 8.89
CA SER A 69 5.68 14.39 7.45
C SER A 69 6.12 13.07 6.83
N TYR A 70 5.60 12.76 5.64
CA TYR A 70 5.94 11.53 4.95
C TYR A 70 5.81 11.70 3.44
N LYS A 71 6.85 11.29 2.71
CA LYS A 71 6.86 11.40 1.26
C LYS A 71 7.04 10.02 0.61
N ILE A 72 6.04 9.60 -0.15
CA ILE A 72 6.08 8.30 -0.82
C ILE A 72 6.43 8.47 -2.30
N ASP A 73 7.62 8.02 -2.67
CA ASP A 73 8.08 8.12 -4.05
C ASP A 73 7.73 6.85 -4.82
N PHE A 74 7.09 7.02 -5.98
CA PHE A 74 6.70 5.88 -6.81
C PHE A 74 7.85 5.47 -7.72
N ALA A 75 8.42 6.44 -8.42
CA ALA A 75 9.52 6.18 -9.34
C ALA A 75 10.63 5.39 -8.64
N GLU A 76 10.85 5.69 -7.37
CA GLU A 76 11.89 5.01 -6.59
C GLU A 76 11.35 3.72 -5.99
N MET A 77 10.04 3.53 -6.07
CA MET A 77 9.40 2.34 -5.53
C MET A 77 9.75 2.16 -4.04
N LYS A 78 9.69 3.25 -3.29
CA LYS A 78 10.01 3.21 -1.87
C LYS A 78 9.40 4.42 -1.16
N GLN A 79 9.34 4.34 0.17
CA GLN A 79 8.79 5.42 0.97
C GLN A 79 9.89 6.28 1.58
N MET A 80 9.86 7.58 1.29
CA MET A 80 10.86 8.50 1.80
C MET A 80 10.43 9.10 3.14
N ASN A 81 11.19 8.81 4.19
CA ASN A 81 10.87 9.32 5.52
C ASN A 81 11.48 10.70 5.74
N LEU A 82 10.75 11.57 6.43
CA LEU A 82 11.21 12.92 6.70
C LEU A 82 11.29 13.17 8.20
N THR A 83 10.21 12.85 8.91
CA THR A 83 10.16 13.05 10.35
C THR A 83 11.34 12.39 11.03
N THR A 84 11.61 11.14 10.69
CA THR A 84 12.73 10.40 11.27
C THR A 84 13.89 10.29 10.29
N GLY A 85 13.57 10.36 8.99
CA GLY A 85 14.60 10.25 7.98
C GLY A 85 14.97 8.81 7.65
N LYS A 86 14.13 7.88 8.10
CA LYS A 86 14.37 6.46 7.85
C LYS A 86 14.01 6.10 6.42
N GLN A 87 14.28 4.85 6.06
CA GLN A 87 13.98 4.37 4.70
C GLN A 87 13.08 3.15 4.75
N ARG A 88 12.14 3.08 3.81
CA ARG A 88 11.20 1.96 3.75
C ARG A 88 10.83 1.64 2.30
N LEU A 89 10.42 0.41 2.05
CA LEU A 89 10.04 -0.02 0.71
C LEU A 89 8.53 -0.13 0.59
N ILE A 90 8.03 -0.04 -0.65
CA ILE A 90 6.59 -0.14 -0.90
C ILE A 90 6.30 -1.10 -2.04
N LYS A 91 5.16 -1.79 -1.95
CA LYS A 91 4.76 -2.74 -2.98
C LYS A 91 3.27 -2.62 -3.28
N ARG A 92 2.92 -2.73 -4.55
CA ARG A 92 1.53 -2.63 -4.98
C ARG A 92 1.01 -3.99 -5.44
N ALA A 93 0.26 -4.66 -4.58
CA ALA A 93 -0.30 -5.97 -4.91
C ALA A 93 -1.81 -5.99 -4.68
N PRO A 94 -2.51 -6.85 -5.44
CA PRO A 94 -3.96 -6.99 -5.33
C PRO A 94 -4.39 -7.64 -4.02
N PHE A 95 -5.57 -7.26 -3.54
CA PHE A 95 -6.10 -7.80 -2.29
C PHE A 95 -6.45 -9.28 -2.44
N SER A 96 -5.50 -10.14 -2.11
CA SER A 96 -5.70 -11.58 -2.21
C SER A 96 -5.29 -12.28 -0.92
N SER A 97 -6.29 -12.64 -0.12
CA SER A 97 -6.04 -13.32 1.16
C SER A 97 -6.81 -14.63 1.24
N GLY A 98 -6.21 -15.69 0.70
CA GLY A 98 -6.86 -16.99 0.72
C GLY A 98 -7.87 -17.15 -0.40
N PRO A 99 -8.67 -18.24 -0.32
CA PRO A 99 -9.69 -18.53 -1.33
C PRO A 99 -10.86 -17.55 -1.26
N SER A 100 -11.80 -17.68 -2.20
CA SER A 100 -12.96 -16.81 -2.26
C SER A 100 -14.24 -17.61 -2.43
N SER A 101 -15.35 -17.05 -1.97
CA SER A 101 -16.64 -17.71 -2.06
C SER A 101 -16.75 -18.50 -3.37
N GLY A 102 -17.50 -19.60 -3.33
CA GLY A 102 -17.67 -20.42 -4.51
C GLY A 102 -18.97 -20.14 -5.24
N GLY A 1 11.22 -21.91 -2.92
CA GLY A 1 10.09 -21.35 -3.66
C GLY A 1 9.05 -20.76 -2.76
N SER A 2 8.93 -19.43 -2.77
CA SER A 2 7.96 -18.73 -1.94
C SER A 2 6.60 -18.67 -2.63
N SER A 3 6.57 -18.05 -3.80
CA SER A 3 5.35 -17.91 -4.57
C SER A 3 4.94 -19.25 -5.20
N GLY A 4 3.80 -19.77 -4.76
CA GLY A 4 3.31 -21.04 -5.28
C GLY A 4 4.05 -22.23 -4.69
N SER A 5 3.29 -23.19 -4.18
CA SER A 5 3.88 -24.38 -3.58
C SER A 5 3.95 -25.52 -4.60
N SER A 6 2.83 -25.78 -5.27
CA SER A 6 2.76 -26.85 -6.26
C SER A 6 2.54 -26.28 -7.65
N GLY A 7 3.25 -25.20 -7.96
CA GLY A 7 3.11 -24.58 -9.27
C GLY A 7 1.81 -23.81 -9.42
N ASN A 8 1.91 -22.55 -9.81
CA ASN A 8 0.73 -21.71 -9.99
C ASN A 8 -0.36 -22.46 -10.74
N GLU A 9 -1.54 -22.55 -10.12
CA GLU A 9 -2.67 -23.23 -10.72
C GLU A 9 -3.76 -22.24 -11.14
N VAL A 10 -3.41 -20.96 -11.11
CA VAL A 10 -4.36 -19.91 -11.48
C VAL A 10 -3.84 -19.10 -12.66
N ASP A 11 -4.71 -18.86 -13.64
CA ASP A 11 -4.34 -18.10 -14.82
C ASP A 11 -3.67 -16.78 -14.44
N ASP A 12 -2.88 -16.23 -15.34
CA ASP A 12 -2.18 -14.98 -15.10
C ASP A 12 -3.17 -13.80 -15.08
N MET A 13 -2.68 -12.63 -14.71
CA MET A 13 -3.51 -11.43 -14.65
C MET A 13 -3.56 -10.75 -16.01
N ASP A 14 -4.57 -11.08 -16.81
CA ASP A 14 -4.74 -10.50 -18.13
C ASP A 14 -6.09 -9.81 -18.25
N THR A 15 -6.49 -9.10 -17.20
CA THR A 15 -7.76 -8.39 -17.18
C THR A 15 -7.62 -7.02 -16.54
N SER A 16 -8.55 -6.13 -16.87
CA SER A 16 -8.52 -4.77 -16.32
C SER A 16 -9.28 -4.71 -15.00
N ASP A 17 -10.46 -5.32 -14.97
CA ASP A 17 -11.29 -5.34 -13.77
C ASP A 17 -10.55 -6.00 -12.61
N THR A 18 -9.80 -5.20 -11.86
CA THR A 18 -9.03 -5.71 -10.72
C THR A 18 -8.58 -4.58 -9.80
N GLN A 19 -8.82 -4.76 -8.50
CA GLN A 19 -8.44 -3.74 -7.52
C GLN A 19 -6.97 -3.87 -7.17
N TRP A 20 -6.23 -2.76 -7.28
CA TRP A 20 -4.81 -2.75 -6.98
C TRP A 20 -4.56 -2.05 -5.64
N GLY A 21 -4.12 -2.83 -4.64
CA GLY A 21 -3.86 -2.28 -3.33
C GLY A 21 -2.40 -1.85 -3.18
N TRP A 22 -2.12 -1.11 -2.12
CA TRP A 22 -0.77 -0.64 -1.85
C TRP A 22 -0.25 -1.17 -0.52
N PHE A 23 1.01 -1.57 -0.49
CA PHE A 23 1.61 -2.11 0.73
C PHE A 23 2.96 -1.43 1.00
N TYR A 24 3.33 -1.36 2.28
CA TYR A 24 4.58 -0.73 2.68
C TYR A 24 5.23 -1.50 3.83
N LEU A 25 6.47 -1.92 3.61
CA LEU A 25 7.21 -2.67 4.63
C LEU A 25 7.17 -1.94 5.96
N ALA A 26 6.90 -2.69 7.03
CA ALA A 26 6.84 -2.12 8.37
C ALA A 26 8.18 -2.27 9.10
N GLU A 27 8.26 -1.73 10.30
CA GLU A 27 9.48 -1.82 11.10
C GLU A 27 9.64 -3.20 11.70
N CYS A 28 8.54 -3.77 12.20
CA CYS A 28 8.57 -5.08 12.80
C CYS A 28 9.06 -6.14 11.81
N GLY A 29 8.79 -5.90 10.54
CA GLY A 29 9.21 -6.84 9.51
C GLY A 29 8.09 -7.17 8.52
N LYS A 30 6.89 -7.35 9.04
CA LYS A 30 5.73 -7.67 8.21
C LYS A 30 5.18 -6.42 7.54
N TRP A 31 4.85 -6.53 6.27
CA TRP A 31 4.30 -5.40 5.51
C TRP A 31 2.87 -5.11 5.92
N HIS A 32 2.53 -3.83 5.98
CA HIS A 32 1.17 -3.42 6.37
C HIS A 32 0.51 -2.63 5.24
N MET A 33 -0.54 -3.21 4.66
CA MET A 33 -1.26 -2.56 3.57
C MET A 33 -1.89 -1.25 4.05
N PHE A 34 -1.51 -0.15 3.41
CA PHE A 34 -2.03 1.16 3.77
C PHE A 34 -3.52 1.07 4.12
N GLN A 35 -3.88 1.64 5.26
CA GLN A 35 -5.27 1.63 5.71
C GLN A 35 -5.76 3.05 5.99
N PRO A 36 -7.03 3.31 5.65
CA PRO A 36 -7.66 4.62 5.85
C PRO A 36 -7.89 4.93 7.34
N ASP A 37 -7.70 6.18 7.71
CA ASP A 37 -7.89 6.61 9.09
C ASP A 37 -8.40 8.04 9.15
N THR A 38 -9.10 8.36 10.24
CA THR A 38 -9.66 9.70 10.42
C THR A 38 -8.84 10.49 11.44
N ASN A 39 -8.95 10.10 12.71
CA ASN A 39 -8.23 10.77 13.79
C ASN A 39 -7.10 9.89 14.31
N SER A 40 -7.42 8.64 14.61
CA SER A 40 -6.43 7.70 15.13
C SER A 40 -5.07 7.94 14.50
N GLN A 41 -4.94 7.59 13.22
CA GLN A 41 -3.69 7.78 12.50
C GLN A 41 -3.84 8.82 11.40
N CYS A 42 -5.07 9.25 11.16
CA CYS A 42 -5.36 10.25 10.13
C CYS A 42 -4.47 10.04 8.90
N SER A 43 -4.05 8.79 8.71
CA SER A 43 -3.20 8.45 7.57
C SER A 43 -3.99 8.48 6.27
N VAL A 44 -3.34 8.06 5.19
CA VAL A 44 -3.99 8.02 3.88
C VAL A 44 -4.56 6.64 3.58
N SER A 45 -5.54 6.59 2.68
CA SER A 45 -6.16 5.33 2.31
C SER A 45 -5.50 4.73 1.08
N SER A 46 -5.43 3.40 1.03
CA SER A 46 -4.81 2.70 -0.09
C SER A 46 -5.20 3.35 -1.42
N GLU A 47 -6.37 3.97 -1.45
CA GLU A 47 -6.86 4.62 -2.65
C GLU A 47 -6.13 5.94 -2.89
N ASP A 48 -6.09 6.78 -1.86
CA ASP A 48 -5.43 8.08 -1.95
C ASP A 48 -4.06 7.94 -2.61
N ILE A 49 -3.17 7.20 -1.96
CA ILE A 49 -1.83 6.98 -2.48
C ILE A 49 -1.87 6.55 -3.94
N GLU A 50 -2.64 5.51 -4.23
CA GLU A 50 -2.77 4.99 -5.59
C GLU A 50 -3.13 6.12 -6.56
N LYS A 51 -4.28 6.73 -6.33
CA LYS A 51 -4.74 7.82 -7.19
C LYS A 51 -3.58 8.72 -7.60
N SER A 52 -2.57 8.80 -6.74
CA SER A 52 -1.40 9.63 -7.00
C SER A 52 -0.47 8.95 -8.00
N PHE A 53 -0.17 7.68 -7.74
CA PHE A 53 0.71 6.91 -8.61
C PHE A 53 0.16 6.85 -10.03
N LYS A 54 -1.15 7.00 -10.15
CA LYS A 54 -1.81 6.97 -11.46
C LYS A 54 -1.16 7.97 -12.42
N THR A 55 -1.21 9.24 -12.07
CA THR A 55 -0.64 10.29 -12.90
C THR A 55 0.88 10.36 -12.72
N ASN A 56 1.34 10.03 -11.52
CA ASN A 56 2.77 10.05 -11.22
C ASN A 56 3.28 8.66 -10.89
N PRO A 57 3.43 7.81 -11.92
CA PRO A 57 3.91 6.44 -11.77
C PRO A 57 5.38 6.38 -11.38
N CYS A 58 6.12 7.44 -11.71
CA CYS A 58 7.54 7.50 -11.39
C CYS A 58 7.87 8.79 -10.65
N GLY A 59 6.96 9.20 -9.77
CA GLY A 59 7.17 10.42 -9.01
C GLY A 59 7.09 10.18 -7.51
N SER A 60 6.53 11.14 -6.78
CA SER A 60 6.39 11.03 -5.34
C SER A 60 5.19 11.82 -4.84
N ILE A 61 4.46 11.25 -3.88
CA ILE A 61 3.29 11.89 -3.33
C ILE A 61 3.59 12.46 -1.94
N SER A 62 3.47 13.78 -1.81
CA SER A 62 3.73 14.44 -0.54
C SER A 62 2.44 14.64 0.25
N PHE A 63 2.42 14.13 1.47
CA PHE A 63 1.24 14.24 2.33
C PHE A 63 1.65 14.38 3.80
N THR A 64 1.03 15.33 4.48
CA THR A 64 1.33 15.57 5.89
C THR A 64 0.10 15.35 6.77
N THR A 65 0.28 14.67 7.88
CA THR A 65 -0.82 14.40 8.80
C THR A 65 -0.32 14.18 10.23
N SER A 66 -0.96 14.83 11.19
CA SER A 66 -0.58 14.70 12.59
C SER A 66 0.76 15.39 12.84
N LYS A 67 0.86 16.65 12.45
CA LYS A 67 2.09 17.42 12.63
C LYS A 67 3.30 16.61 12.20
N PHE A 68 3.11 15.73 11.23
CA PHE A 68 4.19 14.89 10.72
C PHE A 68 4.37 15.08 9.22
N SER A 69 5.43 14.50 8.67
CA SER A 69 5.72 14.61 7.25
C SER A 69 6.10 13.25 6.66
N TYR A 70 5.45 12.88 5.56
CA TYR A 70 5.71 11.61 4.90
C TYR A 70 5.75 11.77 3.39
N LYS A 71 6.70 11.10 2.75
CA LYS A 71 6.84 11.17 1.30
C LYS A 71 7.02 9.78 0.71
N ILE A 72 6.05 9.34 -0.09
CA ILE A 72 6.12 8.03 -0.72
C ILE A 72 6.67 8.12 -2.14
N ASP A 73 7.83 7.54 -2.36
CA ASP A 73 8.46 7.55 -3.68
C ASP A 73 8.14 6.27 -4.46
N PHE A 74 7.40 6.43 -5.54
CA PHE A 74 7.02 5.28 -6.37
C PHE A 74 8.15 4.90 -7.32
N ALA A 75 8.74 5.90 -7.96
CA ALA A 75 9.83 5.67 -8.90
C ALA A 75 10.93 4.82 -8.26
N GLU A 76 11.25 5.12 -7.01
CA GLU A 76 12.28 4.39 -6.28
C GLU A 76 11.69 3.18 -5.56
N MET A 77 10.39 2.98 -5.73
CA MET A 77 9.70 1.86 -5.10
C MET A 77 10.05 1.78 -3.61
N LYS A 78 9.88 2.90 -2.91
CA LYS A 78 10.17 2.95 -1.48
C LYS A 78 9.49 4.14 -0.83
N GLN A 79 9.31 4.06 0.49
CA GLN A 79 8.67 5.14 1.24
C GLN A 79 9.69 6.02 1.93
N MET A 80 9.68 7.31 1.60
CA MET A 80 10.61 8.25 2.20
C MET A 80 9.97 9.01 3.35
N ASN A 81 10.45 8.76 4.57
CA ASN A 81 9.91 9.41 5.75
C ASN A 81 10.65 10.73 6.03
N LEU A 82 9.88 11.74 6.44
CA LEU A 82 10.45 13.05 6.73
C LEU A 82 10.36 13.36 8.22
N THR A 83 9.41 12.71 8.90
CA THR A 83 9.21 12.93 10.33
C THR A 83 10.40 12.43 11.13
N THR A 84 10.95 11.29 10.73
CA THR A 84 12.10 10.71 11.40
C THR A 84 13.26 10.46 10.43
N GLY A 85 12.93 10.39 9.15
CA GLY A 85 13.94 10.17 8.14
C GLY A 85 14.26 8.70 7.95
N LYS A 86 13.37 7.83 8.44
CA LYS A 86 13.56 6.40 8.33
C LYS A 86 13.31 5.92 6.90
N GLN A 87 14.05 4.90 6.48
CA GLN A 87 13.90 4.36 5.13
C GLN A 87 13.07 3.08 5.15
N ARG A 88 12.10 3.01 4.25
CA ARG A 88 11.23 1.84 4.16
C ARG A 88 11.05 1.41 2.71
N LEU A 89 10.30 0.33 2.51
CA LEU A 89 10.04 -0.19 1.17
C LEU A 89 8.55 -0.30 0.89
N ILE A 90 8.18 -0.25 -0.38
CA ILE A 90 6.78 -0.34 -0.78
C ILE A 90 6.60 -1.33 -1.91
N LYS A 91 5.35 -1.58 -2.30
CA LYS A 91 5.03 -2.50 -3.37
C LYS A 91 3.58 -2.37 -3.81
N ARG A 92 3.33 -2.54 -5.10
CA ARG A 92 1.98 -2.44 -5.63
C ARG A 92 1.43 -3.82 -5.98
N ALA A 93 0.27 -4.16 -5.40
CA ALA A 93 -0.35 -5.45 -5.64
C ALA A 93 -1.82 -5.42 -5.25
N PRO A 94 -2.64 -6.25 -5.93
CA PRO A 94 -4.08 -6.33 -5.67
C PRO A 94 -4.39 -6.98 -4.32
N PHE A 95 -5.50 -6.58 -3.72
CA PHE A 95 -5.91 -7.13 -2.43
C PHE A 95 -5.67 -8.64 -2.37
N SER A 96 -6.27 -9.36 -3.32
CA SER A 96 -6.13 -10.81 -3.38
C SER A 96 -6.15 -11.30 -4.82
N SER A 97 -5.35 -12.33 -5.10
CA SER A 97 -5.28 -12.89 -6.45
C SER A 97 -6.48 -13.78 -6.73
N GLY A 98 -6.73 -14.73 -5.83
CA GLY A 98 -7.85 -15.64 -6.01
C GLY A 98 -7.41 -17.06 -6.28
N PRO A 99 -7.13 -17.83 -5.22
CA PRO A 99 -6.69 -19.22 -5.32
C PRO A 99 -7.80 -20.14 -5.82
N SER A 100 -8.99 -19.57 -6.04
CA SER A 100 -10.13 -20.34 -6.51
C SER A 100 -10.63 -19.81 -7.85
N SER A 101 -10.41 -20.59 -8.91
CA SER A 101 -10.83 -20.20 -10.25
C SER A 101 -11.28 -21.41 -11.06
N GLY A 102 -12.38 -21.25 -11.79
CA GLY A 102 -12.89 -22.35 -12.60
C GLY A 102 -14.35 -22.63 -12.32
N GLY A 1 -8.87 -34.87 -3.94
CA GLY A 1 -7.61 -35.48 -3.55
C GLY A 1 -7.26 -35.21 -2.10
N SER A 2 -6.36 -34.26 -1.87
CA SER A 2 -5.94 -33.92 -0.52
C SER A 2 -6.35 -32.49 -0.17
N SER A 3 -7.10 -32.35 0.92
CA SER A 3 -7.56 -31.04 1.36
C SER A 3 -6.39 -30.14 1.72
N GLY A 4 -6.56 -28.83 1.51
CA GLY A 4 -5.51 -27.89 1.81
C GLY A 4 -4.71 -27.49 0.59
N SER A 5 -4.96 -26.30 0.08
CA SER A 5 -4.25 -25.81 -1.10
C SER A 5 -4.18 -24.29 -1.10
N SER A 6 -3.25 -23.75 -1.88
CA SER A 6 -3.07 -22.30 -1.97
C SER A 6 -3.95 -21.72 -3.06
N GLY A 7 -3.98 -22.37 -4.21
CA GLY A 7 -4.79 -21.89 -5.32
C GLY A 7 -4.24 -20.62 -5.93
N ASN A 8 -4.60 -20.37 -7.19
CA ASN A 8 -4.13 -19.17 -7.89
C ASN A 8 -4.14 -17.96 -6.96
N GLU A 9 -3.35 -16.95 -7.31
CA GLU A 9 -3.25 -15.74 -6.51
C GLU A 9 -3.74 -14.53 -7.30
N VAL A 10 -4.82 -14.71 -8.05
CA VAL A 10 -5.39 -13.64 -8.85
C VAL A 10 -4.30 -12.84 -9.55
N ASP A 11 -3.39 -13.55 -10.21
CA ASP A 11 -2.28 -12.90 -10.92
C ASP A 11 -2.77 -12.30 -12.23
N ASP A 12 -1.86 -11.64 -12.94
CA ASP A 12 -2.19 -11.02 -14.22
C ASP A 12 -2.98 -11.97 -15.11
N MET A 13 -3.48 -11.45 -16.22
CA MET A 13 -4.24 -12.26 -17.17
C MET A 13 -5.35 -13.02 -16.45
N ASP A 14 -6.03 -12.35 -15.54
CA ASP A 14 -7.12 -12.96 -14.78
C ASP A 14 -8.34 -12.06 -14.77
N THR A 15 -9.44 -12.57 -14.22
CA THR A 15 -10.68 -11.81 -14.14
C THR A 15 -10.41 -10.33 -13.92
N SER A 16 -10.79 -9.51 -14.90
CA SER A 16 -10.59 -8.07 -14.82
C SER A 16 -11.22 -7.49 -13.56
N ASP A 17 -11.15 -6.18 -13.42
CA ASP A 17 -11.71 -5.50 -12.26
C ASP A 17 -11.02 -5.96 -10.97
N THR A 18 -9.70 -5.98 -10.99
CA THR A 18 -8.92 -6.40 -9.84
C THR A 18 -8.45 -5.19 -9.02
N GLN A 19 -8.99 -5.05 -7.82
CA GLN A 19 -8.64 -3.95 -6.94
C GLN A 19 -7.24 -4.13 -6.37
N TRP A 20 -6.31 -3.26 -6.79
CA TRP A 20 -4.93 -3.33 -6.32
C TRP A 20 -4.76 -2.53 -5.04
N GLY A 21 -4.10 -3.14 -4.05
CA GLY A 21 -3.88 -2.47 -2.78
C GLY A 21 -2.45 -1.98 -2.64
N TRP A 22 -2.25 -0.99 -1.78
CA TRP A 22 -0.93 -0.43 -1.55
C TRP A 22 -0.38 -0.85 -0.19
N PHE A 23 0.87 -1.30 -0.16
CA PHE A 23 1.50 -1.73 1.07
C PHE A 23 2.90 -1.14 1.20
N TYR A 24 3.39 -1.07 2.44
CA TYR A 24 4.71 -0.52 2.70
C TYR A 24 5.40 -1.27 3.84
N LEU A 25 6.59 -1.79 3.55
CA LEU A 25 7.36 -2.54 4.55
C LEU A 25 7.39 -1.80 5.88
N ALA A 26 7.79 -2.50 6.93
CA ALA A 26 7.87 -1.91 8.26
C ALA A 26 9.23 -2.17 8.90
N GLU A 27 9.42 -1.64 10.11
CA GLU A 27 10.69 -1.82 10.82
C GLU A 27 10.88 -3.28 11.21
N CYS A 28 9.93 -3.83 11.97
CA CYS A 28 10.01 -5.21 12.41
C CYS A 28 10.13 -6.15 11.23
N GLY A 29 9.53 -5.78 10.11
CA GLY A 29 9.59 -6.60 8.91
C GLY A 29 8.21 -7.06 8.45
N LYS A 30 7.23 -6.18 8.57
CA LYS A 30 5.86 -6.51 8.17
C LYS A 30 5.28 -5.40 7.29
N TRP A 31 4.88 -5.78 6.07
CA TRP A 31 4.31 -4.82 5.13
C TRP A 31 2.93 -4.37 5.59
N HIS A 32 2.81 -3.08 5.89
CA HIS A 32 1.54 -2.51 6.33
C HIS A 32 0.77 -1.90 5.16
N MET A 33 -0.50 -2.29 5.03
CA MET A 33 -1.34 -1.78 3.96
C MET A 33 -1.94 -0.42 4.33
N PHE A 34 -1.60 0.60 3.55
CA PHE A 34 -2.10 1.94 3.79
C PHE A 34 -3.54 1.91 4.26
N GLN A 35 -3.91 2.88 5.10
CA GLN A 35 -5.27 2.96 5.63
C GLN A 35 -5.81 4.38 5.53
N PRO A 36 -7.12 4.51 5.32
CA PRO A 36 -7.79 5.80 5.21
C PRO A 36 -7.83 6.55 6.54
N ASP A 37 -7.88 7.88 6.48
CA ASP A 37 -7.92 8.70 7.67
C ASP A 37 -8.24 10.16 7.32
N THR A 38 -8.40 10.99 8.35
CA THR A 38 -8.70 12.40 8.14
C THR A 38 -8.05 12.93 6.87
N ASN A 39 -8.69 13.90 6.24
CA ASN A 39 -8.17 14.49 5.01
C ASN A 39 -7.35 15.74 5.32
N SER A 40 -7.97 16.69 6.01
CA SER A 40 -7.30 17.94 6.36
C SER A 40 -5.82 17.70 6.64
N GLN A 41 -4.99 17.89 5.62
CA GLN A 41 -3.56 17.70 5.76
C GLN A 41 -3.24 16.51 6.66
N CYS A 42 -3.82 15.36 6.35
CA CYS A 42 -3.61 14.15 7.14
C CYS A 42 -3.24 12.98 6.25
N SER A 43 -3.12 11.80 6.85
CA SER A 43 -2.77 10.59 6.10
C SER A 43 -3.64 10.43 4.86
N VAL A 44 -3.39 9.38 4.10
CA VAL A 44 -4.16 9.11 2.89
C VAL A 44 -4.63 7.66 2.83
N SER A 45 -5.71 7.42 2.10
CA SER A 45 -6.26 6.08 1.98
C SER A 45 -5.58 5.32 0.84
N SER A 46 -5.54 3.99 0.96
CA SER A 46 -4.91 3.15 -0.06
C SER A 46 -5.29 3.63 -1.46
N GLU A 47 -6.55 4.02 -1.62
CA GLU A 47 -7.03 4.49 -2.91
C GLU A 47 -6.31 5.77 -3.33
N ASP A 48 -6.33 6.77 -2.45
CA ASP A 48 -5.67 8.03 -2.72
C ASP A 48 -4.30 7.82 -3.36
N ILE A 49 -3.38 7.26 -2.59
CA ILE A 49 -2.03 7.00 -3.08
C ILE A 49 -2.06 6.45 -4.50
N GLU A 50 -2.79 5.36 -4.69
CA GLU A 50 -2.90 4.73 -6.00
C GLU A 50 -3.30 5.75 -7.06
N LYS A 51 -4.33 6.53 -6.76
CA LYS A 51 -4.82 7.55 -7.69
C LYS A 51 -3.66 8.36 -8.26
N SER A 52 -2.69 8.67 -7.40
CA SER A 52 -1.52 9.45 -7.81
C SER A 52 -0.67 8.66 -8.81
N PHE A 53 -0.05 7.58 -8.33
CA PHE A 53 0.80 6.75 -9.17
C PHE A 53 0.13 6.49 -10.51
N LYS A 54 -1.18 6.30 -10.49
CA LYS A 54 -1.94 6.04 -11.72
C LYS A 54 -1.55 7.01 -12.82
N THR A 55 -1.58 8.30 -12.51
CA THR A 55 -1.21 9.33 -13.47
C THR A 55 0.30 9.53 -13.53
N ASN A 56 0.93 9.50 -12.36
CA ASN A 56 2.37 9.69 -12.27
C ASN A 56 3.04 8.51 -11.57
N PRO A 57 3.28 7.43 -12.33
CA PRO A 57 3.90 6.21 -11.80
C PRO A 57 5.37 6.42 -11.45
N CYS A 58 5.91 7.57 -11.83
CA CYS A 58 7.30 7.90 -11.55
C CYS A 58 7.42 9.23 -10.82
N GLY A 59 6.48 9.48 -9.91
CA GLY A 59 6.50 10.71 -9.15
C GLY A 59 6.48 10.48 -7.65
N SER A 60 6.05 11.47 -6.89
CA SER A 60 5.99 11.38 -5.44
C SER A 60 4.79 12.14 -4.89
N ILE A 61 4.53 11.96 -3.60
CA ILE A 61 3.41 12.62 -2.95
C ILE A 61 3.74 12.96 -1.50
N SER A 62 3.83 14.26 -1.21
CA SER A 62 4.15 14.72 0.14
C SER A 62 2.87 15.00 0.93
N PHE A 63 2.81 14.45 2.14
CA PHE A 63 1.64 14.63 3.00
C PHE A 63 2.02 14.47 4.47
N THR A 64 1.08 14.79 5.35
CA THR A 64 1.32 14.68 6.79
C THR A 64 0.15 13.97 7.48
N THR A 65 0.35 13.63 8.75
CA THR A 65 -0.69 12.96 9.52
C THR A 65 -1.07 13.77 10.76
N SER A 66 -0.09 14.03 11.61
CA SER A 66 -0.32 14.80 12.83
C SER A 66 0.73 15.88 13.00
N LYS A 67 1.95 15.48 13.35
CA LYS A 67 3.04 16.43 13.54
C LYS A 67 4.24 16.05 12.67
N PHE A 68 4.25 14.81 12.19
CA PHE A 68 5.35 14.34 11.35
C PHE A 68 4.94 14.36 9.88
N SER A 69 5.93 14.24 9.00
CA SER A 69 5.68 14.24 7.56
C SER A 69 6.17 12.94 6.91
N TYR A 70 5.68 12.67 5.71
CA TYR A 70 6.07 11.47 4.99
C TYR A 70 5.99 11.69 3.48
N LYS A 71 7.02 11.25 2.77
CA LYS A 71 7.08 11.40 1.32
C LYS A 71 7.13 10.03 0.64
N ILE A 72 6.17 9.78 -0.25
CA ILE A 72 6.11 8.52 -0.97
C ILE A 72 6.54 8.70 -2.42
N ASP A 73 7.79 8.35 -2.71
CA ASP A 73 8.33 8.47 -4.06
C ASP A 73 8.16 7.17 -4.82
N PHE A 74 7.19 7.12 -5.73
CA PHE A 74 6.92 5.93 -6.52
C PHE A 74 8.16 5.53 -7.31
N ALA A 75 8.74 6.50 -8.02
CA ALA A 75 9.93 6.24 -8.82
C ALA A 75 10.98 5.48 -8.02
N GLU A 76 11.17 5.86 -6.77
CA GLU A 76 12.14 5.20 -5.90
C GLU A 76 11.57 3.93 -5.31
N MET A 77 10.25 3.81 -5.34
CA MET A 77 9.57 2.63 -4.80
C MET A 77 9.85 2.48 -3.32
N LYS A 78 9.77 3.58 -2.58
CA LYS A 78 10.02 3.56 -1.14
C LYS A 78 9.46 4.82 -0.49
N GLN A 79 9.19 4.74 0.81
CA GLN A 79 8.66 5.87 1.55
C GLN A 79 9.78 6.61 2.28
N MET A 80 10.02 7.86 1.87
CA MET A 80 11.07 8.67 2.49
C MET A 80 10.55 9.36 3.75
N ASN A 81 11.17 9.03 4.88
CA ASN A 81 10.77 9.61 6.16
C ASN A 81 11.38 10.99 6.33
N LEU A 82 10.61 11.90 6.95
CA LEU A 82 11.06 13.26 7.19
C LEU A 82 11.29 13.51 8.67
N THR A 83 10.53 12.81 9.51
CA THR A 83 10.64 12.96 10.95
C THR A 83 11.91 12.28 11.48
N THR A 84 12.09 11.01 11.14
CA THR A 84 13.26 10.25 11.56
C THR A 84 14.25 10.08 10.42
N GLY A 85 13.76 10.19 9.19
CA GLY A 85 14.62 10.05 8.04
C GLY A 85 14.87 8.60 7.67
N LYS A 86 14.00 7.71 8.15
CA LYS A 86 14.13 6.28 7.87
C LYS A 86 13.74 5.96 6.44
N GLN A 87 13.93 4.71 6.04
CA GLN A 87 13.59 4.27 4.69
C GLN A 87 12.83 2.94 4.72
N ARG A 88 11.82 2.84 3.86
CA ARG A 88 11.02 1.61 3.79
C ARG A 88 10.54 1.36 2.37
N LEU A 89 10.76 0.16 1.87
CA LEU A 89 10.35 -0.21 0.52
C LEU A 89 8.84 -0.43 0.46
N ILE A 90 8.23 0.00 -0.64
CA ILE A 90 6.79 -0.16 -0.83
C ILE A 90 6.48 -1.19 -1.91
N LYS A 91 5.21 -1.45 -2.12
CA LYS A 91 4.78 -2.42 -3.13
C LYS A 91 3.29 -2.29 -3.41
N ARG A 92 2.88 -2.64 -4.63
CA ARG A 92 1.48 -2.57 -5.01
C ARG A 92 0.98 -3.92 -5.52
N ALA A 93 0.24 -4.62 -4.66
CA ALA A 93 -0.30 -5.93 -5.02
C ALA A 93 -1.81 -6.00 -4.76
N PRO A 94 -2.47 -7.00 -5.35
CA PRO A 94 -3.91 -7.19 -5.20
C PRO A 94 -4.29 -7.65 -3.79
N PHE A 95 -5.43 -7.18 -3.31
CA PHE A 95 -5.91 -7.54 -1.97
C PHE A 95 -5.61 -9.01 -1.67
N SER A 96 -5.11 -9.26 -0.46
CA SER A 96 -4.79 -10.62 -0.04
C SER A 96 -5.93 -11.57 -0.37
N SER A 97 -7.14 -11.20 0.03
CA SER A 97 -8.31 -12.03 -0.23
C SER A 97 -8.63 -12.10 -1.72
N GLY A 98 -8.54 -13.31 -2.28
CA GLY A 98 -8.80 -13.48 -3.70
C GLY A 98 -10.23 -13.10 -4.07
N PRO A 99 -10.96 -14.05 -4.66
CA PRO A 99 -12.35 -13.83 -5.08
C PRO A 99 -13.31 -13.70 -3.89
N SER A 100 -13.54 -12.46 -3.46
CA SER A 100 -14.43 -12.20 -2.34
C SER A 100 -15.58 -11.29 -2.74
N SER A 101 -16.63 -11.88 -3.30
CA SER A 101 -17.79 -11.13 -3.75
C SER A 101 -17.36 -9.85 -4.48
N GLY A 102 -16.33 -9.98 -5.31
CA GLY A 102 -15.84 -8.83 -6.06
C GLY A 102 -14.89 -7.98 -5.25
N GLY A 1 -10.46 -14.84 17.43
CA GLY A 1 -11.74 -14.46 16.88
C GLY A 1 -12.89 -14.68 17.85
N SER A 2 -12.94 -13.86 18.90
CA SER A 2 -13.98 -13.98 19.90
C SER A 2 -15.29 -13.38 19.41
N SER A 3 -15.20 -12.17 18.85
CA SER A 3 -16.37 -11.48 18.34
C SER A 3 -16.42 -11.53 16.82
N GLY A 4 -17.61 -11.37 16.26
CA GLY A 4 -17.76 -11.40 14.81
C GLY A 4 -17.30 -12.72 14.22
N SER A 5 -18.25 -13.64 14.04
CA SER A 5 -17.94 -14.94 13.46
C SER A 5 -17.02 -14.82 12.26
N SER A 6 -15.90 -15.53 12.30
CA SER A 6 -14.93 -15.48 11.21
C SER A 6 -15.52 -16.06 9.94
N GLY A 7 -16.20 -17.19 10.07
CA GLY A 7 -16.81 -17.84 8.91
C GLY A 7 -15.80 -18.61 8.08
N ASN A 8 -15.14 -17.92 7.16
CA ASN A 8 -14.15 -18.56 6.30
C ASN A 8 -13.36 -17.51 5.52
N GLU A 9 -12.35 -17.96 4.78
CA GLU A 9 -11.52 -17.07 3.98
C GLU A 9 -12.16 -16.79 2.62
N VAL A 10 -13.15 -15.90 2.61
CA VAL A 10 -13.85 -15.56 1.38
C VAL A 10 -13.95 -16.75 0.44
N ASP A 11 -14.46 -17.86 0.96
CA ASP A 11 -14.61 -19.08 0.17
C ASP A 11 -15.32 -18.79 -1.15
N ASP A 12 -15.40 -19.79 -2.01
CA ASP A 12 -16.06 -19.65 -3.30
C ASP A 12 -15.66 -18.33 -3.97
N MET A 13 -14.38 -18.00 -3.89
CA MET A 13 -13.87 -16.77 -4.49
C MET A 13 -14.08 -16.76 -5.99
N ASP A 14 -13.98 -15.58 -6.59
CA ASP A 14 -14.16 -15.45 -8.04
C ASP A 14 -13.44 -14.20 -8.56
N THR A 15 -12.54 -14.40 -9.51
CA THR A 15 -11.78 -13.29 -10.08
C THR A 15 -12.71 -12.32 -10.80
N SER A 16 -12.80 -11.09 -10.28
CA SER A 16 -13.65 -10.07 -10.86
C SER A 16 -13.41 -8.71 -10.21
N ASP A 17 -12.92 -7.77 -11.00
CA ASP A 17 -12.64 -6.42 -10.50
C ASP A 17 -11.47 -6.44 -9.53
N THR A 18 -10.46 -7.24 -9.85
CA THR A 18 -9.28 -7.34 -8.98
C THR A 18 -8.77 -5.97 -8.56
N GLN A 19 -9.12 -5.56 -7.36
CA GLN A 19 -8.69 -4.26 -6.83
C GLN A 19 -7.21 -4.27 -6.48
N TRP A 20 -6.55 -3.13 -6.66
CA TRP A 20 -5.13 -3.02 -6.36
C TRP A 20 -4.91 -2.20 -5.09
N GLY A 21 -4.17 -2.78 -4.15
CA GLY A 21 -3.90 -2.08 -2.90
C GLY A 21 -2.45 -1.65 -2.78
N TRP A 22 -2.16 -0.83 -1.78
CA TRP A 22 -0.80 -0.34 -1.56
C TRP A 22 -0.28 -0.77 -0.19
N PHE A 23 0.93 -1.30 -0.16
CA PHE A 23 1.54 -1.74 1.09
C PHE A 23 2.98 -1.23 1.20
N TYR A 24 3.37 -0.88 2.42
CA TYR A 24 4.72 -0.38 2.67
C TYR A 24 5.48 -1.30 3.61
N LEU A 25 6.70 -1.68 3.21
CA LEU A 25 7.53 -2.56 4.02
C LEU A 25 7.75 -1.97 5.41
N ALA A 26 7.83 -2.86 6.41
CA ALA A 26 8.04 -2.43 7.79
C ALA A 26 9.35 -2.98 8.33
N GLU A 27 9.73 -2.55 9.53
CA GLU A 27 10.95 -3.00 10.16
C GLU A 27 10.80 -4.41 10.73
N CYS A 28 9.63 -4.68 11.30
CA CYS A 28 9.35 -5.99 11.88
C CYS A 28 9.51 -7.09 10.83
N GLY A 29 9.22 -6.75 9.59
CA GLY A 29 9.34 -7.72 8.51
C GLY A 29 8.06 -7.87 7.72
N LYS A 30 6.93 -7.86 8.41
CA LYS A 30 5.63 -8.00 7.76
C LYS A 30 5.20 -6.67 7.13
N TRP A 31 4.55 -6.76 5.98
CA TRP A 31 4.08 -5.56 5.27
C TRP A 31 2.74 -5.11 5.82
N HIS A 32 2.50 -3.80 5.77
CA HIS A 32 1.24 -3.24 6.27
C HIS A 32 0.64 -2.27 5.25
N MET A 33 -0.59 -2.52 4.85
CA MET A 33 -1.27 -1.67 3.87
C MET A 33 -1.33 -0.23 4.35
N PHE A 34 -1.53 0.69 3.42
CA PHE A 34 -1.60 2.11 3.73
C PHE A 34 -2.94 2.47 4.37
N GLN A 35 -2.91 2.82 5.65
CA GLN A 35 -4.13 3.19 6.37
C GLN A 35 -4.04 4.63 6.88
N PRO A 36 -5.22 5.29 6.95
CA PRO A 36 -5.30 6.68 7.42
C PRO A 36 -5.02 6.81 8.91
N ASP A 37 -4.21 7.80 9.26
CA ASP A 37 -3.86 8.03 10.67
C ASP A 37 -5.08 7.87 11.57
N THR A 38 -6.06 8.76 11.40
CA THR A 38 -7.27 8.73 12.19
C THR A 38 -8.50 8.73 11.31
N ASN A 39 -9.40 7.77 11.53
CA ASN A 39 -10.62 7.65 10.76
C ASN A 39 -11.36 8.98 10.71
N SER A 40 -11.64 9.54 11.89
CA SER A 40 -12.34 10.81 11.97
C SER A 40 -11.56 11.92 11.28
N GLN A 41 -10.25 11.96 11.53
CA GLN A 41 -9.39 12.97 10.92
C GLN A 41 -8.24 12.32 10.16
N CYS A 42 -8.51 11.94 8.91
CA CYS A 42 -7.49 11.30 8.08
C CYS A 42 -7.04 12.24 6.96
N SER A 43 -6.02 11.81 6.22
CA SER A 43 -5.49 12.61 5.13
C SER A 43 -5.53 11.84 3.81
N VAL A 44 -4.78 10.74 3.76
CA VAL A 44 -4.73 9.91 2.56
C VAL A 44 -4.93 8.44 2.91
N SER A 45 -5.38 7.65 1.93
CA SER A 45 -5.61 6.23 2.14
C SER A 45 -5.10 5.42 0.95
N SER A 46 -5.02 4.11 1.13
CA SER A 46 -4.54 3.22 0.07
C SER A 46 -5.03 3.70 -1.30
N GLU A 47 -6.26 4.19 -1.34
CA GLU A 47 -6.85 4.68 -2.58
C GLU A 47 -6.17 5.97 -3.04
N ASP A 48 -6.16 6.97 -2.16
CA ASP A 48 -5.54 8.25 -2.46
C ASP A 48 -4.16 8.06 -3.08
N ILE A 49 -3.27 7.43 -2.32
CA ILE A 49 -1.90 7.19 -2.78
C ILE A 49 -1.91 6.56 -4.18
N GLU A 50 -2.71 5.51 -4.35
CA GLU A 50 -2.80 4.83 -5.64
C GLU A 50 -3.10 5.82 -6.76
N LYS A 51 -4.15 6.61 -6.56
CA LYS A 51 -4.55 7.61 -7.56
C LYS A 51 -3.36 8.44 -8.00
N SER A 52 -2.53 8.85 -7.05
CA SER A 52 -1.36 9.66 -7.35
C SER A 52 -0.38 8.89 -8.24
N PHE A 53 -0.21 7.60 -7.93
CA PHE A 53 0.70 6.75 -8.70
C PHE A 53 0.25 6.66 -10.16
N LYS A 54 -1.06 6.52 -10.36
CA LYS A 54 -1.61 6.41 -11.70
C LYS A 54 -1.14 7.56 -12.58
N THR A 55 -1.51 8.78 -12.21
CA THR A 55 -1.12 9.96 -12.96
C THR A 55 0.38 10.23 -12.84
N ASN A 56 0.96 9.84 -11.71
CA ASN A 56 2.39 10.03 -11.47
C ASN A 56 3.04 8.72 -11.07
N PRO A 57 3.36 7.88 -12.08
CA PRO A 57 4.00 6.58 -11.86
C PRO A 57 5.45 6.73 -11.39
N CYS A 58 6.10 7.79 -11.82
CA CYS A 58 7.49 8.05 -11.44
C CYS A 58 7.63 9.40 -10.75
N GLY A 59 6.72 9.69 -9.82
CA GLY A 59 6.75 10.95 -9.11
C GLY A 59 6.91 10.76 -7.62
N SER A 60 6.13 11.52 -6.85
CA SER A 60 6.18 11.45 -5.39
C SER A 60 5.01 12.18 -4.76
N ILE A 61 4.53 11.66 -3.64
CA ILE A 61 3.40 12.27 -2.94
C ILE A 61 3.79 12.68 -1.52
N SER A 62 3.72 13.98 -1.25
CA SER A 62 4.06 14.51 0.07
C SER A 62 2.81 14.83 0.87
N PHE A 63 2.42 13.90 1.75
CA PHE A 63 1.24 14.09 2.58
C PHE A 63 1.60 14.07 4.05
N THR A 64 0.71 14.58 4.89
CA THR A 64 0.94 14.62 6.34
C THR A 64 -0.35 14.33 7.10
N THR A 65 -0.26 13.46 8.10
CA THR A 65 -1.42 13.11 8.91
C THR A 65 -1.35 13.78 10.28
N SER A 66 -1.16 15.09 10.28
CA SER A 66 -1.08 15.85 11.53
C SER A 66 -0.29 15.09 12.58
N LYS A 67 0.59 14.20 12.13
CA LYS A 67 1.41 13.40 13.02
C LYS A 67 2.87 13.39 12.56
N PHE A 68 3.07 13.06 11.29
CA PHE A 68 4.42 13.00 10.73
C PHE A 68 4.37 13.12 9.20
N SER A 69 5.30 13.91 8.66
CA SER A 69 5.36 14.12 7.21
C SER A 69 6.00 12.92 6.52
N TYR A 70 5.37 12.45 5.46
CA TYR A 70 5.87 11.30 4.70
C TYR A 70 5.93 11.62 3.21
N LYS A 71 6.96 11.10 2.55
CA LYS A 71 7.13 11.33 1.12
C LYS A 71 7.36 10.00 0.39
N ILE A 72 6.32 9.50 -0.26
CA ILE A 72 6.41 8.25 -1.00
C ILE A 72 6.77 8.49 -2.46
N ASP A 73 7.96 8.05 -2.85
CA ASP A 73 8.42 8.22 -4.22
C ASP A 73 8.17 6.96 -5.04
N PHE A 74 7.11 6.97 -5.84
CA PHE A 74 6.75 5.83 -6.66
C PHE A 74 7.92 5.45 -7.58
N ALA A 75 8.54 6.45 -8.18
CA ALA A 75 9.67 6.22 -9.08
C ALA A 75 10.75 5.39 -8.40
N GLU A 76 11.08 5.74 -7.16
CA GLU A 76 12.09 5.02 -6.41
C GLU A 76 11.54 3.71 -5.84
N MET A 77 10.21 3.59 -5.88
CA MET A 77 9.56 2.38 -5.37
C MET A 77 9.83 2.20 -3.88
N LYS A 78 9.78 3.29 -3.13
CA LYS A 78 10.03 3.26 -1.69
C LYS A 78 9.51 4.52 -1.02
N GLN A 79 9.36 4.46 0.30
CA GLN A 79 8.87 5.61 1.07
C GLN A 79 10.03 6.42 1.63
N MET A 80 9.76 7.68 1.96
CA MET A 80 10.77 8.56 2.51
C MET A 80 10.23 9.35 3.69
N ASN A 81 10.72 9.04 4.90
CA ASN A 81 10.28 9.72 6.10
C ASN A 81 11.04 11.02 6.30
N LEU A 82 10.33 12.04 6.78
CA LEU A 82 10.94 13.34 7.03
C LEU A 82 11.10 13.61 8.52
N THR A 83 10.31 12.90 9.33
CA THR A 83 10.36 13.06 10.78
C THR A 83 11.58 12.35 11.36
N THR A 84 11.81 11.12 10.91
CA THR A 84 12.94 10.34 11.40
C THR A 84 14.00 10.18 10.32
N GLY A 85 13.57 10.25 9.06
CA GLY A 85 14.50 10.10 7.95
C GLY A 85 14.72 8.65 7.56
N LYS A 86 13.71 7.82 7.81
CA LYS A 86 13.80 6.40 7.48
C LYS A 86 13.18 6.12 6.11
N GLN A 87 13.72 5.12 5.42
CA GLN A 87 13.22 4.74 4.09
C GLN A 87 12.72 3.31 4.09
N ARG A 88 11.42 3.14 3.82
CA ARG A 88 10.82 1.81 3.79
C ARG A 88 10.26 1.51 2.41
N LEU A 89 10.74 0.42 1.81
CA LEU A 89 10.29 0.02 0.48
C LEU A 89 8.77 -0.01 0.40
N ILE A 90 8.25 -0.08 -0.82
CA ILE A 90 6.81 -0.12 -1.03
C ILE A 90 6.44 -1.09 -2.15
N LYS A 91 5.31 -1.78 -1.97
CA LYS A 91 4.85 -2.73 -2.97
C LYS A 91 3.37 -2.52 -3.27
N ARG A 92 2.97 -2.79 -4.51
CA ARG A 92 1.59 -2.63 -4.92
C ARG A 92 0.99 -3.97 -5.37
N ALA A 93 0.17 -4.56 -4.51
CA ALA A 93 -0.45 -5.84 -4.81
C ALA A 93 -1.97 -5.77 -4.61
N PRO A 94 -2.69 -6.73 -5.20
CA PRO A 94 -4.15 -6.80 -5.10
C PRO A 94 -4.61 -7.18 -3.71
N PHE A 95 -5.83 -6.78 -3.35
CA PHE A 95 -6.38 -7.08 -2.04
C PHE A 95 -6.46 -8.58 -1.82
N SER A 96 -5.57 -9.10 -0.99
CA SER A 96 -5.53 -10.53 -0.69
C SER A 96 -6.95 -11.12 -0.65
N SER A 97 -7.87 -10.38 -0.02
CA SER A 97 -9.25 -10.82 0.10
C SER A 97 -10.18 -9.85 -0.61
N GLY A 98 -10.49 -10.14 -1.87
CA GLY A 98 -11.38 -9.29 -2.64
C GLY A 98 -12.69 -9.96 -2.96
N PRO A 99 -13.68 -9.81 -2.05
CA PRO A 99 -15.01 -10.39 -2.22
C PRO A 99 -15.80 -9.73 -3.34
N SER A 100 -16.92 -10.35 -3.72
CA SER A 100 -17.76 -9.82 -4.79
C SER A 100 -19.24 -9.91 -4.41
N SER A 101 -20.05 -9.05 -5.00
CA SER A 101 -21.48 -9.02 -4.72
C SER A 101 -21.74 -8.94 -3.22
N GLY A 102 -20.97 -8.09 -2.54
CA GLY A 102 -21.13 -7.91 -1.11
C GLY A 102 -21.03 -9.23 -0.36
N GLY A 1 1.91 -30.34 2.10
CA GLY A 1 0.83 -30.24 3.08
C GLY A 1 1.36 -29.98 4.48
N SER A 2 2.12 -30.92 5.01
CA SER A 2 2.66 -30.81 6.36
C SER A 2 4.14 -30.38 6.31
N SER A 3 4.92 -31.08 5.49
CA SER A 3 6.33 -30.79 5.35
C SER A 3 6.55 -29.45 4.65
N GLY A 4 5.92 -29.30 3.48
CA GLY A 4 6.04 -28.07 2.73
C GLY A 4 4.80 -27.20 2.82
N SER A 5 4.65 -26.51 3.95
CA SER A 5 3.49 -25.65 4.17
C SER A 5 3.79 -24.22 3.71
N SER A 6 4.44 -24.10 2.56
CA SER A 6 4.80 -22.80 2.01
C SER A 6 4.37 -22.70 0.55
N GLY A 7 3.58 -21.68 0.24
CA GLY A 7 3.11 -21.49 -1.12
C GLY A 7 1.67 -21.93 -1.31
N ASN A 8 0.75 -21.27 -0.62
CA ASN A 8 -0.66 -21.59 -0.70
C ASN A 8 -1.49 -20.36 -1.04
N GLU A 9 -1.82 -20.19 -2.31
CA GLU A 9 -2.61 -19.06 -2.77
C GLU A 9 -4.09 -19.39 -2.78
N VAL A 10 -4.86 -18.66 -1.98
CA VAL A 10 -6.30 -18.88 -1.89
C VAL A 10 -6.94 -18.89 -3.28
N ASP A 11 -6.45 -18.02 -4.16
CA ASP A 11 -6.97 -17.93 -5.52
C ASP A 11 -5.95 -17.27 -6.45
N ASP A 12 -5.76 -17.88 -7.62
CA ASP A 12 -4.81 -17.36 -8.60
C ASP A 12 -4.98 -15.85 -8.77
N MET A 13 -4.05 -15.23 -9.50
CA MET A 13 -4.11 -13.80 -9.74
C MET A 13 -4.22 -13.50 -11.23
N ASP A 14 -5.03 -14.29 -11.93
CA ASP A 14 -5.22 -14.11 -13.36
C ASP A 14 -6.70 -13.93 -13.68
N THR A 15 -7.20 -12.72 -13.49
CA THR A 15 -8.61 -12.42 -13.77
C THR A 15 -8.80 -10.93 -14.05
N SER A 16 -9.89 -10.60 -14.73
CA SER A 16 -10.19 -9.22 -15.07
C SER A 16 -10.58 -8.43 -13.82
N ASP A 17 -11.52 -8.96 -13.06
CA ASP A 17 -11.99 -8.31 -11.84
C ASP A 17 -11.04 -8.58 -10.69
N THR A 18 -10.24 -7.57 -10.32
CA THR A 18 -9.29 -7.71 -9.23
C THR A 18 -8.97 -6.36 -8.60
N GLN A 19 -9.03 -6.30 -7.28
CA GLN A 19 -8.75 -5.07 -6.55
C GLN A 19 -7.26 -4.93 -6.25
N TRP A 20 -6.70 -3.77 -6.55
CA TRP A 20 -5.28 -3.52 -6.30
C TRP A 20 -5.08 -2.70 -5.04
N GLY A 21 -4.29 -3.22 -4.10
CA GLY A 21 -4.04 -2.53 -2.86
C GLY A 21 -2.58 -2.11 -2.72
N TRP A 22 -2.32 -1.18 -1.81
CA TRP A 22 -0.97 -0.69 -1.58
C TRP A 22 -0.42 -1.22 -0.26
N PHE A 23 0.88 -1.49 -0.23
CA PHE A 23 1.54 -2.00 0.96
C PHE A 23 2.91 -1.37 1.15
N TYR A 24 3.38 -1.34 2.39
CA TYR A 24 4.67 -0.76 2.71
C TYR A 24 5.44 -1.64 3.70
N LEU A 25 6.66 -2.01 3.33
CA LEU A 25 7.49 -2.85 4.18
C LEU A 25 7.67 -2.22 5.56
N ALA A 26 7.75 -3.06 6.58
CA ALA A 26 7.94 -2.58 7.96
C ALA A 26 9.30 -2.98 8.50
N GLU A 27 9.67 -2.39 9.64
CA GLU A 27 10.95 -2.68 10.26
C GLU A 27 11.03 -4.14 10.71
N CYS A 28 9.92 -4.63 11.26
CA CYS A 28 9.86 -6.01 11.74
C CYS A 28 10.17 -6.99 10.61
N GLY A 29 9.80 -6.61 9.39
CA GLY A 29 10.04 -7.47 8.25
C GLY A 29 8.80 -7.72 7.43
N LYS A 30 7.67 -7.89 8.11
CA LYS A 30 6.40 -8.13 7.43
C LYS A 30 5.81 -6.83 6.89
N TRP A 31 5.31 -6.88 5.67
CA TRP A 31 4.72 -5.71 5.03
C TRP A 31 3.37 -5.38 5.65
N HIS A 32 3.06 -4.09 5.77
CA HIS A 32 1.81 -3.65 6.35
C HIS A 32 1.01 -2.82 5.34
N MET A 33 -0.24 -3.19 5.14
CA MET A 33 -1.11 -2.49 4.20
C MET A 33 -1.37 -1.06 4.67
N PHE A 34 -1.52 -0.15 3.72
CA PHE A 34 -1.76 1.25 4.03
C PHE A 34 -3.12 1.44 4.69
N GLN A 35 -3.26 2.51 5.45
CA GLN A 35 -4.52 2.80 6.14
C GLN A 35 -4.87 4.28 6.03
N PRO A 36 -6.19 4.58 6.11
CA PRO A 36 -6.69 5.96 6.02
C PRO A 36 -6.33 6.78 7.24
N ASP A 37 -6.38 8.11 7.10
CA ASP A 37 -6.06 9.01 8.20
C ASP A 37 -6.75 8.56 9.48
N THR A 38 -6.07 7.72 10.25
CA THR A 38 -6.61 7.21 11.51
C THR A 38 -5.52 7.05 12.55
N ASN A 39 -5.92 7.03 13.83
CA ASN A 39 -4.96 6.88 14.91
C ASN A 39 -4.05 5.69 14.67
N SER A 40 -4.62 4.60 14.16
CA SER A 40 -3.85 3.39 13.89
C SER A 40 -2.60 3.72 13.08
N GLN A 41 -2.79 3.97 11.79
CA GLN A 41 -1.67 4.29 10.90
C GLN A 41 -1.51 5.80 10.76
N CYS A 42 -2.63 6.50 10.65
CA CYS A 42 -2.60 7.95 10.51
C CYS A 42 -1.94 8.36 9.21
N SER A 43 -2.44 7.83 8.10
CA SER A 43 -1.87 8.13 6.78
C SER A 43 -2.93 7.95 5.69
N VAL A 44 -2.54 8.24 4.45
CA VAL A 44 -3.44 8.10 3.32
C VAL A 44 -3.71 6.63 3.00
N SER A 45 -4.92 6.34 2.56
CA SER A 45 -5.31 4.98 2.21
C SER A 45 -4.80 4.59 0.83
N SER A 46 -4.73 3.29 0.57
CA SER A 46 -4.25 2.80 -0.71
C SER A 46 -4.88 3.58 -1.87
N GLU A 47 -6.15 3.94 -1.71
CA GLU A 47 -6.86 4.69 -2.74
C GLU A 47 -6.10 5.94 -3.12
N ASP A 48 -6.06 6.92 -2.21
CA ASP A 48 -5.36 8.17 -2.46
C ASP A 48 -4.02 7.92 -3.14
N ILE A 49 -3.13 7.21 -2.45
CA ILE A 49 -1.82 6.90 -2.99
C ILE A 49 -1.91 6.38 -4.42
N GLU A 50 -2.63 5.28 -4.61
CA GLU A 50 -2.80 4.69 -5.92
C GLU A 50 -3.20 5.74 -6.95
N LYS A 51 -4.20 6.55 -6.59
CA LYS A 51 -4.68 7.60 -7.47
C LYS A 51 -3.54 8.48 -7.96
N SER A 52 -2.68 8.90 -7.02
CA SER A 52 -1.54 9.74 -7.36
C SER A 52 -0.51 8.97 -8.19
N PHE A 53 -0.38 7.69 -7.90
CA PHE A 53 0.56 6.84 -8.63
C PHE A 53 0.18 6.73 -10.10
N LYS A 54 -1.12 6.80 -10.37
CA LYS A 54 -1.62 6.71 -11.74
C LYS A 54 -1.08 7.85 -12.59
N THR A 55 -1.47 9.08 -12.24
CA THR A 55 -1.02 10.26 -12.97
C THR A 55 0.49 10.44 -12.87
N ASN A 56 1.03 10.11 -11.70
CA ASN A 56 2.47 10.24 -11.47
C ASN A 56 3.06 8.90 -11.02
N PRO A 57 3.25 7.98 -11.99
CA PRO A 57 3.82 6.67 -11.72
C PRO A 57 5.30 6.72 -11.36
N CYS A 58 5.99 7.73 -11.88
CA CYS A 58 7.42 7.91 -11.61
C CYS A 58 7.66 9.21 -10.86
N GLY A 59 6.73 9.59 -9.99
CA GLY A 59 6.87 10.81 -9.23
C GLY A 59 6.90 10.56 -7.74
N SER A 60 6.21 11.40 -6.98
CA SER A 60 6.16 11.27 -5.54
C SER A 60 4.97 12.04 -4.95
N ILE A 61 4.42 11.51 -3.87
CA ILE A 61 3.28 12.14 -3.22
C ILE A 61 3.63 12.63 -1.83
N SER A 62 3.74 13.94 -1.67
CA SER A 62 4.08 14.53 -0.38
C SER A 62 2.83 14.81 0.45
N PHE A 63 2.76 14.22 1.63
CA PHE A 63 1.61 14.40 2.52
C PHE A 63 2.05 14.43 3.97
N THR A 64 1.52 15.38 4.73
CA THR A 64 1.85 15.53 6.13
C THR A 64 0.65 15.23 7.02
N THR A 65 0.76 14.19 7.83
CA THR A 65 -0.32 13.80 8.73
C THR A 65 -0.22 14.52 10.06
N SER A 66 -1.36 14.95 10.60
CA SER A 66 -1.39 15.66 11.86
C SER A 66 -0.42 15.05 12.86
N LYS A 67 -0.11 13.77 12.67
CA LYS A 67 0.81 13.06 13.55
C LYS A 67 2.26 13.30 13.12
N PHE A 68 2.57 12.94 11.87
CA PHE A 68 3.91 13.11 11.34
C PHE A 68 3.88 13.37 9.84
N SER A 69 5.05 13.62 9.26
CA SER A 69 5.15 13.88 7.83
C SER A 69 5.68 12.65 7.09
N TYR A 70 5.27 12.51 5.83
CA TYR A 70 5.70 11.38 5.02
C TYR A 70 5.64 11.73 3.52
N LYS A 71 6.62 11.23 2.77
CA LYS A 71 6.68 11.49 1.34
C LYS A 71 6.97 10.21 0.57
N ILE A 72 5.92 9.62 0.00
CA ILE A 72 6.06 8.39 -0.77
C ILE A 72 6.44 8.69 -2.21
N ASP A 73 7.69 8.37 -2.57
CA ASP A 73 8.18 8.60 -3.92
C ASP A 73 7.97 7.37 -4.78
N PHE A 74 6.89 7.35 -5.55
CA PHE A 74 6.57 6.24 -6.42
C PHE A 74 7.75 5.91 -7.35
N ALA A 75 8.30 6.95 -7.98
CA ALA A 75 9.43 6.78 -8.88
C ALA A 75 10.53 5.95 -8.23
N GLU A 76 10.79 6.22 -6.96
CA GLU A 76 11.83 5.50 -6.21
C GLU A 76 11.30 4.18 -5.68
N MET A 77 9.97 4.05 -5.66
CA MET A 77 9.33 2.83 -5.17
C MET A 77 9.65 2.60 -3.69
N LYS A 78 9.57 3.66 -2.90
CA LYS A 78 9.85 3.57 -1.47
C LYS A 78 9.26 4.77 -0.73
N GLN A 79 9.14 4.64 0.59
CA GLN A 79 8.59 5.71 1.41
C GLN A 79 9.71 6.57 1.99
N MET A 80 9.54 7.89 1.88
CA MET A 80 10.54 8.82 2.39
C MET A 80 10.18 9.29 3.81
N ASN A 81 10.73 8.60 4.80
CA ASN A 81 10.46 8.93 6.20
C ASN A 81 11.20 10.20 6.60
N LEU A 82 10.46 11.26 6.88
CA LEU A 82 11.04 12.54 7.29
C LEU A 82 10.99 12.70 8.80
N THR A 83 9.89 12.28 9.39
CA THR A 83 9.71 12.39 10.84
C THR A 83 10.82 11.65 11.58
N THR A 84 11.21 10.49 11.05
CA THR A 84 12.26 9.69 11.67
C THR A 84 13.53 9.73 10.83
N GLY A 85 13.38 9.96 9.54
CA GLY A 85 14.53 10.02 8.65
C GLY A 85 14.98 8.65 8.19
N LYS A 86 14.10 7.66 8.34
CA LYS A 86 14.41 6.30 7.94
C LYS A 86 13.91 6.02 6.52
N GLN A 87 14.22 4.84 6.01
CA GLN A 87 13.81 4.45 4.67
C GLN A 87 13.14 3.08 4.68
N ARG A 88 12.19 2.87 3.77
CA ARG A 88 11.48 1.61 3.68
C ARG A 88 10.97 1.37 2.26
N LEU A 89 10.96 0.11 1.83
CA LEU A 89 10.49 -0.24 0.50
C LEU A 89 8.97 -0.39 0.48
N ILE A 90 8.39 -0.21 -0.70
CA ILE A 90 6.94 -0.33 -0.86
C ILE A 90 6.59 -1.32 -1.96
N LYS A 91 5.30 -1.58 -2.12
CA LYS A 91 4.81 -2.51 -3.14
C LYS A 91 3.32 -2.35 -3.36
N ARG A 92 2.88 -2.60 -4.59
CA ARG A 92 1.46 -2.48 -4.94
C ARG A 92 0.90 -3.84 -5.37
N ALA A 93 0.18 -4.49 -4.47
CA ALA A 93 -0.42 -5.79 -4.76
C ALA A 93 -1.90 -5.81 -4.38
N PRO A 94 -2.64 -6.76 -4.96
CA PRO A 94 -4.08 -6.91 -4.70
C PRO A 94 -4.36 -7.42 -3.30
N PHE A 95 -5.55 -7.10 -2.79
CA PHE A 95 -5.95 -7.52 -1.45
C PHE A 95 -5.67 -9.00 -1.24
N SER A 96 -4.63 -9.30 -0.46
CA SER A 96 -4.26 -10.68 -0.18
C SER A 96 -5.04 -11.23 1.01
N SER A 97 -6.28 -11.66 0.75
CA SER A 97 -7.13 -12.21 1.80
C SER A 97 -8.42 -12.78 1.21
N GLY A 98 -8.61 -14.08 1.38
CA GLY A 98 -9.81 -14.73 0.85
C GLY A 98 -10.10 -14.34 -0.58
N PRO A 99 -11.37 -14.48 -0.99
CA PRO A 99 -11.79 -14.14 -2.36
C PRO A 99 -11.78 -12.65 -2.61
N SER A 100 -11.59 -12.26 -3.87
CA SER A 100 -11.55 -10.86 -4.25
C SER A 100 -12.54 -10.57 -5.37
N SER A 101 -13.80 -10.34 -5.00
CA SER A 101 -14.84 -10.06 -5.99
C SER A 101 -16.07 -9.45 -5.30
N GLY A 102 -16.53 -8.34 -5.83
CA GLY A 102 -17.70 -7.68 -5.27
C GLY A 102 -19.00 -8.30 -5.73
N GLY A 1 -19.24 -16.82 13.36
CA GLY A 1 -17.97 -16.15 13.15
C GLY A 1 -16.87 -17.10 12.72
N SER A 2 -16.43 -16.97 11.47
CA SER A 2 -15.39 -17.83 10.94
C SER A 2 -14.18 -17.01 10.48
N SER A 3 -13.26 -16.76 11.41
CA SER A 3 -12.06 -15.99 11.12
C SER A 3 -10.92 -16.89 10.64
N GLY A 4 -10.33 -16.53 9.51
CA GLY A 4 -9.24 -17.33 8.98
C GLY A 4 -7.87 -16.69 9.23
N SER A 5 -7.07 -17.34 10.08
CA SER A 5 -5.75 -16.83 10.41
C SER A 5 -4.75 -17.18 9.32
N SER A 6 -4.57 -18.47 9.07
CA SER A 6 -3.63 -18.94 8.06
C SER A 6 -4.14 -18.59 6.66
N GLY A 7 -3.41 -17.72 5.97
CA GLY A 7 -3.81 -17.32 4.63
C GLY A 7 -4.15 -18.51 3.76
N ASN A 8 -4.86 -18.25 2.66
CA ASN A 8 -5.25 -19.31 1.74
C ASN A 8 -5.30 -18.78 0.31
N GLU A 9 -4.72 -19.55 -0.62
CA GLU A 9 -4.69 -19.17 -2.02
C GLU A 9 -5.96 -19.65 -2.74
N VAL A 10 -6.74 -18.70 -3.25
CA VAL A 10 -7.96 -19.02 -3.96
C VAL A 10 -7.85 -18.71 -5.44
N ASP A 11 -8.36 -19.61 -6.28
CA ASP A 11 -8.31 -19.43 -7.72
C ASP A 11 -9.60 -19.92 -8.37
N ASP A 12 -9.86 -19.45 -9.59
CA ASP A 12 -11.05 -19.83 -10.32
C ASP A 12 -10.86 -19.63 -11.82
N MET A 13 -11.31 -20.61 -12.61
CA MET A 13 -11.18 -20.55 -14.06
C MET A 13 -11.49 -19.15 -14.56
N ASP A 14 -12.50 -18.51 -13.97
CA ASP A 14 -12.90 -17.17 -14.35
C ASP A 14 -12.33 -16.13 -13.39
N THR A 15 -12.40 -14.87 -13.80
CA THR A 15 -11.89 -13.78 -12.97
C THR A 15 -12.92 -12.66 -12.82
N SER A 16 -12.62 -11.71 -11.94
CA SER A 16 -13.53 -10.59 -11.70
C SER A 16 -12.76 -9.34 -11.28
N ASP A 17 -13.46 -8.22 -11.22
CA ASP A 17 -12.83 -6.95 -10.83
C ASP A 17 -11.75 -7.18 -9.78
N THR A 18 -10.50 -6.98 -10.17
CA THR A 18 -9.37 -7.17 -9.26
C THR A 18 -8.93 -5.84 -8.65
N GLN A 19 -9.15 -5.70 -7.35
CA GLN A 19 -8.78 -4.48 -6.65
C GLN A 19 -7.28 -4.43 -6.41
N TRP A 20 -6.71 -3.22 -6.47
CA TRP A 20 -5.28 -3.04 -6.26
C TRP A 20 -5.00 -2.37 -4.92
N GLY A 21 -4.20 -3.02 -4.08
CA GLY A 21 -3.87 -2.47 -2.78
C GLY A 21 -2.41 -2.10 -2.66
N TRP A 22 -2.13 -1.12 -1.81
CA TRP A 22 -0.75 -0.67 -1.60
C TRP A 22 -0.21 -1.17 -0.26
N PHE A 23 1.01 -1.69 -0.28
CA PHE A 23 1.64 -2.20 0.92
C PHE A 23 3.09 -1.72 1.03
N TYR A 24 3.48 -1.29 2.23
CA TYR A 24 4.84 -0.80 2.45
C TYR A 24 5.58 -1.71 3.44
N LEU A 25 6.86 -1.92 3.18
CA LEU A 25 7.69 -2.77 4.05
C LEU A 25 7.88 -2.13 5.41
N ALA A 26 8.21 -2.94 6.41
CA ALA A 26 8.42 -2.45 7.76
C ALA A 26 9.84 -2.75 8.23
N GLU A 27 10.13 -2.40 9.48
CA GLU A 27 11.45 -2.63 10.05
C GLU A 27 11.69 -4.10 10.29
N CYS A 28 10.64 -4.82 10.69
CA CYS A 28 10.74 -6.24 10.96
C CYS A 28 10.57 -7.05 9.68
N GLY A 29 10.92 -6.44 8.55
CA GLY A 29 10.81 -7.10 7.27
C GLY A 29 9.41 -7.60 6.99
N LYS A 30 8.42 -6.80 7.38
CA LYS A 30 7.02 -7.16 7.17
C LYS A 30 6.27 -6.05 6.44
N TRP A 31 5.61 -6.41 5.34
CA TRP A 31 4.85 -5.44 4.56
C TRP A 31 3.46 -5.23 5.15
N HIS A 32 3.14 -3.98 5.45
CA HIS A 32 1.84 -3.63 6.02
C HIS A 32 0.95 -2.98 4.98
N MET A 33 -0.36 -3.18 5.12
CA MET A 33 -1.32 -2.62 4.19
C MET A 33 -1.51 -1.12 4.44
N PHE A 34 -1.36 -0.32 3.39
CA PHE A 34 -1.52 1.14 3.51
C PHE A 34 -2.78 1.48 4.30
N GLN A 35 -2.65 2.40 5.24
CA GLN A 35 -3.78 2.83 6.06
C GLN A 35 -3.53 4.20 6.66
N PRO A 36 -4.62 4.95 6.91
CA PRO A 36 -4.54 6.29 7.50
C PRO A 36 -4.10 6.26 8.96
N ASP A 37 -3.00 6.95 9.25
CA ASP A 37 -2.47 7.01 10.61
C ASP A 37 -3.60 7.03 11.63
N THR A 38 -4.55 7.94 11.42
CA THR A 38 -5.69 8.06 12.32
C THR A 38 -6.98 8.35 11.56
N ASN A 39 -7.97 7.48 11.74
CA ASN A 39 -9.26 7.64 11.06
C ASN A 39 -9.81 9.05 11.27
N SER A 40 -9.83 9.50 12.51
CA SER A 40 -10.34 10.83 12.84
C SER A 40 -9.69 11.89 11.96
N GLN A 41 -8.38 12.01 12.06
CA GLN A 41 -7.63 12.98 11.28
C GLN A 41 -6.58 12.30 10.41
N CYS A 42 -7.00 11.73 9.30
CA CYS A 42 -6.09 11.05 8.39
C CYS A 42 -5.64 11.97 7.26
N SER A 43 -4.62 11.55 6.54
CA SER A 43 -4.09 12.35 5.43
C SER A 43 -4.29 11.64 4.10
N VAL A 44 -3.68 10.48 3.96
CA VAL A 44 -3.78 9.69 2.73
C VAL A 44 -4.12 8.24 3.04
N SER A 45 -4.69 7.54 2.05
CA SER A 45 -5.07 6.15 2.22
C SER A 45 -4.72 5.35 0.97
N SER A 46 -4.68 4.02 1.11
CA SER A 46 -4.36 3.14 0.00
C SER A 46 -4.87 3.71 -1.32
N GLU A 47 -6.03 4.37 -1.26
CA GLU A 47 -6.63 4.95 -2.44
C GLU A 47 -5.86 6.19 -2.89
N ASP A 48 -5.76 7.18 -2.00
CA ASP A 48 -5.05 8.41 -2.30
C ASP A 48 -3.78 8.13 -3.10
N ILE A 49 -2.98 7.19 -2.62
CA ILE A 49 -1.74 6.81 -3.29
C ILE A 49 -2.01 6.25 -4.67
N GLU A 50 -2.69 5.11 -4.72
CA GLU A 50 -3.01 4.46 -5.99
C GLU A 50 -3.36 5.51 -7.05
N LYS A 51 -4.19 6.47 -6.68
CA LYS A 51 -4.61 7.53 -7.59
C LYS A 51 -3.41 8.34 -8.06
N SER A 52 -2.53 8.69 -7.12
CA SER A 52 -1.33 9.47 -7.43
C SER A 52 -0.36 8.66 -8.29
N PHE A 53 -0.32 7.35 -8.05
CA PHE A 53 0.57 6.47 -8.80
C PHE A 53 0.07 6.28 -10.23
N LYS A 54 -1.25 6.22 -10.38
CA LYS A 54 -1.86 6.04 -11.70
C LYS A 54 -1.52 7.21 -12.61
N THR A 55 -1.90 8.41 -12.20
CA THR A 55 -1.65 9.61 -12.98
C THR A 55 -0.15 9.82 -13.17
N ASN A 56 0.63 9.55 -12.12
CA ASN A 56 2.07 9.72 -12.17
C ASN A 56 2.78 8.49 -11.60
N PRO A 57 3.19 7.58 -12.48
CA PRO A 57 3.89 6.35 -12.10
C PRO A 57 5.29 6.62 -11.58
N CYS A 58 5.83 7.79 -11.92
CA CYS A 58 7.17 8.17 -11.49
C CYS A 58 7.14 9.50 -10.74
N GLY A 59 6.13 9.68 -9.90
CA GLY A 59 6.01 10.91 -9.13
C GLY A 59 5.94 10.66 -7.64
N SER A 60 6.13 11.71 -6.86
CA SER A 60 6.09 11.61 -5.41
C SER A 60 4.88 12.33 -4.83
N ILE A 61 4.40 11.84 -3.69
CA ILE A 61 3.24 12.44 -3.05
C ILE A 61 3.58 12.94 -1.64
N SER A 62 3.73 14.24 -1.51
CA SER A 62 4.07 14.86 -0.23
C SER A 62 2.82 15.10 0.60
N PHE A 63 2.76 14.47 1.78
CA PHE A 63 1.62 14.62 2.66
C PHE A 63 2.05 14.60 4.12
N THR A 64 1.49 15.50 4.92
CA THR A 64 1.82 15.59 6.34
C THR A 64 0.65 15.14 7.21
N THR A 65 0.87 14.07 7.98
CA THR A 65 -0.17 13.54 8.85
C THR A 65 -0.33 14.41 10.10
N SER A 66 -1.18 13.95 11.02
CA SER A 66 -1.42 14.69 12.26
C SER A 66 -0.16 14.76 13.10
N LYS A 67 0.53 15.89 13.03
CA LYS A 67 1.76 16.09 13.80
C LYS A 67 2.87 15.18 13.29
N PHE A 68 2.84 14.88 12.00
CA PHE A 68 3.84 14.02 11.39
C PHE A 68 3.94 14.27 9.88
N SER A 69 5.08 13.92 9.30
CA SER A 69 5.29 14.10 7.87
C SER A 69 5.72 12.80 7.21
N TYR A 70 5.35 12.63 5.95
CA TYR A 70 5.69 11.43 5.20
C TYR A 70 5.72 11.70 3.70
N LYS A 71 6.72 11.14 3.02
CA LYS A 71 6.86 11.32 1.58
C LYS A 71 6.96 9.97 0.87
N ILE A 72 6.11 9.77 -0.12
CA ILE A 72 6.10 8.53 -0.89
C ILE A 72 6.44 8.78 -2.36
N ASP A 73 7.59 8.28 -2.79
CA ASP A 73 8.02 8.45 -4.17
C ASP A 73 7.81 7.16 -4.97
N PHE A 74 6.99 7.25 -6.01
CA PHE A 74 6.70 6.10 -6.85
C PHE A 74 7.92 5.69 -7.66
N ALA A 75 8.49 6.65 -8.38
CA ALA A 75 9.67 6.41 -9.21
C ALA A 75 10.76 5.70 -8.40
N GLU A 76 10.89 6.09 -7.14
CA GLU A 76 11.90 5.50 -6.25
C GLU A 76 11.39 4.18 -5.65
N MET A 77 10.09 3.97 -5.74
CA MET A 77 9.48 2.75 -5.20
C MET A 77 9.82 2.57 -3.73
N LYS A 78 9.73 3.65 -2.96
CA LYS A 78 10.03 3.62 -1.54
C LYS A 78 9.36 4.79 -0.81
N GLN A 79 9.02 4.57 0.45
CA GLN A 79 8.38 5.61 1.25
C GLN A 79 9.41 6.37 2.08
N MET A 80 9.65 7.62 1.73
CA MET A 80 10.62 8.45 2.44
C MET A 80 9.95 9.13 3.64
N ASN A 81 10.37 8.73 4.84
CA ASN A 81 9.82 9.30 6.07
C ASN A 81 10.53 10.60 6.41
N LEU A 82 9.79 11.55 6.98
CA LEU A 82 10.34 12.84 7.37
C LEU A 82 10.28 13.02 8.88
N THR A 83 9.16 12.62 9.47
CA THR A 83 8.97 12.74 10.92
C THR A 83 10.18 12.22 11.67
N THR A 84 10.67 11.04 11.28
CA THR A 84 11.83 10.44 11.92
C THR A 84 12.99 10.32 10.95
N GLY A 85 12.68 10.26 9.66
CA GLY A 85 13.71 10.15 8.64
C GLY A 85 14.05 8.71 8.33
N LYS A 86 13.08 7.81 8.52
CA LYS A 86 13.28 6.40 8.25
C LYS A 86 13.04 6.08 6.78
N GLN A 87 13.30 4.85 6.38
CA GLN A 87 13.11 4.42 5.00
C GLN A 87 12.48 3.04 4.95
N ARG A 88 11.57 2.83 3.99
CA ARG A 88 10.90 1.55 3.83
C ARG A 88 10.40 1.38 2.40
N LEU A 89 10.70 0.23 1.81
CA LEU A 89 10.29 -0.07 0.44
C LEU A 89 8.77 -0.13 0.34
N ILE A 90 8.26 0.00 -0.88
CA ILE A 90 6.82 -0.05 -1.11
C ILE A 90 6.48 -0.91 -2.33
N LYS A 91 5.31 -1.54 -2.30
CA LYS A 91 4.87 -2.39 -3.39
C LYS A 91 3.36 -2.26 -3.61
N ARG A 92 2.93 -2.55 -4.83
CA ARG A 92 1.51 -2.47 -5.17
C ARG A 92 0.98 -3.83 -5.65
N ALA A 93 0.26 -4.52 -4.78
CA ALA A 93 -0.30 -5.82 -5.11
C ALA A 93 -1.81 -5.85 -4.88
N PRO A 94 -2.50 -6.70 -5.65
CA PRO A 94 -3.96 -6.84 -5.54
C PRO A 94 -4.39 -7.50 -4.23
N PHE A 95 -5.50 -7.01 -3.68
CA PHE A 95 -6.02 -7.55 -2.42
C PHE A 95 -6.43 -9.01 -2.59
N SER A 96 -6.57 -9.71 -1.46
CA SER A 96 -6.95 -11.11 -1.48
C SER A 96 -8.36 -11.30 -0.91
N SER A 97 -9.36 -11.22 -1.79
CA SER A 97 -10.75 -11.38 -1.39
C SER A 97 -10.93 -12.64 -0.55
N GLY A 98 -10.96 -12.46 0.77
CA GLY A 98 -11.13 -13.59 1.67
C GLY A 98 -12.45 -14.31 1.45
N PRO A 99 -12.46 -15.63 1.72
CA PRO A 99 -13.66 -16.46 1.55
C PRO A 99 -14.73 -16.14 2.58
N SER A 100 -15.84 -15.57 2.12
CA SER A 100 -16.95 -15.21 3.00
C SER A 100 -17.68 -16.46 3.49
N SER A 101 -17.82 -16.58 4.80
CA SER A 101 -18.51 -17.73 5.39
C SER A 101 -17.77 -19.03 5.07
N GLY A 102 -16.44 -18.99 5.18
CA GLY A 102 -15.65 -20.17 4.89
C GLY A 102 -14.37 -19.84 4.14
N GLY A 1 26.05 -11.81 4.53
CA GLY A 1 26.09 -12.95 3.63
C GLY A 1 25.03 -13.98 3.96
N SER A 2 23.91 -13.93 3.26
CA SER A 2 22.82 -14.88 3.50
C SER A 2 22.11 -15.23 2.19
N SER A 3 21.89 -16.52 1.98
CA SER A 3 21.23 -17.00 0.77
C SER A 3 20.10 -17.97 1.11
N GLY A 4 19.28 -18.27 0.12
CA GLY A 4 18.17 -19.19 0.32
C GLY A 4 16.84 -18.48 0.41
N SER A 5 15.98 -18.72 -0.57
CA SER A 5 14.66 -18.10 -0.61
C SER A 5 13.62 -19.04 -1.21
N SER A 6 12.44 -19.10 -0.60
CA SER A 6 11.37 -19.96 -1.07
C SER A 6 10.12 -19.15 -1.39
N GLY A 7 9.73 -19.15 -2.66
CA GLY A 7 8.55 -18.42 -3.07
C GLY A 7 7.71 -19.17 -4.08
N ASN A 8 6.50 -19.56 -3.67
CA ASN A 8 5.60 -20.29 -4.55
C ASN A 8 4.92 -19.37 -5.54
N GLU A 9 4.32 -19.95 -6.58
CA GLU A 9 3.64 -19.16 -7.60
C GLU A 9 2.11 -19.31 -7.47
N VAL A 10 1.43 -18.19 -7.29
CA VAL A 10 -0.02 -18.19 -7.15
C VAL A 10 -0.67 -17.23 -8.14
N ASP A 11 -1.14 -17.75 -9.26
CA ASP A 11 -1.79 -16.94 -10.28
C ASP A 11 -3.19 -17.44 -10.57
N ASP A 12 -3.97 -16.64 -11.31
CA ASP A 12 -5.33 -17.00 -11.65
C ASP A 12 -5.77 -16.32 -12.94
N MET A 13 -6.92 -16.73 -13.47
CA MET A 13 -7.44 -16.16 -14.69
C MET A 13 -7.21 -14.65 -14.75
N ASP A 14 -7.10 -14.11 -15.95
CA ASP A 14 -6.87 -12.68 -16.13
C ASP A 14 -8.20 -11.91 -16.13
N THR A 15 -8.27 -10.85 -15.33
CA THR A 15 -9.48 -10.04 -15.23
C THR A 15 -9.16 -8.56 -15.41
N SER A 16 -10.15 -7.80 -15.87
CA SER A 16 -9.97 -6.37 -16.09
C SER A 16 -10.19 -5.59 -14.80
N ASP A 17 -11.36 -5.79 -14.20
CA ASP A 17 -11.70 -5.10 -12.95
C ASP A 17 -11.03 -5.77 -11.76
N THR A 18 -10.12 -5.05 -11.13
CA THR A 18 -9.39 -5.57 -9.97
C THR A 18 -8.90 -4.44 -9.07
N GLN A 19 -9.14 -4.58 -7.77
CA GLN A 19 -8.73 -3.58 -6.80
C GLN A 19 -7.25 -3.71 -6.48
N TRP A 20 -6.51 -2.61 -6.63
CA TRP A 20 -5.08 -2.61 -6.35
C TRP A 20 -4.79 -1.99 -4.99
N GLY A 21 -4.24 -2.79 -4.07
CA GLY A 21 -3.92 -2.29 -2.75
C GLY A 21 -2.47 -1.90 -2.61
N TRP A 22 -2.20 -0.96 -1.72
CA TRP A 22 -0.83 -0.49 -1.49
C TRP A 22 -0.31 -0.98 -0.15
N PHE A 23 0.96 -1.37 -0.12
CA PHE A 23 1.58 -1.85 1.11
C PHE A 23 3.02 -1.37 1.22
N TYR A 24 3.49 -1.20 2.45
CA TYR A 24 4.85 -0.74 2.69
C TYR A 24 5.50 -1.53 3.83
N LEU A 25 6.81 -1.71 3.74
CA LEU A 25 7.54 -2.45 4.76
C LEU A 25 7.76 -1.60 6.00
N ALA A 26 7.17 -2.04 7.12
CA ALA A 26 7.29 -1.32 8.38
C ALA A 26 8.59 -1.67 9.09
N GLU A 27 8.97 -0.86 10.07
CA GLU A 27 10.19 -1.09 10.83
C GLU A 27 10.14 -2.44 11.54
N CYS A 28 8.96 -2.79 12.06
CA CYS A 28 8.78 -4.05 12.77
C CYS A 28 9.11 -5.23 11.86
N GLY A 29 8.88 -5.06 10.56
CA GLY A 29 9.16 -6.11 9.60
C GLY A 29 7.95 -6.48 8.78
N LYS A 30 6.78 -6.50 9.41
CA LYS A 30 5.54 -6.85 8.73
C LYS A 30 5.00 -5.65 7.95
N TRP A 31 4.70 -5.87 6.68
CA TRP A 31 4.19 -4.81 5.82
C TRP A 31 2.79 -4.40 6.26
N HIS A 32 2.57 -3.09 6.36
CA HIS A 32 1.27 -2.55 6.77
C HIS A 32 0.48 -2.08 5.56
N MET A 33 -0.78 -2.52 5.47
CA MET A 33 -1.65 -2.14 4.36
C MET A 33 -1.99 -0.65 4.43
N PHE A 34 -1.77 0.05 3.32
CA PHE A 34 -2.04 1.48 3.25
C PHE A 34 -3.44 1.78 3.79
N GLN A 35 -3.50 2.63 4.81
CA GLN A 35 -4.77 3.01 5.41
C GLN A 35 -4.68 4.38 6.06
N PRO A 36 -5.84 5.01 6.28
CA PRO A 36 -5.92 6.34 6.89
C PRO A 36 -5.54 6.33 8.36
N ASP A 37 -4.69 7.27 8.76
CA ASP A 37 -4.25 7.36 10.15
C ASP A 37 -5.33 7.97 11.03
N THR A 38 -5.56 9.28 10.87
CA THR A 38 -6.56 9.98 11.64
C THR A 38 -7.92 9.97 10.93
N ASN A 39 -8.87 10.71 11.48
CA ASN A 39 -10.21 10.78 10.91
C ASN A 39 -10.35 12.00 10.01
N SER A 40 -10.08 13.17 10.57
CA SER A 40 -10.18 14.42 9.81
C SER A 40 -8.87 14.75 9.12
N GLN A 41 -8.95 15.24 7.90
CA GLN A 41 -7.77 15.59 7.12
C GLN A 41 -6.65 14.60 7.37
N CYS A 42 -7.01 13.36 7.70
CA CYS A 42 -6.03 12.32 7.97
C CYS A 42 -5.07 12.16 6.80
N SER A 43 -4.15 11.22 6.93
CA SER A 43 -3.16 10.97 5.88
C SER A 43 -3.82 10.37 4.64
N VAL A 44 -3.01 9.98 3.67
CA VAL A 44 -3.51 9.39 2.44
C VAL A 44 -3.83 7.92 2.61
N SER A 45 -4.77 7.41 1.83
CA SER A 45 -5.17 6.01 1.91
C SER A 45 -4.76 5.26 0.65
N SER A 46 -4.64 3.94 0.77
CA SER A 46 -4.24 3.10 -0.36
C SER A 46 -4.81 3.65 -1.67
N GLU A 47 -6.02 4.19 -1.60
CA GLU A 47 -6.67 4.75 -2.78
C GLU A 47 -5.97 6.02 -3.24
N ASP A 48 -5.97 7.04 -2.39
CA ASP A 48 -5.33 8.31 -2.71
C ASP A 48 -4.01 8.08 -3.45
N ILE A 49 -3.19 7.18 -2.92
CA ILE A 49 -1.91 6.87 -3.54
C ILE A 49 -2.09 6.30 -4.95
N GLU A 50 -2.62 5.08 -5.01
CA GLU A 50 -2.85 4.42 -6.29
C GLU A 50 -3.34 5.42 -7.34
N LYS A 51 -4.09 6.42 -6.90
CA LYS A 51 -4.62 7.43 -7.79
C LYS A 51 -3.50 8.31 -8.33
N SER A 52 -2.63 8.78 -7.42
CA SER A 52 -1.51 9.64 -7.81
C SER A 52 -0.50 8.86 -8.64
N PHE A 53 -0.23 7.63 -8.24
CA PHE A 53 0.71 6.78 -8.94
C PHE A 53 0.17 6.33 -10.29
N LYS A 54 -1.16 6.20 -10.37
CA LYS A 54 -1.82 5.78 -11.60
C LYS A 54 -1.40 6.66 -12.77
N THR A 55 -1.51 7.98 -12.58
CA THR A 55 -1.15 8.93 -13.63
C THR A 55 0.35 9.17 -13.64
N ASN A 56 0.98 9.07 -12.47
CA ASN A 56 2.42 9.28 -12.35
C ASN A 56 3.06 8.17 -11.53
N PRO A 57 3.45 7.07 -12.20
CA PRO A 57 4.08 5.92 -11.56
C PRO A 57 5.49 6.23 -11.07
N CYS A 58 6.04 7.34 -11.54
CA CYS A 58 7.38 7.75 -11.16
C CYS A 58 7.37 9.14 -10.53
N GLY A 59 6.29 9.45 -9.82
CA GLY A 59 6.17 10.74 -9.16
C GLY A 59 6.37 10.66 -7.66
N SER A 60 5.48 11.29 -6.91
CA SER A 60 5.57 11.30 -5.46
C SER A 60 4.35 11.97 -4.84
N ILE A 61 4.25 11.90 -3.52
CA ILE A 61 3.13 12.50 -2.80
C ILE A 61 3.52 12.88 -1.38
N SER A 62 3.67 14.18 -1.15
CA SER A 62 4.05 14.68 0.17
C SER A 62 2.81 15.05 0.98
N PHE A 63 2.80 14.65 2.25
CA PHE A 63 1.69 14.93 3.13
C PHE A 63 2.10 14.81 4.60
N THR A 64 1.19 15.14 5.50
CA THR A 64 1.46 15.07 6.93
C THR A 64 0.22 14.62 7.70
N THR A 65 0.43 14.20 8.95
CA THR A 65 -0.67 13.75 9.79
C THR A 65 -0.94 14.73 10.92
N SER A 66 -0.01 14.81 11.88
CA SER A 66 -0.15 15.71 13.01
C SER A 66 1.09 16.58 13.17
N LYS A 67 2.20 15.96 13.53
CA LYS A 67 3.45 16.68 13.73
C LYS A 67 4.56 16.08 12.86
N PHE A 68 4.35 14.84 12.40
CA PHE A 68 5.32 14.16 11.56
C PHE A 68 4.93 14.24 10.09
N SER A 69 5.91 14.17 9.21
CA SER A 69 5.67 14.24 7.77
C SER A 69 6.05 12.92 7.09
N TYR A 70 5.54 12.73 5.88
CA TYR A 70 5.83 11.51 5.12
C TYR A 70 5.70 11.76 3.63
N LYS A 71 6.69 11.29 2.87
CA LYS A 71 6.69 11.46 1.42
C LYS A 71 6.89 10.12 0.71
N ILE A 72 5.84 9.64 0.05
CA ILE A 72 5.89 8.38 -0.66
C ILE A 72 6.38 8.58 -2.09
N ASP A 73 7.66 8.33 -2.32
CA ASP A 73 8.24 8.47 -3.66
C ASP A 73 7.99 7.23 -4.51
N PHE A 74 7.25 7.40 -5.60
CA PHE A 74 6.95 6.28 -6.49
C PHE A 74 8.14 5.96 -7.40
N ALA A 75 8.73 7.01 -7.97
CA ALA A 75 9.88 6.84 -8.85
C ALA A 75 10.95 5.97 -8.21
N GLU A 76 11.07 6.06 -6.89
CA GLU A 76 12.05 5.28 -6.15
C GLU A 76 11.41 4.01 -5.57
N MET A 77 10.10 3.91 -5.70
CA MET A 77 9.36 2.75 -5.18
C MET A 77 9.65 2.55 -3.70
N LYS A 78 9.55 3.62 -2.93
CA LYS A 78 9.78 3.56 -1.49
C LYS A 78 9.18 4.76 -0.78
N GLN A 79 9.00 4.65 0.53
CA GLN A 79 8.44 5.73 1.33
C GLN A 79 9.53 6.57 1.96
N MET A 80 9.68 7.80 1.46
CA MET A 80 10.70 8.71 1.98
C MET A 80 10.24 9.36 3.29
N ASN A 81 10.92 9.02 4.38
CA ASN A 81 10.58 9.56 5.69
C ASN A 81 11.24 10.92 5.90
N LEU A 82 10.56 11.80 6.62
CA LEU A 82 11.08 13.14 6.90
C LEU A 82 11.32 13.32 8.39
N THR A 83 10.58 12.58 9.21
CA THR A 83 10.71 12.67 10.66
C THR A 83 12.05 12.11 11.12
N THR A 84 12.44 10.97 10.54
CA THR A 84 13.71 10.33 10.89
C THR A 84 14.58 10.12 9.67
N GLY A 85 13.95 10.10 8.50
CA GLY A 85 14.67 9.90 7.26
C GLY A 85 14.90 8.43 6.94
N LYS A 86 14.18 7.56 7.65
CA LYS A 86 14.30 6.13 7.45
C LYS A 86 13.59 5.69 6.16
N GLN A 87 14.31 4.97 5.31
CA GLN A 87 13.76 4.50 4.05
C GLN A 87 13.09 3.13 4.22
N ARG A 88 12.04 2.89 3.45
CA ARG A 88 11.32 1.62 3.52
C ARG A 88 10.74 1.26 2.16
N LEU A 89 10.99 0.02 1.73
CA LEU A 89 10.49 -0.45 0.44
C LEU A 89 8.97 -0.56 0.45
N ILE A 90 8.36 -0.32 -0.70
CA ILE A 90 6.92 -0.38 -0.83
C ILE A 90 6.50 -1.36 -1.92
N LYS A 91 5.21 -1.65 -1.99
CA LYS A 91 4.68 -2.57 -2.99
C LYS A 91 3.22 -2.25 -3.32
N ARG A 92 2.79 -2.64 -4.50
CA ARG A 92 1.41 -2.40 -4.93
C ARG A 92 0.78 -3.67 -5.49
N ALA A 93 0.03 -4.38 -4.65
CA ALA A 93 -0.63 -5.61 -5.07
C ALA A 93 -2.12 -5.57 -4.73
N PRO A 94 -2.93 -6.30 -5.52
CA PRO A 94 -4.37 -6.37 -5.33
C PRO A 94 -4.75 -7.14 -4.06
N PHE A 95 -5.98 -6.94 -3.61
CA PHE A 95 -6.47 -7.61 -2.40
C PHE A 95 -6.92 -9.03 -2.72
N SER A 96 -5.96 -9.95 -2.80
CA SER A 96 -6.25 -11.35 -3.10
C SER A 96 -5.60 -12.27 -2.08
N SER A 97 -6.43 -13.07 -1.40
CA SER A 97 -5.93 -14.00 -0.39
C SER A 97 -6.56 -15.38 -0.57
N GLY A 98 -5.89 -16.23 -1.34
CA GLY A 98 -6.41 -17.56 -1.58
C GLY A 98 -6.07 -18.08 -2.97
N PRO A 99 -5.37 -19.22 -3.02
CA PRO A 99 -4.97 -19.84 -4.29
C PRO A 99 -6.15 -20.41 -5.06
N SER A 100 -6.62 -19.67 -6.05
CA SER A 100 -7.75 -20.10 -6.87
C SER A 100 -8.97 -20.38 -5.99
N SER A 101 -9.21 -19.50 -5.03
CA SER A 101 -10.34 -19.66 -4.12
C SER A 101 -11.40 -18.60 -4.40
N GLY A 102 -10.98 -17.36 -4.58
CA GLY A 102 -11.90 -16.27 -4.85
C GLY A 102 -11.66 -15.63 -6.21
N GLY A 1 -17.40 -12.32 6.26
CA GLY A 1 -16.45 -13.20 6.92
C GLY A 1 -16.66 -14.65 6.57
N SER A 2 -16.19 -15.05 5.39
CA SER A 2 -16.33 -16.43 4.94
C SER A 2 -14.97 -17.06 4.69
N SER A 3 -14.03 -16.81 5.61
CA SER A 3 -12.68 -17.35 5.49
C SER A 3 -12.47 -18.49 6.47
N GLY A 4 -11.70 -19.49 6.06
CA GLY A 4 -11.43 -20.62 6.93
C GLY A 4 -10.96 -21.84 6.15
N SER A 5 -10.65 -22.92 6.86
CA SER A 5 -10.19 -24.15 6.24
C SER A 5 -11.28 -24.78 5.39
N SER A 6 -11.27 -24.47 4.09
CA SER A 6 -12.27 -25.01 3.17
C SER A 6 -11.87 -24.73 1.73
N GLY A 7 -12.68 -25.24 0.79
CA GLY A 7 -12.39 -25.05 -0.61
C GLY A 7 -13.25 -23.96 -1.23
N ASN A 8 -12.63 -23.11 -2.04
CA ASN A 8 -13.34 -22.01 -2.69
C ASN A 8 -12.58 -21.55 -3.93
N GLU A 9 -13.22 -21.70 -5.09
CA GLU A 9 -12.61 -21.29 -6.36
C GLU A 9 -12.74 -19.79 -6.57
N VAL A 10 -11.61 -19.10 -6.70
CA VAL A 10 -11.60 -17.67 -6.91
C VAL A 10 -11.67 -17.31 -8.39
N ASP A 11 -11.84 -16.03 -8.68
CA ASP A 11 -11.91 -15.56 -10.07
C ASP A 11 -10.53 -15.52 -10.70
N ASP A 12 -10.49 -15.60 -12.03
CA ASP A 12 -9.23 -15.57 -12.75
C ASP A 12 -9.46 -15.24 -14.23
N MET A 13 -8.61 -14.38 -14.78
CA MET A 13 -8.72 -13.98 -16.17
C MET A 13 -10.19 -13.92 -16.60
N ASP A 14 -11.03 -13.38 -15.73
CA ASP A 14 -12.46 -13.27 -16.02
C ASP A 14 -13.02 -11.96 -15.46
N THR A 15 -14.01 -11.41 -16.15
CA THR A 15 -14.64 -10.16 -15.72
C THR A 15 -14.86 -10.15 -14.21
N SER A 16 -14.14 -9.28 -13.51
CA SER A 16 -14.27 -9.17 -12.06
C SER A 16 -13.57 -7.90 -11.55
N ASP A 17 -14.27 -7.16 -10.71
CA ASP A 17 -13.71 -5.93 -10.15
C ASP A 17 -12.59 -6.24 -9.16
N THR A 18 -11.36 -6.20 -9.66
CA THR A 18 -10.19 -6.49 -8.83
C THR A 18 -9.70 -5.22 -8.14
N GLN A 19 -9.93 -5.14 -6.84
CA GLN A 19 -9.50 -3.98 -6.06
C GLN A 19 -8.00 -4.02 -5.80
N TRP A 20 -7.29 -3.01 -6.28
CA TRP A 20 -5.85 -2.92 -6.11
C TRP A 20 -5.49 -2.17 -4.83
N GLY A 21 -4.67 -2.79 -4.00
CA GLY A 21 -4.26 -2.17 -2.74
C GLY A 21 -2.77 -1.86 -2.70
N TRP A 22 -2.38 -1.01 -1.76
CA TRP A 22 -0.98 -0.64 -1.62
C TRP A 22 -0.40 -1.17 -0.30
N PHE A 23 0.92 -1.30 -0.25
CA PHE A 23 1.58 -1.79 0.95
C PHE A 23 2.96 -1.15 1.10
N TYR A 24 3.52 -1.25 2.31
CA TYR A 24 4.83 -0.68 2.59
C TYR A 24 5.61 -1.57 3.56
N LEU A 25 6.88 -1.82 3.25
CA LEU A 25 7.73 -2.64 4.09
C LEU A 25 7.86 -2.05 5.49
N ALA A 26 8.24 -2.87 6.45
CA ALA A 26 8.41 -2.43 7.83
C ALA A 26 9.80 -2.79 8.35
N GLU A 27 10.06 -2.43 9.61
CA GLU A 27 11.34 -2.72 10.24
C GLU A 27 11.51 -4.22 10.48
N CYS A 28 10.40 -4.91 10.69
CA CYS A 28 10.43 -6.34 10.92
C CYS A 28 10.30 -7.12 9.62
N GLY A 29 10.73 -6.49 8.52
CA GLY A 29 10.65 -7.13 7.23
C GLY A 29 9.25 -7.60 6.89
N LYS A 30 8.25 -6.82 7.28
CA LYS A 30 6.86 -7.16 7.01
C LYS A 30 6.15 -6.02 6.29
N TRP A 31 5.52 -6.34 5.17
CA TRP A 31 4.79 -5.35 4.39
C TRP A 31 3.38 -5.14 4.92
N HIS A 32 3.14 -3.99 5.54
CA HIS A 32 1.83 -3.67 6.10
C HIS A 32 0.94 -3.04 5.04
N MET A 33 -0.37 -3.05 5.29
CA MET A 33 -1.33 -2.48 4.37
C MET A 33 -1.56 -1.00 4.67
N PHE A 34 -1.70 -0.20 3.62
CA PHE A 34 -1.92 1.23 3.77
C PHE A 34 -3.29 1.52 4.39
N GLN A 35 -3.35 2.52 5.26
CA GLN A 35 -4.59 2.89 5.92
C GLN A 35 -4.81 4.39 5.88
N PRO A 36 -6.07 4.81 6.04
CA PRO A 36 -6.45 6.24 6.03
C PRO A 36 -5.93 6.98 7.26
N ASP A 37 -5.88 8.30 7.15
CA ASP A 37 -5.40 9.13 8.26
C ASP A 37 -5.87 8.58 9.60
N THR A 38 -4.97 7.91 10.30
CA THR A 38 -5.28 7.33 11.59
C THR A 38 -4.07 7.30 12.51
N ASN A 39 -4.31 7.41 13.81
CA ASN A 39 -3.22 7.40 14.79
C ASN A 39 -2.26 6.24 14.53
N SER A 40 -2.79 5.03 14.49
CA SER A 40 -1.98 3.84 14.25
C SER A 40 -0.92 4.11 13.19
N GLN A 41 -1.33 4.20 11.94
CA GLN A 41 -0.42 4.46 10.84
C GLN A 41 -0.79 5.75 10.12
N CYS A 42 -0.86 6.84 10.86
CA CYS A 42 -1.21 8.14 10.29
C CYS A 42 -0.67 8.27 8.87
N SER A 43 -1.54 8.04 7.88
CA SER A 43 -1.15 8.11 6.48
C SER A 43 -2.36 7.92 5.58
N VAL A 44 -2.18 8.22 4.29
CA VAL A 44 -3.26 8.08 3.32
C VAL A 44 -3.55 6.61 3.03
N SER A 45 -4.77 6.33 2.57
CA SER A 45 -5.17 4.97 2.26
C SER A 45 -4.71 4.56 0.87
N SER A 46 -4.56 3.26 0.66
CA SER A 46 -4.11 2.73 -0.63
C SER A 46 -4.73 3.53 -1.78
N GLU A 47 -6.06 3.66 -1.75
CA GLU A 47 -6.77 4.39 -2.79
C GLU A 47 -6.05 5.68 -3.15
N ASP A 48 -5.75 6.48 -2.13
CA ASP A 48 -5.06 7.75 -2.33
C ASP A 48 -3.71 7.54 -3.01
N ILE A 49 -2.76 6.96 -2.28
CA ILE A 49 -1.44 6.70 -2.83
C ILE A 49 -1.52 6.21 -4.27
N GLU A 50 -2.42 5.27 -4.52
CA GLU A 50 -2.60 4.72 -5.86
C GLU A 50 -3.06 5.81 -6.83
N LYS A 51 -4.11 6.52 -6.44
CA LYS A 51 -4.66 7.58 -7.28
C LYS A 51 -3.58 8.57 -7.68
N SER A 52 -2.57 8.72 -6.83
CA SER A 52 -1.47 9.63 -7.10
C SER A 52 -0.42 8.98 -7.99
N PHE A 53 -0.28 7.66 -7.86
CA PHE A 53 0.69 6.91 -8.64
C PHE A 53 0.25 6.81 -10.10
N LYS A 54 -1.06 6.63 -10.31
CA LYS A 54 -1.61 6.52 -11.65
C LYS A 54 -1.14 7.67 -12.53
N THR A 55 -1.38 8.89 -12.07
CA THR A 55 -0.99 10.09 -12.81
C THR A 55 0.52 10.28 -12.76
N ASN A 56 1.12 10.02 -11.60
CA ASN A 56 2.55 10.17 -11.43
C ASN A 56 3.21 8.83 -11.11
N PRO A 57 3.41 8.01 -12.16
CA PRO A 57 4.03 6.70 -12.03
C PRO A 57 5.51 6.78 -11.67
N CYS A 58 6.15 7.85 -12.11
CA CYS A 58 7.58 8.05 -11.85
C CYS A 58 7.80 9.34 -11.06
N GLY A 59 6.91 9.62 -10.12
CA GLY A 59 7.03 10.82 -9.31
C GLY A 59 7.06 10.52 -7.83
N SER A 60 6.26 11.27 -7.06
CA SER A 60 6.19 11.08 -5.62
C SER A 60 5.02 11.85 -5.02
N ILE A 61 4.41 11.28 -3.98
CA ILE A 61 3.28 11.91 -3.33
C ILE A 61 3.67 12.45 -1.95
N SER A 62 3.55 13.76 -1.78
CA SER A 62 3.89 14.39 -0.50
C SER A 62 2.64 14.65 0.33
N PHE A 63 2.69 14.26 1.60
CA PHE A 63 1.57 14.45 2.50
C PHE A 63 2.03 14.52 3.95
N THR A 64 1.40 15.40 4.73
CA THR A 64 1.75 15.56 6.13
C THR A 64 0.58 15.21 7.04
N THR A 65 0.75 14.18 7.85
CA THR A 65 -0.30 13.75 8.77
C THR A 65 -0.18 14.46 10.12
N SER A 66 -1.07 14.11 11.05
CA SER A 66 -1.07 14.72 12.37
C SER A 66 0.33 14.68 12.98
N LYS A 67 0.88 15.85 13.28
CA LYS A 67 2.21 15.95 13.87
C LYS A 67 3.15 14.92 13.28
N PHE A 68 3.02 14.68 11.97
CA PHE A 68 3.85 13.71 11.28
C PHE A 68 3.87 13.98 9.78
N SER A 69 5.04 13.80 9.17
CA SER A 69 5.20 14.03 7.74
C SER A 69 5.79 12.80 7.05
N TYR A 70 5.43 12.61 5.78
CA TYR A 70 5.92 11.47 5.02
C TYR A 70 5.97 11.79 3.53
N LYS A 71 6.63 10.94 2.76
CA LYS A 71 6.76 11.14 1.32
C LYS A 71 6.99 9.80 0.61
N ILE A 72 5.95 9.30 -0.05
CA ILE A 72 6.05 8.04 -0.77
C ILE A 72 6.50 8.26 -2.21
N ASP A 73 7.74 7.88 -2.50
CA ASP A 73 8.28 8.03 -3.84
C ASP A 73 7.95 6.83 -4.71
N PHE A 74 7.22 7.08 -5.79
CA PHE A 74 6.81 6.02 -6.70
C PHE A 74 7.95 5.67 -7.66
N ALA A 75 8.58 6.70 -8.21
CA ALA A 75 9.69 6.50 -9.14
C ALA A 75 10.79 5.64 -8.52
N GLU A 76 11.05 5.87 -7.24
CA GLU A 76 12.08 5.12 -6.53
C GLU A 76 11.51 3.82 -5.96
N MET A 77 10.18 3.72 -5.95
CA MET A 77 9.52 2.52 -5.43
C MET A 77 9.87 2.30 -3.97
N LYS A 78 9.79 3.36 -3.17
CA LYS A 78 10.10 3.28 -1.75
C LYS A 78 9.47 4.43 -0.99
N GLN A 79 9.20 4.21 0.30
CA GLN A 79 8.59 5.24 1.14
C GLN A 79 9.65 6.02 1.90
N MET A 80 9.53 7.35 1.87
CA MET A 80 10.48 8.21 2.57
C MET A 80 9.94 8.65 3.92
N ASN A 81 10.55 8.14 4.99
CA ASN A 81 10.13 8.48 6.34
C ASN A 81 10.81 9.77 6.83
N LEU A 82 10.07 10.86 6.78
CA LEU A 82 10.59 12.16 7.22
C LEU A 82 10.40 12.35 8.71
N THR A 83 9.26 11.92 9.23
CA THR A 83 8.95 12.04 10.65
C THR A 83 10.17 11.70 11.50
N THR A 84 10.87 10.62 11.11
CA THR A 84 12.06 10.19 11.85
C THR A 84 13.30 10.28 10.97
N GLY A 85 13.10 10.20 9.66
CA GLY A 85 14.22 10.28 8.74
C GLY A 85 14.75 8.91 8.35
N LYS A 86 13.85 7.93 8.28
CA LYS A 86 14.23 6.57 7.91
C LYS A 86 13.87 6.26 6.47
N GLN A 87 14.28 5.09 5.99
CA GLN A 87 14.01 4.68 4.62
C GLN A 87 13.19 3.40 4.60
N ARG A 88 12.04 3.45 3.94
CA ARG A 88 11.17 2.29 3.83
C ARG A 88 10.84 1.98 2.38
N LEU A 89 10.44 0.75 2.11
CA LEU A 89 10.09 0.31 0.76
C LEU A 89 8.58 0.27 0.58
N ILE A 90 8.16 0.14 -0.68
CA ILE A 90 6.73 0.08 -0.99
C ILE A 90 6.47 -0.86 -2.17
N LYS A 91 5.20 -1.14 -2.41
CA LYS A 91 4.81 -2.03 -3.51
C LYS A 91 3.30 -2.00 -3.72
N ARG A 92 2.87 -2.25 -4.95
CA ARG A 92 1.45 -2.26 -5.28
C ARG A 92 0.96 -3.68 -5.56
N ALA A 93 -0.01 -4.12 -4.78
CA ALA A 93 -0.57 -5.46 -4.94
C ALA A 93 -2.02 -5.52 -4.48
N PRO A 94 -2.80 -6.44 -5.07
CA PRO A 94 -4.22 -6.61 -4.74
C PRO A 94 -4.41 -7.19 -3.34
N PHE A 95 -5.46 -6.75 -2.67
CA PHE A 95 -5.77 -7.23 -1.33
C PHE A 95 -5.91 -8.75 -1.31
N SER A 96 -5.68 -9.35 -0.14
CA SER A 96 -5.78 -10.80 0.01
C SER A 96 -6.81 -11.17 1.07
N SER A 97 -7.96 -10.50 1.03
CA SER A 97 -9.02 -10.75 2.00
C SER A 97 -9.95 -11.87 1.51
N GLY A 98 -9.36 -12.93 0.97
CA GLY A 98 -10.14 -14.04 0.48
C GLY A 98 -11.09 -13.63 -0.64
N PRO A 99 -12.14 -14.43 -0.85
CA PRO A 99 -13.14 -14.17 -1.89
C PRO A 99 -13.99 -12.94 -1.58
N SER A 100 -14.89 -12.60 -2.50
CA SER A 100 -15.77 -11.46 -2.32
C SER A 100 -17.19 -11.91 -1.97
N SER A 101 -17.68 -11.44 -0.83
CA SER A 101 -19.02 -11.80 -0.37
C SER A 101 -19.52 -10.79 0.67
N GLY A 102 -20.82 -10.49 0.60
CA GLY A 102 -21.40 -9.55 1.54
C GLY A 102 -21.88 -8.28 0.87
N GLY A 1 -15.85 -1.85 7.02
CA GLY A 1 -15.36 -2.51 8.23
C GLY A 1 -15.03 -3.96 8.00
N SER A 2 -14.28 -4.55 8.94
CA SER A 2 -13.88 -5.94 8.84
C SER A 2 -13.24 -6.42 10.13
N SER A 3 -13.17 -7.74 10.30
CA SER A 3 -12.58 -8.32 11.50
C SER A 3 -11.39 -9.21 11.14
N GLY A 4 -10.21 -8.60 11.09
CA GLY A 4 -9.00 -9.35 10.76
C GLY A 4 -8.68 -10.41 11.79
N SER A 5 -8.28 -11.59 11.31
CA SER A 5 -7.93 -12.69 12.22
C SER A 5 -7.20 -13.79 11.46
N SER A 6 -6.18 -14.36 12.10
CA SER A 6 -5.38 -15.41 11.49
C SER A 6 -6.08 -16.77 11.63
N GLY A 7 -6.96 -17.08 10.70
CA GLY A 7 -7.68 -18.33 10.74
C GLY A 7 -7.41 -19.20 9.53
N ASN A 8 -8.47 -19.55 8.80
CA ASN A 8 -8.34 -20.38 7.61
C ASN A 8 -7.38 -19.74 6.60
N GLU A 9 -7.12 -20.46 5.51
CA GLU A 9 -6.23 -19.96 4.47
C GLU A 9 -6.95 -18.94 3.57
N VAL A 10 -6.59 -17.67 3.72
CA VAL A 10 -7.20 -16.60 2.93
C VAL A 10 -6.47 -16.43 1.62
N ASP A 11 -6.83 -17.25 0.62
CA ASP A 11 -6.21 -17.18 -0.69
C ASP A 11 -7.02 -16.28 -1.62
N ASP A 12 -6.34 -15.32 -2.26
CA ASP A 12 -6.99 -14.40 -3.17
C ASP A 12 -6.76 -14.82 -4.62
N MET A 13 -7.81 -15.36 -5.24
CA MET A 13 -7.72 -15.80 -6.63
C MET A 13 -8.92 -15.31 -7.43
N ASP A 14 -8.65 -14.54 -8.47
CA ASP A 14 -9.71 -14.00 -9.33
C ASP A 14 -9.12 -13.30 -10.55
N THR A 15 -9.99 -12.82 -11.43
CA THR A 15 -9.56 -12.14 -12.64
C THR A 15 -10.29 -10.81 -12.80
N SER A 16 -11.60 -10.83 -12.57
CA SER A 16 -12.42 -9.62 -12.70
C SER A 16 -12.55 -8.91 -11.36
N ASP A 17 -13.01 -7.66 -11.40
CA ASP A 17 -13.19 -6.87 -10.18
C ASP A 17 -11.98 -7.00 -9.27
N THR A 18 -10.79 -6.97 -9.87
CA THR A 18 -9.55 -7.09 -9.11
C THR A 18 -9.11 -5.73 -8.58
N GLN A 19 -9.24 -5.53 -7.27
CA GLN A 19 -8.86 -4.27 -6.65
C GLN A 19 -7.36 -4.26 -6.34
N TRP A 20 -6.68 -3.22 -6.82
CA TRP A 20 -5.25 -3.09 -6.59
C TRP A 20 -4.97 -2.31 -5.31
N GLY A 21 -4.49 -3.02 -4.29
CA GLY A 21 -4.18 -2.38 -3.03
C GLY A 21 -2.72 -2.01 -2.90
N TRP A 22 -2.42 -1.07 -2.01
CA TRP A 22 -1.05 -0.63 -1.80
C TRP A 22 -0.54 -1.05 -0.42
N PHE A 23 0.73 -1.44 -0.36
CA PHE A 23 1.33 -1.88 0.89
C PHE A 23 2.66 -1.17 1.14
N TYR A 24 3.18 -1.30 2.35
CA TYR A 24 4.44 -0.66 2.72
C TYR A 24 5.11 -1.41 3.87
N LEU A 25 6.37 -1.78 3.66
CA LEU A 25 7.13 -2.50 4.67
C LEU A 25 7.52 -1.57 5.82
N ALA A 26 7.32 -2.04 7.05
CA ALA A 26 7.64 -1.25 8.24
C ALA A 26 8.90 -1.79 8.92
N GLU A 27 9.30 -1.13 10.00
CA GLU A 27 10.48 -1.55 10.75
C GLU A 27 10.27 -2.93 11.38
N CYS A 28 9.01 -3.33 11.51
CA CYS A 28 8.68 -4.62 12.09
C CYS A 28 8.66 -5.71 11.02
N GLY A 29 9.40 -5.48 9.94
CA GLY A 29 9.45 -6.45 8.86
C GLY A 29 8.08 -6.97 8.48
N LYS A 30 7.08 -6.10 8.57
CA LYS A 30 5.71 -6.46 8.23
C LYS A 30 5.09 -5.44 7.29
N TRP A 31 4.72 -5.87 6.09
CA TRP A 31 4.11 -4.99 5.10
C TRP A 31 2.66 -4.69 5.47
N HIS A 32 2.42 -3.47 5.93
CA HIS A 32 1.07 -3.04 6.31
C HIS A 32 0.35 -2.40 5.14
N MET A 33 -0.73 -3.04 4.70
CA MET A 33 -1.51 -2.52 3.57
C MET A 33 -2.04 -1.13 3.87
N PHE A 34 -1.58 -0.14 3.10
CA PHE A 34 -2.02 1.23 3.28
C PHE A 34 -3.47 1.30 3.73
N GLN A 35 -3.78 2.27 4.60
CA GLN A 35 -5.13 2.44 5.10
C GLN A 35 -5.27 3.73 5.89
N PRO A 36 -6.50 4.25 5.98
CA PRO A 36 -6.78 5.50 6.70
C PRO A 36 -6.65 5.33 8.21
N ASP A 37 -5.61 5.96 8.78
CA ASP A 37 -5.37 5.89 10.21
C ASP A 37 -6.37 6.74 10.98
N THR A 38 -6.28 6.70 12.30
CA THR A 38 -7.19 7.46 13.15
C THR A 38 -7.50 8.83 12.55
N ASN A 39 -8.62 9.42 12.96
CA ASN A 39 -9.02 10.71 12.44
C ASN A 39 -7.88 11.73 12.56
N SER A 40 -7.18 11.70 13.68
CA SER A 40 -6.07 12.62 13.92
C SER A 40 -4.93 12.32 12.96
N GLN A 41 -4.67 11.04 12.72
CA GLN A 41 -3.60 10.63 11.82
C GLN A 41 -4.16 10.17 10.47
N CYS A 42 -5.24 10.82 10.05
CA CYS A 42 -5.88 10.49 8.78
C CYS A 42 -5.44 11.46 7.68
N SER A 43 -4.44 11.05 6.91
CA SER A 43 -3.93 11.88 5.82
C SER A 43 -4.26 11.28 4.47
N VAL A 44 -3.66 10.14 4.16
CA VAL A 44 -3.90 9.45 2.90
C VAL A 44 -4.18 7.98 3.12
N SER A 45 -4.89 7.36 2.17
CA SER A 45 -5.24 5.95 2.26
C SER A 45 -4.75 5.19 1.03
N SER A 46 -4.61 3.88 1.17
CA SER A 46 -4.14 3.04 0.07
C SER A 46 -4.65 3.56 -1.26
N GLU A 47 -5.85 4.12 -1.26
CA GLU A 47 -6.45 4.66 -2.47
C GLU A 47 -5.64 5.85 -3.00
N ASP A 48 -5.56 6.90 -2.19
CA ASP A 48 -4.82 8.10 -2.58
C ASP A 48 -3.50 7.73 -3.23
N ILE A 49 -2.69 6.95 -2.53
CA ILE A 49 -1.39 6.52 -3.04
C ILE A 49 -1.53 5.95 -4.45
N GLU A 50 -2.59 5.17 -4.67
CA GLU A 50 -2.83 4.56 -5.97
C GLU A 50 -3.25 5.61 -7.00
N LYS A 51 -4.32 6.33 -6.71
CA LYS A 51 -4.82 7.36 -7.60
C LYS A 51 -3.72 8.35 -7.96
N SER A 52 -2.78 8.53 -7.04
CA SER A 52 -1.67 9.46 -7.25
C SER A 52 -0.67 8.89 -8.24
N PHE A 53 -0.26 7.65 -8.01
CA PHE A 53 0.71 6.98 -8.87
C PHE A 53 0.13 6.81 -10.29
N LYS A 54 -1.19 6.80 -10.38
CA LYS A 54 -1.86 6.65 -11.67
C LYS A 54 -1.37 7.70 -12.66
N THR A 55 -1.48 8.97 -12.28
CA THR A 55 -1.04 10.06 -13.14
C THR A 55 0.48 10.14 -13.20
N ASN A 56 1.13 9.89 -12.07
CA ASN A 56 2.59 9.93 -12.01
C ASN A 56 3.14 8.64 -11.42
N PRO A 57 3.39 7.65 -12.30
CA PRO A 57 3.92 6.35 -11.89
C PRO A 57 5.38 6.44 -11.42
N CYS A 58 6.02 7.57 -11.70
CA CYS A 58 7.40 7.78 -11.31
C CYS A 58 7.57 9.11 -10.59
N GLY A 59 6.53 9.54 -9.89
CA GLY A 59 6.58 10.81 -9.18
C GLY A 59 6.67 10.61 -7.68
N SER A 60 6.00 11.50 -6.94
CA SER A 60 6.00 11.43 -5.48
C SER A 60 4.75 12.07 -4.90
N ILE A 61 4.50 11.82 -3.62
CA ILE A 61 3.33 12.37 -2.95
C ILE A 61 3.67 12.82 -1.53
N SER A 62 3.60 14.13 -1.31
CA SER A 62 3.91 14.69 0.00
C SER A 62 2.62 14.99 0.78
N PHE A 63 2.59 14.56 2.03
CA PHE A 63 1.42 14.78 2.89
C PHE A 63 1.83 14.84 4.36
N THR A 64 0.86 15.14 5.22
CA THR A 64 1.11 15.24 6.65
C THR A 64 -0.10 14.78 7.45
N THR A 65 0.15 13.98 8.49
CA THR A 65 -0.93 13.48 9.34
C THR A 65 -1.38 14.54 10.33
N SER A 66 -0.57 14.76 11.37
CA SER A 66 -0.89 15.75 12.40
C SER A 66 0.21 16.78 12.52
N LYS A 67 1.38 16.35 12.98
CA LYS A 67 2.52 17.23 13.15
C LYS A 67 3.75 16.69 12.41
N PHE A 68 3.64 15.45 11.94
CA PHE A 68 4.75 14.82 11.22
C PHE A 68 4.47 14.80 9.72
N SER A 69 5.54 14.66 8.93
CA SER A 69 5.42 14.63 7.48
C SER A 69 5.93 13.31 6.92
N TYR A 70 5.47 12.96 5.72
CA TYR A 70 5.88 11.72 5.08
C TYR A 70 5.84 11.86 3.55
N LYS A 71 6.87 11.37 2.89
CA LYS A 71 6.96 11.44 1.45
C LYS A 71 7.04 10.04 0.83
N ILE A 72 6.28 9.81 -0.23
CA ILE A 72 6.27 8.51 -0.90
C ILE A 72 6.64 8.66 -2.37
N ASP A 73 7.91 8.43 -2.69
CA ASP A 73 8.38 8.53 -4.07
C ASP A 73 8.13 7.23 -4.82
N PHE A 74 7.30 7.31 -5.86
CA PHE A 74 6.97 6.13 -6.66
C PHE A 74 8.15 5.74 -7.55
N ALA A 75 8.78 6.74 -8.17
CA ALA A 75 9.91 6.51 -9.05
C ALA A 75 10.94 5.59 -8.38
N GLU A 76 11.21 5.84 -7.10
CA GLU A 76 12.17 5.05 -6.35
C GLU A 76 11.50 3.82 -5.74
N MET A 77 10.18 3.73 -5.88
CA MET A 77 9.42 2.60 -5.36
C MET A 77 9.70 2.42 -3.87
N LYS A 78 9.68 3.52 -3.13
CA LYS A 78 9.93 3.49 -1.69
C LYS A 78 9.39 4.75 -1.02
N GLN A 79 9.15 4.66 0.30
CA GLN A 79 8.64 5.78 1.06
C GLN A 79 9.78 6.52 1.77
N MET A 80 9.89 7.82 1.51
CA MET A 80 10.93 8.63 2.13
C MET A 80 10.38 9.36 3.35
N ASN A 81 10.97 9.07 4.52
CA ASN A 81 10.54 9.69 5.76
C ASN A 81 11.14 11.08 5.90
N LEU A 82 10.38 12.00 6.49
CA LEU A 82 10.84 13.36 6.70
C LEU A 82 11.03 13.67 8.18
N THR A 83 10.21 13.03 9.01
CA THR A 83 10.28 13.23 10.45
C THR A 83 11.58 12.66 11.03
N THR A 84 11.85 11.39 10.72
CA THR A 84 13.06 10.73 11.20
C THR A 84 14.06 10.51 10.07
N GLY A 85 13.55 10.46 8.84
CA GLY A 85 14.40 10.25 7.70
C GLY A 85 14.74 8.79 7.46
N LYS A 86 13.81 7.92 7.84
CA LYS A 86 14.00 6.48 7.68
C LYS A 86 13.80 6.07 6.22
N GLN A 87 14.07 4.80 5.93
CA GLN A 87 13.91 4.28 4.57
C GLN A 87 13.22 2.92 4.58
N ARG A 88 12.08 2.84 3.91
CA ARG A 88 11.31 1.60 3.84
C ARG A 88 11.05 1.19 2.40
N LEU A 89 10.33 0.09 2.22
CA LEU A 89 10.01 -0.40 0.88
C LEU A 89 8.50 -0.47 0.68
N ILE A 90 8.08 -0.41 -0.58
CA ILE A 90 6.66 -0.47 -0.92
C ILE A 90 6.40 -1.48 -2.02
N LYS A 91 5.14 -1.91 -2.14
CA LYS A 91 4.76 -2.88 -3.16
C LYS A 91 3.30 -2.70 -3.56
N ARG A 92 3.01 -2.92 -4.83
CA ARG A 92 1.64 -2.78 -5.33
C ARG A 92 1.07 -4.14 -5.75
N ALA A 93 0.03 -4.58 -5.06
CA ALA A 93 -0.60 -5.86 -5.35
C ALA A 93 -2.08 -5.85 -4.97
N PRO A 94 -2.84 -6.80 -5.51
CA PRO A 94 -4.28 -6.93 -5.24
C PRO A 94 -4.57 -7.36 -3.81
N PHE A 95 -5.74 -6.99 -3.31
CA PHE A 95 -6.13 -7.34 -1.95
C PHE A 95 -5.82 -8.80 -1.65
N SER A 96 -5.92 -9.18 -0.38
CA SER A 96 -5.63 -10.54 0.05
C SER A 96 -6.92 -11.26 0.46
N SER A 97 -7.98 -11.05 -0.32
CA SER A 97 -9.27 -11.68 -0.02
C SER A 97 -9.53 -11.70 1.48
N GLY A 98 -9.22 -10.59 2.14
CA GLY A 98 -9.43 -10.50 3.58
C GLY A 98 -10.73 -11.14 4.01
N PRO A 99 -10.82 -11.52 5.30
CA PRO A 99 -12.01 -12.15 5.86
C PRO A 99 -13.18 -11.18 5.97
N SER A 100 -14.25 -11.46 5.23
CA SER A 100 -15.43 -10.62 5.23
C SER A 100 -16.50 -11.19 6.16
N SER A 101 -16.76 -12.48 6.03
CA SER A 101 -17.75 -13.15 6.85
C SER A 101 -17.21 -13.44 8.25
N GLY A 102 -17.75 -12.75 9.24
CA GLY A 102 -17.30 -12.94 10.61
C GLY A 102 -18.35 -12.53 11.63
N GLY A 1 -4.73 -42.63 -6.56
CA GLY A 1 -4.34 -42.26 -5.21
C GLY A 1 -5.25 -41.22 -4.60
N SER A 2 -5.02 -39.96 -4.95
CA SER A 2 -5.83 -38.86 -4.44
C SER A 2 -6.84 -38.39 -5.48
N SER A 3 -7.79 -37.56 -5.04
CA SER A 3 -8.81 -37.03 -5.94
C SER A 3 -8.36 -35.71 -6.56
N GLY A 4 -8.14 -34.71 -5.72
CA GLY A 4 -7.71 -33.41 -6.21
C GLY A 4 -8.24 -32.27 -5.37
N SER A 5 -7.44 -31.81 -4.41
CA SER A 5 -7.84 -30.73 -3.53
C SER A 5 -7.71 -29.38 -4.25
N SER A 6 -8.84 -28.73 -4.49
CA SER A 6 -8.85 -27.44 -5.17
C SER A 6 -10.13 -26.68 -4.86
N GLY A 7 -9.98 -25.46 -4.33
CA GLY A 7 -11.12 -24.64 -3.99
C GLY A 7 -10.96 -23.19 -4.43
N ASN A 8 -9.95 -22.53 -3.87
CA ASN A 8 -9.68 -21.14 -4.20
C ASN A 8 -8.79 -21.02 -5.43
N GLU A 9 -9.43 -20.87 -6.59
CA GLU A 9 -8.69 -20.75 -7.85
C GLU A 9 -8.99 -19.42 -8.53
N VAL A 10 -8.06 -18.48 -8.41
CA VAL A 10 -8.21 -17.17 -9.01
C VAL A 10 -6.90 -16.68 -9.62
N ASP A 11 -6.96 -16.24 -10.87
CA ASP A 11 -5.78 -15.75 -11.57
C ASP A 11 -5.71 -14.22 -11.49
N ASP A 12 -4.70 -13.65 -12.15
CA ASP A 12 -4.52 -12.21 -12.15
C ASP A 12 -5.40 -11.54 -13.20
N MET A 13 -6.71 -11.54 -12.95
CA MET A 13 -7.66 -10.94 -13.87
C MET A 13 -8.69 -10.09 -13.12
N ASP A 14 -9.26 -9.11 -13.81
CA ASP A 14 -10.26 -8.24 -13.21
C ASP A 14 -11.66 -8.77 -13.44
N THR A 15 -11.89 -10.01 -13.04
CA THR A 15 -13.19 -10.65 -13.21
C THR A 15 -14.12 -10.31 -12.04
N SER A 16 -13.59 -10.40 -10.83
CA SER A 16 -14.38 -10.10 -9.64
C SER A 16 -14.02 -8.74 -9.07
N ASP A 17 -13.77 -7.78 -9.96
CA ASP A 17 -13.41 -6.42 -9.56
C ASP A 17 -12.14 -6.44 -8.71
N THR A 18 -11.13 -7.16 -9.16
CA THR A 18 -9.87 -7.25 -8.45
C THR A 18 -9.40 -5.87 -7.98
N GLN A 19 -9.55 -5.61 -6.68
CA GLN A 19 -9.14 -4.34 -6.11
C GLN A 19 -7.63 -4.26 -5.98
N TRP A 20 -7.09 -3.05 -6.15
CA TRP A 20 -5.65 -2.84 -6.05
C TRP A 20 -5.30 -2.07 -4.79
N GLY A 21 -4.73 -2.77 -3.81
CA GLY A 21 -4.36 -2.13 -2.56
C GLY A 21 -2.86 -1.89 -2.46
N TRP A 22 -2.50 -0.74 -1.92
CA TRP A 22 -1.08 -0.39 -1.76
C TRP A 22 -0.56 -0.83 -0.41
N PHE A 23 0.72 -1.20 -0.36
CA PHE A 23 1.34 -1.65 0.88
C PHE A 23 2.73 -1.03 1.04
N TYR A 24 3.29 -1.15 2.23
CA TYR A 24 4.61 -0.61 2.52
C TYR A 24 5.38 -1.51 3.48
N LEU A 25 6.66 -1.69 3.22
CA LEU A 25 7.51 -2.53 4.06
C LEU A 25 7.74 -1.88 5.42
N ALA A 26 7.59 -2.66 6.48
CA ALA A 26 7.79 -2.16 7.83
C ALA A 26 9.23 -2.38 8.29
N GLU A 27 9.51 -2.03 9.55
CA GLU A 27 10.84 -2.19 10.11
C GLU A 27 11.23 -3.66 10.16
N CYS A 28 10.40 -4.46 10.82
CA CYS A 28 10.66 -5.89 10.94
C CYS A 28 10.84 -6.54 9.57
N GLY A 29 10.12 -6.03 8.58
CA GLY A 29 10.21 -6.57 7.23
C GLY A 29 8.89 -7.15 6.76
N LYS A 30 7.80 -6.44 7.04
CA LYS A 30 6.47 -6.90 6.63
C LYS A 30 5.72 -5.78 5.90
N TRP A 31 4.96 -6.16 4.88
CA TRP A 31 4.20 -5.19 4.10
C TRP A 31 2.84 -4.92 4.76
N HIS A 32 2.62 -3.67 5.15
CA HIS A 32 1.36 -3.29 5.79
C HIS A 32 0.45 -2.58 4.79
N MET A 33 -0.84 -2.52 5.13
CA MET A 33 -1.82 -1.87 4.26
C MET A 33 -1.98 -0.40 4.63
N PHE A 34 -1.66 0.48 3.69
CA PHE A 34 -1.77 1.92 3.91
C PHE A 34 -3.09 2.27 4.59
N GLN A 35 -3.01 3.01 5.69
CA GLN A 35 -4.19 3.41 6.42
C GLN A 35 -3.96 4.73 7.16
N PRO A 36 -5.05 5.43 7.48
CA PRO A 36 -4.99 6.71 8.19
C PRO A 36 -4.56 6.55 9.64
N ASP A 37 -3.48 7.25 10.02
CA ASP A 37 -2.96 7.19 11.37
C ASP A 37 -3.96 7.77 12.37
N THR A 38 -4.13 9.09 12.33
CA THR A 38 -5.04 9.76 13.23
C THR A 38 -6.34 10.13 12.51
N ASN A 39 -7.23 10.83 13.22
CA ASN A 39 -8.51 11.25 12.65
C ASN A 39 -8.38 12.61 11.98
N SER A 40 -7.94 13.60 12.74
CA SER A 40 -7.79 14.96 12.23
C SER A 40 -6.89 14.96 10.99
N GLN A 41 -5.59 14.81 11.21
CA GLN A 41 -4.64 14.81 10.11
C GLN A 41 -4.41 13.39 9.59
N CYS A 42 -5.46 12.58 9.62
CA CYS A 42 -5.38 11.20 9.16
C CYS A 42 -4.40 11.07 8.00
N SER A 43 -3.55 10.05 8.05
CA SER A 43 -2.56 9.82 7.01
C SER A 43 -3.23 9.52 5.68
N VAL A 44 -2.42 9.18 4.68
CA VAL A 44 -2.94 8.87 3.35
C VAL A 44 -3.38 7.41 3.26
N SER A 45 -4.50 7.17 2.59
CA SER A 45 -5.03 5.82 2.44
C SER A 45 -4.66 5.25 1.07
N SER A 46 -4.39 3.95 1.04
CA SER A 46 -4.01 3.28 -0.21
C SER A 46 -4.70 3.93 -1.40
N GLU A 47 -5.94 4.37 -1.19
CA GLU A 47 -6.71 5.00 -2.26
C GLU A 47 -5.87 6.06 -2.98
N ASP A 48 -5.39 7.04 -2.23
CA ASP A 48 -4.58 8.10 -2.82
C ASP A 48 -3.33 7.54 -3.46
N ILE A 49 -2.41 7.02 -2.65
CA ILE A 49 -1.17 6.45 -3.15
C ILE A 49 -1.38 5.79 -4.51
N GLU A 50 -2.54 5.15 -4.67
CA GLU A 50 -2.87 4.48 -5.93
C GLU A 50 -3.20 5.49 -7.01
N LYS A 51 -4.28 6.24 -6.81
CA LYS A 51 -4.70 7.24 -7.78
C LYS A 51 -3.53 8.13 -8.20
N SER A 52 -2.78 8.61 -7.21
CA SER A 52 -1.65 9.48 -7.47
C SER A 52 -0.63 8.78 -8.37
N PHE A 53 -0.28 7.55 -8.02
CA PHE A 53 0.68 6.78 -8.80
C PHE A 53 0.20 6.61 -10.24
N LYS A 54 -1.08 6.30 -10.41
CA LYS A 54 -1.66 6.12 -11.74
C LYS A 54 -1.32 7.30 -12.64
N THR A 55 -1.79 8.49 -12.27
CA THR A 55 -1.54 9.69 -13.05
C THR A 55 -0.05 10.05 -13.04
N ASN A 56 0.60 9.82 -11.91
CA ASN A 56 2.02 10.12 -11.77
C ASN A 56 2.79 8.89 -11.32
N PRO A 57 3.09 7.99 -12.28
CA PRO A 57 3.83 6.76 -12.01
C PRO A 57 5.29 7.03 -11.67
N CYS A 58 5.79 8.19 -12.07
CA CYS A 58 7.17 8.56 -11.80
C CYS A 58 7.24 9.87 -11.02
N GLY A 59 6.26 10.09 -10.15
CA GLY A 59 6.23 11.29 -9.35
C GLY A 59 6.47 11.03 -7.87
N SER A 60 5.73 11.70 -7.02
CA SER A 60 5.86 11.54 -5.58
C SER A 60 4.71 12.19 -4.84
N ILE A 61 4.12 11.46 -3.90
CA ILE A 61 2.99 11.98 -3.12
C ILE A 61 3.45 12.39 -1.73
N SER A 62 3.54 13.70 -1.51
CA SER A 62 3.96 14.23 -0.22
C SER A 62 2.75 14.58 0.65
N PHE A 63 2.73 14.03 1.85
CA PHE A 63 1.63 14.28 2.78
C PHE A 63 2.15 14.47 4.20
N THR A 64 1.23 14.73 5.13
CA THR A 64 1.59 14.93 6.53
C THR A 64 0.55 14.34 7.46
N THR A 65 0.92 14.15 8.73
CA THR A 65 0.01 13.59 9.72
C THR A 65 0.21 14.24 11.08
N SER A 66 -0.50 13.73 12.08
CA SER A 66 -0.39 14.27 13.44
C SER A 66 1.04 14.69 13.74
N LYS A 67 1.28 16.01 13.70
CA LYS A 67 2.61 16.54 13.97
C LYS A 67 3.69 15.64 13.40
N PHE A 68 3.50 15.22 12.15
CA PHE A 68 4.47 14.35 11.49
C PHE A 68 4.42 14.54 9.98
N SER A 69 5.49 14.12 9.30
CA SER A 69 5.58 14.26 7.85
C SER A 69 5.95 12.92 7.21
N TYR A 70 5.49 12.72 5.97
CA TYR A 70 5.77 11.49 5.25
C TYR A 70 5.72 11.73 3.73
N LYS A 71 6.72 11.22 3.03
CA LYS A 71 6.79 11.37 1.58
C LYS A 71 6.97 10.02 0.90
N ILE A 72 6.15 9.75 -0.11
CA ILE A 72 6.23 8.50 -0.85
C ILE A 72 6.50 8.75 -2.33
N ASP A 73 7.77 8.60 -2.72
CA ASP A 73 8.17 8.81 -4.10
C ASP A 73 7.99 7.53 -4.91
N PHE A 74 7.01 7.52 -5.80
CA PHE A 74 6.74 6.36 -6.64
C PHE A 74 7.94 6.02 -7.51
N ALA A 75 8.52 7.05 -8.13
CA ALA A 75 9.68 6.87 -8.99
C ALA A 75 10.74 6.02 -8.31
N GLU A 76 11.04 6.34 -7.06
CA GLU A 76 12.05 5.62 -6.30
C GLU A 76 11.44 4.36 -5.67
N MET A 77 10.14 4.18 -5.85
CA MET A 77 9.44 3.02 -5.31
C MET A 77 9.83 2.79 -3.85
N LYS A 78 9.71 3.83 -3.03
CA LYS A 78 10.05 3.74 -1.62
C LYS A 78 9.38 4.85 -0.83
N GLN A 79 9.20 4.62 0.47
CA GLN A 79 8.56 5.60 1.34
C GLN A 79 9.62 6.45 2.06
N MET A 80 9.72 7.72 1.65
CA MET A 80 10.68 8.64 2.26
C MET A 80 10.11 9.29 3.50
N ASN A 81 10.64 8.94 4.65
CA ASN A 81 10.18 9.50 5.92
C ASN A 81 10.82 10.86 6.19
N LEU A 82 10.06 11.74 6.83
CA LEU A 82 10.56 13.08 7.15
C LEU A 82 10.65 13.28 8.66
N THR A 83 9.59 12.89 9.37
CA THR A 83 9.56 13.03 10.82
C THR A 83 10.83 12.49 11.45
N THR A 84 11.24 11.30 11.03
CA THR A 84 12.45 10.68 11.56
C THR A 84 13.54 10.58 10.50
N GLY A 85 13.13 10.59 9.24
CA GLY A 85 14.08 10.51 8.14
C GLY A 85 14.51 9.08 7.85
N LYS A 86 13.68 8.12 8.26
CA LYS A 86 13.98 6.72 8.03
C LYS A 86 13.70 6.33 6.59
N GLN A 87 14.09 5.10 6.22
CA GLN A 87 13.87 4.61 4.87
C GLN A 87 13.00 3.35 4.88
N ARG A 88 12.08 3.28 3.92
CA ARG A 88 11.18 2.14 3.82
C ARG A 88 10.89 1.81 2.36
N LEU A 89 10.38 0.61 2.12
CA LEU A 89 10.05 0.17 0.77
C LEU A 89 8.54 0.12 0.56
N ILE A 90 8.12 0.06 -0.70
CA ILE A 90 6.70 0.00 -1.03
C ILE A 90 6.43 -1.00 -2.15
N LYS A 91 5.16 -1.24 -2.42
CA LYS A 91 4.77 -2.18 -3.47
C LYS A 91 3.26 -2.13 -3.70
N ARG A 92 2.84 -2.49 -4.92
CA ARG A 92 1.44 -2.49 -5.27
C ARG A 92 0.97 -3.89 -5.66
N ALA A 93 -0.14 -4.33 -5.05
CA ALA A 93 -0.69 -5.64 -5.34
C ALA A 93 -2.20 -5.67 -5.09
N PRO A 94 -2.88 -6.64 -5.72
CA PRO A 94 -4.33 -6.80 -5.59
C PRO A 94 -4.74 -7.28 -4.20
N PHE A 95 -5.86 -6.78 -3.71
CA PHE A 95 -6.36 -7.15 -2.39
C PHE A 95 -7.79 -7.68 -2.49
N SER A 96 -8.04 -8.84 -1.89
CA SER A 96 -9.36 -9.45 -1.91
C SER A 96 -9.59 -10.28 -0.65
N SER A 97 -10.84 -10.69 -0.44
CA SER A 97 -11.20 -11.48 0.73
C SER A 97 -11.50 -12.92 0.33
N GLY A 98 -12.30 -13.08 -0.72
CA GLY A 98 -12.65 -14.41 -1.18
C GLY A 98 -13.73 -14.39 -2.24
N PRO A 99 -13.66 -15.33 -3.19
CA PRO A 99 -14.63 -15.44 -4.27
C PRO A 99 -16.01 -15.90 -3.78
N SER A 100 -16.07 -16.31 -2.53
CA SER A 100 -17.33 -16.77 -1.94
C SER A 100 -17.73 -15.90 -0.75
N SER A 101 -18.97 -16.06 -0.30
CA SER A 101 -19.48 -15.28 0.82
C SER A 101 -19.67 -13.83 0.44
N GLY A 102 -20.18 -13.60 -0.78
CA GLY A 102 -20.42 -12.25 -1.25
C GLY A 102 -21.86 -12.01 -1.65
N GLY A 1 -19.90 -16.61 11.11
CA GLY A 1 -18.52 -16.22 10.90
C GLY A 1 -17.87 -16.99 9.77
N SER A 2 -17.05 -16.31 8.98
CA SER A 2 -16.36 -16.94 7.86
C SER A 2 -15.57 -18.16 8.32
N SER A 3 -14.85 -18.01 9.43
CA SER A 3 -14.05 -19.10 9.97
C SER A 3 -13.34 -19.85 8.87
N GLY A 4 -12.80 -19.12 7.90
CA GLY A 4 -12.09 -19.73 6.79
C GLY A 4 -10.86 -20.49 7.24
N SER A 5 -9.71 -20.12 6.70
CA SER A 5 -8.45 -20.78 7.04
C SER A 5 -8.49 -22.26 6.69
N SER A 6 -9.04 -22.56 5.52
CA SER A 6 -9.15 -23.94 5.05
C SER A 6 -9.36 -23.99 3.54
N GLY A 7 -8.98 -25.11 2.94
CA GLY A 7 -9.13 -25.27 1.51
C GLY A 7 -7.84 -25.03 0.76
N ASN A 8 -7.83 -24.02 -0.11
CA ASN A 8 -6.64 -23.70 -0.89
C ASN A 8 -6.71 -22.26 -1.41
N GLU A 9 -5.60 -21.79 -1.96
CA GLU A 9 -5.53 -20.43 -2.49
C GLU A 9 -6.87 -20.03 -3.13
N VAL A 10 -7.28 -18.79 -2.89
CA VAL A 10 -8.53 -18.29 -3.44
C VAL A 10 -8.29 -17.52 -4.74
N ASP A 11 -7.10 -16.95 -4.87
CA ASP A 11 -6.74 -16.20 -6.06
C ASP A 11 -6.96 -17.03 -7.33
N ASP A 12 -7.49 -16.39 -8.36
CA ASP A 12 -7.77 -17.07 -9.63
C ASP A 12 -6.78 -16.62 -10.69
N MET A 13 -6.66 -17.42 -11.76
CA MET A 13 -5.76 -17.10 -12.86
C MET A 13 -6.38 -16.06 -13.78
N ASP A 14 -7.68 -16.16 -13.98
CA ASP A 14 -8.40 -15.22 -14.84
C ASP A 14 -9.41 -14.41 -14.05
N THR A 15 -9.14 -13.12 -13.88
CA THR A 15 -10.03 -12.24 -13.14
C THR A 15 -10.21 -10.90 -13.85
N SER A 16 -11.35 -10.26 -13.63
CA SER A 16 -11.65 -8.98 -14.25
C SER A 16 -11.78 -7.88 -13.20
N ASP A 17 -12.65 -8.11 -12.22
CA ASP A 17 -12.88 -7.13 -11.16
C ASP A 17 -11.92 -7.38 -9.99
N THR A 18 -10.68 -6.94 -10.15
CA THR A 18 -9.67 -7.11 -9.11
C THR A 18 -9.17 -5.76 -8.60
N GLN A 19 -9.43 -5.48 -7.33
CA GLN A 19 -9.00 -4.24 -6.71
C GLN A 19 -7.50 -4.25 -6.42
N TRP A 20 -6.83 -3.15 -6.73
CA TRP A 20 -5.39 -3.04 -6.50
C TRP A 20 -5.11 -2.21 -5.25
N GLY A 21 -4.38 -2.79 -4.30
CA GLY A 21 -4.06 -2.08 -3.08
C GLY A 21 -2.59 -1.75 -2.98
N TRP A 22 -2.21 -1.03 -1.93
CA TRP A 22 -0.81 -0.64 -1.73
C TRP A 22 -0.29 -1.18 -0.40
N PHE A 23 0.97 -1.61 -0.40
CA PHE A 23 1.60 -2.15 0.80
C PHE A 23 2.97 -1.53 1.03
N TYR A 24 3.41 -1.54 2.28
CA TYR A 24 4.71 -0.97 2.62
C TYR A 24 5.46 -1.88 3.60
N LEU A 25 6.71 -2.19 3.28
CA LEU A 25 7.53 -3.04 4.13
C LEU A 25 7.75 -2.40 5.49
N ALA A 26 7.92 -3.24 6.51
CA ALA A 26 8.15 -2.77 7.87
C ALA A 26 9.58 -3.02 8.31
N GLU A 27 9.95 -2.47 9.47
CA GLU A 27 11.30 -2.62 10.00
C GLU A 27 11.59 -4.09 10.31
N CYS A 28 10.63 -4.76 10.94
CA CYS A 28 10.78 -6.17 11.29
C CYS A 28 10.95 -7.03 10.05
N GLY A 29 10.33 -6.60 8.95
CA GLY A 29 10.42 -7.35 7.71
C GLY A 29 9.08 -7.90 7.26
N LYS A 30 8.02 -7.12 7.45
CA LYS A 30 6.68 -7.54 7.06
C LYS A 30 5.95 -6.41 6.34
N TRP A 31 5.38 -6.74 5.18
CA TRP A 31 4.65 -5.76 4.38
C TRP A 31 3.23 -5.58 4.91
N HIS A 32 2.97 -4.39 5.45
CA HIS A 32 1.64 -4.09 5.99
C HIS A 32 0.86 -3.17 5.05
N MET A 33 -0.41 -3.47 4.86
CA MET A 33 -1.26 -2.68 3.98
C MET A 33 -1.43 -1.26 4.52
N PHE A 34 -1.62 -0.30 3.62
CA PHE A 34 -1.79 1.10 4.02
C PHE A 34 -3.09 1.28 4.80
N GLN A 35 -3.26 2.47 5.37
CA GLN A 35 -4.45 2.78 6.14
C GLN A 35 -4.74 4.28 6.14
N PRO A 36 -6.01 4.65 6.37
CA PRO A 36 -6.44 6.05 6.40
C PRO A 36 -5.89 6.79 7.61
N ASP A 37 -5.82 8.12 7.50
CA ASP A 37 -5.33 8.96 8.59
C ASP A 37 -6.04 8.63 9.90
N THR A 38 -5.57 7.60 10.59
CA THR A 38 -6.17 7.18 11.85
C THR A 38 -5.11 7.05 12.94
N ASN A 39 -5.54 7.11 14.20
CA ASN A 39 -4.63 6.98 15.34
C ASN A 39 -3.74 5.75 15.18
N SER A 40 -4.37 4.60 14.96
CA SER A 40 -3.62 3.36 14.80
C SER A 40 -2.60 3.47 13.68
N GLN A 41 -3.09 3.53 12.44
CA GLN A 41 -2.22 3.64 11.27
C GLN A 41 -2.33 5.03 10.64
N CYS A 42 -2.00 6.06 11.43
CA CYS A 42 -2.06 7.43 10.94
C CYS A 42 -1.32 7.58 9.62
N SER A 43 -2.07 7.47 8.51
CA SER A 43 -1.47 7.59 7.18
C SER A 43 -2.56 7.55 6.11
N VAL A 44 -2.14 7.65 4.86
CA VAL A 44 -3.07 7.63 3.73
C VAL A 44 -3.43 6.20 3.34
N SER A 45 -4.66 6.02 2.86
CA SER A 45 -5.13 4.69 2.45
C SER A 45 -4.62 4.33 1.06
N SER A 46 -4.51 3.04 0.80
CA SER A 46 -4.02 2.57 -0.49
C SER A 46 -4.63 3.37 -1.63
N GLU A 47 -5.88 3.77 -1.46
CA GLU A 47 -6.59 4.55 -2.48
C GLU A 47 -5.81 5.83 -2.81
N ASP A 48 -5.67 6.70 -1.81
CA ASP A 48 -4.95 7.96 -2.00
C ASP A 48 -3.67 7.74 -2.78
N ILE A 49 -2.70 7.11 -2.14
CA ILE A 49 -1.40 6.83 -2.78
C ILE A 49 -1.60 6.44 -4.24
N GLU A 50 -2.38 5.39 -4.47
CA GLU A 50 -2.64 4.92 -5.82
C GLU A 50 -3.04 6.08 -6.74
N LYS A 51 -4.11 6.77 -6.38
CA LYS A 51 -4.58 7.90 -7.16
C LYS A 51 -3.42 8.69 -7.76
N SER A 52 -2.35 8.83 -6.99
CA SER A 52 -1.17 9.55 -7.44
C SER A 52 -0.34 8.70 -8.39
N PHE A 53 -0.10 7.45 -8.02
CA PHE A 53 0.67 6.53 -8.83
C PHE A 53 0.07 6.41 -10.23
N LYS A 54 -1.25 6.34 -10.29
CA LYS A 54 -1.95 6.22 -11.56
C LYS A 54 -1.48 7.29 -12.55
N THR A 55 -1.63 8.54 -12.16
CA THR A 55 -1.21 9.66 -13.01
C THR A 55 0.30 9.73 -13.13
N ASN A 56 0.99 9.46 -12.03
CA ASN A 56 2.45 9.49 -12.01
C ASN A 56 3.01 8.23 -11.37
N PRO A 57 3.30 7.22 -12.20
CA PRO A 57 3.85 5.94 -11.74
C PRO A 57 5.28 6.07 -11.25
N CYS A 58 5.89 7.22 -11.52
CA CYS A 58 7.27 7.47 -11.10
C CYS A 58 7.40 8.85 -10.45
N GLY A 59 6.41 9.20 -9.63
CA GLY A 59 6.43 10.48 -8.95
C GLY A 59 6.48 10.34 -7.45
N SER A 60 6.07 11.39 -6.74
CA SER A 60 6.07 11.38 -5.28
C SER A 60 4.88 12.15 -4.73
N ILE A 61 4.40 11.73 -3.56
CA ILE A 61 3.26 12.38 -2.93
C ILE A 61 3.62 12.88 -1.54
N SER A 62 3.69 14.19 -1.38
CA SER A 62 4.03 14.80 -0.10
C SER A 62 2.77 15.18 0.67
N PHE A 63 2.53 14.49 1.78
CA PHE A 63 1.36 14.75 2.61
C PHE A 63 1.72 14.70 4.10
N THR A 64 0.71 14.92 4.94
CA THR A 64 0.93 14.89 6.39
C THR A 64 -0.24 14.20 7.10
N THR A 65 -0.03 13.89 8.38
CA THR A 65 -1.06 13.22 9.16
C THR A 65 -1.24 13.91 10.51
N SER A 66 -0.12 14.16 11.20
CA SER A 66 -0.16 14.80 12.51
C SER A 66 1.18 15.44 12.83
N LYS A 67 1.22 16.77 12.80
CA LYS A 67 2.44 17.51 13.09
C LYS A 67 3.66 16.79 12.51
N PHE A 68 3.45 16.02 11.45
CA PHE A 68 4.53 15.29 10.81
C PHE A 68 4.41 15.35 9.29
N SER A 69 5.41 14.82 8.60
CA SER A 69 5.42 14.81 7.14
C SER A 69 5.88 13.46 6.60
N TYR A 70 5.32 13.07 5.46
CA TYR A 70 5.66 11.80 4.84
C TYR A 70 5.76 11.94 3.32
N LYS A 71 6.79 11.33 2.74
CA LYS A 71 6.98 11.38 1.29
C LYS A 71 7.07 9.98 0.71
N ILE A 72 6.23 9.70 -0.28
CA ILE A 72 6.22 8.40 -0.93
C ILE A 72 6.61 8.50 -2.40
N ASP A 73 7.83 8.09 -2.71
CA ASP A 73 8.33 8.14 -4.09
C ASP A 73 8.12 6.80 -4.79
N PHE A 74 7.28 6.81 -5.81
CA PHE A 74 6.98 5.59 -6.57
C PHE A 74 8.20 5.16 -7.39
N ALA A 75 8.75 6.08 -8.16
CA ALA A 75 9.91 5.79 -8.98
C ALA A 75 10.98 5.04 -8.19
N GLU A 76 11.16 5.45 -6.94
CA GLU A 76 12.15 4.82 -6.07
C GLU A 76 11.59 3.54 -5.44
N MET A 77 10.27 3.43 -5.44
CA MET A 77 9.61 2.25 -4.87
C MET A 77 9.92 2.13 -3.38
N LYS A 78 9.80 3.23 -2.66
CA LYS A 78 10.05 3.25 -1.22
C LYS A 78 9.44 4.48 -0.57
N GLN A 79 9.12 4.36 0.72
CA GLN A 79 8.53 5.46 1.45
C GLN A 79 9.59 6.26 2.21
N MET A 80 9.74 7.53 1.86
CA MET A 80 10.73 8.39 2.50
C MET A 80 10.10 9.16 3.65
N ASN A 81 10.48 8.81 4.88
CA ASN A 81 9.96 9.48 6.06
C ASN A 81 10.66 10.81 6.29
N LEU A 82 9.92 11.78 6.80
CA LEU A 82 10.47 13.11 7.07
C LEU A 82 10.49 13.39 8.57
N THR A 83 9.45 12.93 9.27
CA THR A 83 9.35 13.14 10.70
C THR A 83 10.50 12.46 11.44
N THR A 84 10.77 11.21 11.08
CA THR A 84 11.85 10.46 11.70
C THR A 84 13.02 10.28 10.74
N GLY A 85 12.74 10.31 9.45
CA GLY A 85 13.79 10.16 8.46
C GLY A 85 14.08 8.70 8.15
N LYS A 86 13.08 7.86 8.30
CA LYS A 86 13.23 6.43 8.05
C LYS A 86 12.89 6.09 6.59
N GLN A 87 13.08 4.84 6.22
CA GLN A 87 12.79 4.40 4.86
C GLN A 87 12.24 2.97 4.86
N ARG A 88 11.34 2.69 3.92
CA ARG A 88 10.74 1.36 3.82
C ARG A 88 10.22 1.12 2.41
N LEU A 89 10.71 0.06 1.76
CA LEU A 89 10.29 -0.28 0.41
C LEU A 89 8.77 -0.40 0.34
N ILE A 90 8.23 -0.20 -0.87
CA ILE A 90 6.79 -0.30 -1.08
C ILE A 90 6.47 -1.21 -2.25
N LYS A 91 5.24 -1.74 -2.27
CA LYS A 91 4.80 -2.63 -3.34
C LYS A 91 3.30 -2.50 -3.57
N ARG A 92 2.90 -2.49 -4.83
CA ARG A 92 1.49 -2.38 -5.19
C ARG A 92 0.90 -3.75 -5.52
N ALA A 93 0.00 -4.22 -4.66
CA ALA A 93 -0.63 -5.52 -4.85
C ALA A 93 -2.12 -5.45 -4.52
N PRO A 94 -2.89 -6.43 -5.03
CA PRO A 94 -4.34 -6.50 -4.80
C PRO A 94 -4.67 -6.85 -3.35
N PHE A 95 -5.96 -6.74 -3.01
CA PHE A 95 -6.40 -7.05 -1.65
C PHE A 95 -6.52 -8.55 -1.45
N SER A 96 -5.50 -9.13 -0.82
CA SER A 96 -5.48 -10.57 -0.56
C SER A 96 -6.30 -10.91 0.69
N SER A 97 -7.49 -11.47 0.47
CA SER A 97 -8.36 -11.84 1.57
C SER A 97 -9.04 -13.19 1.30
N GLY A 98 -9.66 -13.74 2.33
CA GLY A 98 -10.33 -15.02 2.19
C GLY A 98 -11.70 -14.88 1.55
N PRO A 99 -12.56 -15.90 1.76
CA PRO A 99 -13.92 -15.92 1.21
C PRO A 99 -14.82 -14.89 1.88
N SER A 100 -15.01 -13.75 1.22
CA SER A 100 -15.86 -12.69 1.75
C SER A 100 -17.23 -12.70 1.09
N SER A 101 -18.27 -12.88 1.90
CA SER A 101 -19.63 -12.92 1.40
C SER A 101 -20.10 -11.52 1.00
N GLY A 102 -19.88 -11.17 -0.27
CA GLY A 102 -20.29 -9.87 -0.76
C GLY A 102 -21.27 -9.96 -1.91
#